data_7ORX
#
_entry.id   7ORX
#
_cell.length_a   123.500
_cell.length_b   132.240
_cell.length_c   138.700
_cell.angle_alpha   90.000
_cell.angle_beta   90.000
_cell.angle_gamma   90.000
#
_symmetry.space_group_name_H-M   'P 21 21 21'
#
loop_
_entity.id
_entity.type
_entity.pdbx_description
1 polymer 'Probable benzoylformate decarboxylase'
2 non-polymer 'THIAMINE DIPHOSPHATE'
3 non-polymer 'SODIUM ION'
4 water water
#
_entity_poly.entity_id   1
_entity_poly.type   'polypeptide(L)'
_entity_poly.pdbx_seq_one_letter_code
;FQGMATVSEVTYELLRARGLTTVFGNPG(SEP)NELPFLSGMPDDFRYVLGLHEGAVLSMADGYSLVTGEATLVNLHAAS
GSGNAMGALTNSVYSHSPLVVTAGQQVRSTIGQEVMLSNVDAGTLMKPLVKWSSEPTCAEDVPRTINQAIHTALLPAKGP
VYVSVPYDDWAAEAPPESAGLLAREVHSAASLSGDQINDLIETLESATNPVLVLGPAVDADRANADAVLLAEKLRAPVWI
APSPSRCPFPTRHPSFRGVLPAGVADLSKTLEGHDLILVVGAPVFRYHQYVPGNYLPGGARLIHVTDDGGEAARAPIGEA
YVAPVGSTLEILANMVKPSDRSPLPPLGDFEEAVSVGAGLDPAQLFALVRAGAPDDAIYVNESTSTSDAFWSQMDLSHQG
SYYFPASGGLGFGLPAAVGAQLASPDRQVIGLIGDGSANYGITALWSAAQYKIPVVIIILNNGTYGALRGFSKILNTGET
PGLDVPGIDFVHLAEGYGVRGTAVATAEDFTTAFKSALAADAPTLIEVRTNFDES
;
_entity_poly.pdbx_strand_id   AAA,BBB,CCC,DDD
#
loop_
_chem_comp.id
_chem_comp.type
_chem_comp.name
_chem_comp.formula
NA non-polymer 'SODIUM ION' 'Na 1'
TPP non-polymer 'THIAMINE DIPHOSPHATE' 'C12 H19 N4 O7 P2 S 1'
#
# COMPACT_ATOMS: atom_id res chain seq x y z
N ALA A 5 7.82 -35.96 -1.86
CA ALA A 5 8.16 -34.85 -2.82
C ALA A 5 8.11 -33.48 -2.12
N THR A 6 9.18 -32.66 -2.27
CA THR A 6 9.30 -31.36 -1.55
C THR A 6 8.80 -30.20 -2.44
N VAL A 7 8.59 -29.03 -1.83
CA VAL A 7 8.10 -27.82 -2.52
C VAL A 7 9.11 -27.46 -3.62
N SER A 8 10.39 -27.58 -3.32
CA SER A 8 11.53 -27.41 -4.28
C SER A 8 11.39 -28.39 -5.47
N GLU A 9 11.14 -29.67 -5.24
CA GLU A 9 11.08 -30.67 -6.35
C GLU A 9 9.91 -30.34 -7.27
N VAL A 10 8.78 -29.94 -6.71
CA VAL A 10 7.56 -29.68 -7.53
C VAL A 10 7.75 -28.37 -8.28
N THR A 11 8.34 -27.36 -7.63
CA THR A 11 8.57 -26.01 -8.20
C THR A 11 9.41 -26.15 -9.46
N TYR A 12 10.54 -26.87 -9.36
CA TYR A 12 11.48 -27.15 -10.48
C TYR A 12 10.78 -27.97 -11.56
N GLU A 13 9.95 -28.94 -11.22
CA GLU A 13 9.23 -29.75 -12.24
C GLU A 13 8.29 -28.83 -13.03
N LEU A 14 7.79 -27.80 -12.35
CA LEU A 14 6.82 -26.83 -12.91
C LEU A 14 7.57 -25.84 -13.82
N LEU A 15 8.67 -25.26 -13.34
CA LEU A 15 9.43 -24.28 -14.14
C LEU A 15 9.89 -24.96 -15.43
N ARG A 16 10.28 -26.24 -15.37
CA ARG A 16 10.73 -27.01 -16.56
C ARG A 16 9.55 -27.15 -17.52
N ALA A 17 8.38 -27.50 -16.96
CA ALA A 17 7.13 -27.72 -17.69
C ALA A 17 6.80 -26.48 -18.52
N ARG A 18 7.09 -25.30 -17.96
CA ARG A 18 6.74 -23.96 -18.52
C ARG A 18 7.90 -23.33 -19.31
N GLY A 19 9.01 -24.03 -19.58
CA GLY A 19 10.13 -23.51 -20.37
C GLY A 19 11.00 -22.47 -19.65
N LEU A 20 10.82 -22.25 -18.33
CA LEU A 20 11.66 -21.32 -17.53
C LEU A 20 12.94 -22.03 -17.03
N THR A 21 13.76 -22.54 -17.96
CA THR A 21 14.98 -23.33 -17.66
C THR A 21 16.23 -22.44 -17.66
N THR A 22 16.10 -21.14 -17.87
CA THR A 22 17.20 -20.16 -17.77
C THR A 22 16.87 -19.21 -16.63
N VAL A 23 17.74 -19.13 -15.64
CA VAL A 23 17.47 -18.37 -14.39
C VAL A 23 18.55 -17.28 -14.24
N PHE A 24 18.16 -16.03 -14.10
CA PHE A 24 19.09 -14.90 -13.93
C PHE A 24 19.11 -14.59 -12.44
N GLY A 25 20.26 -14.37 -11.81
CA GLY A 25 20.29 -14.27 -10.34
C GLY A 25 21.43 -13.45 -9.81
N ASN A 26 21.25 -12.85 -8.64
CA ASN A 26 22.34 -12.45 -7.73
C ASN A 26 21.99 -13.05 -6.39
N PRO A 27 22.84 -13.99 -5.88
CA PRO A 27 22.50 -14.83 -4.73
C PRO A 27 22.75 -14.21 -3.35
N GLY A 28 22.17 -14.82 -2.30
CA GLY A 28 22.27 -14.41 -0.88
C GLY A 28 21.88 -15.53 0.10
N SEP A 29 22.15 -15.29 1.39
CA SEP A 29 21.79 -16.12 2.53
CB SEP A 29 21.81 -15.32 3.90
OG SEP A 29 21.74 -13.79 3.78
C SEP A 29 20.48 -16.88 2.24
O SEP A 29 20.47 -18.11 2.15
P SEP A 29 23.08 -12.70 3.54
O1P SEP A 29 23.94 -12.62 4.80
O2P SEP A 29 22.56 -11.34 3.17
O3P SEP A 29 23.87 -13.25 2.35
N ASN A 30 19.42 -16.13 1.92
CA ASN A 30 18.05 -16.65 1.85
C ASN A 30 17.70 -17.36 0.52
N GLU A 31 18.60 -17.46 -0.48
CA GLU A 31 18.30 -18.10 -1.80
C GLU A 31 19.12 -19.37 -2.04
N LEU A 32 20.13 -19.66 -1.22
CA LEU A 32 20.96 -20.86 -1.43
C LEU A 32 20.04 -22.10 -1.38
N PRO A 33 19.10 -22.26 -0.41
CA PRO A 33 18.22 -23.43 -0.37
C PRO A 33 17.33 -23.64 -1.61
N PHE A 34 16.97 -22.57 -2.33
CA PHE A 34 16.25 -22.69 -3.61
C PHE A 34 17.24 -23.22 -4.67
N LEU A 35 18.40 -22.58 -4.76
CA LEU A 35 19.37 -22.84 -5.85
C LEU A 35 19.96 -24.24 -5.73
N SER A 36 20.05 -24.77 -4.50
CA SER A 36 20.71 -26.08 -4.23
C SER A 36 19.97 -27.21 -4.94
N GLY A 37 18.65 -27.13 -5.08
CA GLY A 37 17.80 -28.16 -5.70
C GLY A 37 17.67 -27.98 -7.20
N MET A 38 18.37 -27.00 -7.78
CA MET A 38 18.31 -26.69 -9.22
C MET A 38 18.82 -27.90 -10.02
N PRO A 39 18.08 -28.40 -11.03
CA PRO A 39 18.56 -29.50 -11.89
C PRO A 39 19.69 -29.15 -12.87
N ASP A 40 20.17 -30.16 -13.60
CA ASP A 40 21.31 -30.05 -14.53
C ASP A 40 20.89 -29.46 -15.88
N ASP A 41 19.65 -29.65 -16.33
CA ASP A 41 19.18 -29.13 -17.65
C ASP A 41 18.90 -27.61 -17.55
N PHE A 42 18.99 -26.99 -16.36
CA PHE A 42 18.75 -25.54 -16.11
C PHE A 42 20.09 -24.80 -16.13
N ARG A 43 20.10 -23.55 -16.61
CA ARG A 43 21.32 -22.70 -16.56
C ARG A 43 21.07 -21.48 -15.69
N TYR A 44 22.00 -21.19 -14.77
CA TYR A 44 21.96 -20.01 -13.89
C TYR A 44 22.87 -18.96 -14.52
N VAL A 45 22.40 -17.72 -14.63
CA VAL A 45 23.24 -16.62 -15.16
C VAL A 45 23.45 -15.60 -14.05
N LEU A 46 24.62 -15.57 -13.45
CA LEU A 46 24.91 -14.63 -12.35
C LEU A 46 25.15 -13.22 -12.92
N GLY A 47 24.57 -12.19 -12.28
CA GLY A 47 24.91 -10.77 -12.47
C GLY A 47 25.37 -10.15 -11.16
N LEU A 48 26.28 -9.17 -11.17
CA LEU A 48 26.93 -8.69 -9.92
C LEU A 48 26.05 -7.67 -9.20
N HIS A 49 24.88 -7.37 -9.77
CA HIS A 49 24.04 -6.22 -9.36
C HIS A 49 22.62 -6.54 -9.82
N GLU A 50 21.61 -6.31 -9.00
CA GLU A 50 20.24 -6.83 -9.25
C GLU A 50 19.59 -6.11 -10.41
N GLY A 51 19.90 -4.81 -10.56
CA GLY A 51 19.42 -4.01 -11.70
C GLY A 51 19.88 -4.60 -13.02
N ALA A 52 21.16 -4.97 -13.07
CA ALA A 52 21.76 -5.65 -14.23
C ALA A 52 21.08 -7.02 -14.44
N VAL A 53 20.97 -7.81 -13.39
CA VAL A 53 20.35 -9.16 -13.46
C VAL A 53 18.99 -9.03 -14.15
N LEU A 54 18.24 -8.06 -13.67
CA LEU A 54 16.84 -8.02 -14.05
C LEU A 54 16.73 -7.47 -15.45
N SER A 55 17.54 -6.46 -15.78
CA SER A 55 17.59 -5.90 -17.16
C SER A 55 18.10 -6.97 -18.15
N MET A 56 19.08 -7.81 -17.76
CA MET A 56 19.54 -8.95 -18.60
C MET A 56 18.34 -9.88 -18.85
N ALA A 57 17.59 -10.18 -17.80
CA ALA A 57 16.44 -11.08 -17.88
C ALA A 57 15.43 -10.46 -18.86
N ASP A 58 15.27 -9.14 -18.76
CA ASP A 58 14.32 -8.38 -19.60
C ASP A 58 14.74 -8.55 -21.06
N GLY A 59 15.99 -8.29 -21.39
CA GLY A 59 16.48 -8.43 -22.77
C GLY A 59 16.25 -9.85 -23.26
N TYR A 60 16.52 -10.84 -22.44
CA TYR A 60 16.36 -12.27 -22.82
C TYR A 60 14.90 -12.49 -23.18
N SER A 61 14.01 -11.93 -22.36
CA SER A 61 12.55 -12.08 -22.49
C SER A 61 12.07 -11.39 -23.77
N LEU A 62 12.56 -10.19 -24.06
CA LEU A 62 12.12 -9.40 -25.24
C LEU A 62 12.43 -10.14 -26.52
N VAL A 63 13.55 -10.80 -26.61
CA VAL A 63 13.96 -11.47 -27.87
C VAL A 63 13.12 -12.73 -28.03
N THR A 64 12.89 -13.49 -26.96
CA THR A 64 12.20 -14.81 -27.01
C THR A 64 10.68 -14.63 -27.04
N GLY A 65 10.14 -13.65 -26.31
CA GLY A 65 8.69 -13.54 -26.08
C GLY A 65 8.25 -14.35 -24.89
N GLU A 66 9.10 -15.20 -24.34
CA GLU A 66 8.72 -16.16 -23.27
C GLU A 66 8.85 -15.54 -21.88
N ALA A 67 8.10 -16.05 -20.90
CA ALA A 67 8.27 -15.69 -19.47
C ALA A 67 9.69 -16.06 -19.06
N THR A 68 10.28 -15.35 -18.10
CA THR A 68 11.70 -15.55 -17.74
C THR A 68 11.90 -15.39 -16.24
N LEU A 69 12.69 -16.28 -15.64
CA LEU A 69 12.75 -16.40 -14.17
C LEU A 69 13.94 -15.60 -13.66
N VAL A 70 13.73 -14.82 -12.62
CA VAL A 70 14.81 -14.03 -11.95
C VAL A 70 14.84 -14.46 -10.49
N ASN A 71 15.99 -14.52 -9.82
CA ASN A 71 16.04 -14.89 -8.38
C ASN A 71 16.90 -13.86 -7.63
N LEU A 72 16.31 -13.08 -6.72
CA LEU A 72 16.99 -11.94 -6.07
C LEU A 72 17.04 -12.14 -4.56
N HIS A 73 17.80 -11.28 -3.88
CA HIS A 73 18.12 -11.45 -2.44
C HIS A 73 17.31 -10.48 -1.56
N ALA A 74 16.29 -10.98 -0.86
CA ALA A 74 15.63 -10.28 0.28
C ALA A 74 15.15 -8.89 -0.15
N ALA A 75 15.14 -7.91 0.77
CA ALA A 75 14.66 -6.52 0.52
C ALA A 75 15.73 -5.67 -0.18
N SER A 76 17.00 -5.81 0.21
CA SER A 76 18.16 -5.03 -0.33
C SER A 76 18.37 -5.36 -1.82
N GLY A 77 18.33 -6.65 -2.17
CA GLY A 77 18.40 -7.16 -3.56
C GLY A 77 17.19 -6.78 -4.40
N SER A 78 15.97 -6.95 -3.87
CA SER A 78 14.69 -6.61 -4.57
C SER A 78 14.61 -5.10 -4.82
N GLY A 79 14.92 -4.29 -3.81
CA GLY A 79 14.97 -2.81 -3.88
C GLY A 79 15.91 -2.33 -4.98
N ASN A 80 17.11 -2.90 -5.09
CA ASN A 80 18.11 -2.53 -6.14
C ASN A 80 17.54 -2.71 -7.56
N ALA A 81 16.46 -3.50 -7.72
CA ALA A 81 15.86 -3.88 -9.03
C ALA A 81 14.60 -3.07 -9.37
N MET A 82 14.09 -2.24 -8.46
CA MET A 82 12.82 -1.51 -8.66
C MET A 82 12.91 -0.62 -9.92
N GLY A 83 14.01 0.11 -10.10
CA GLY A 83 14.23 0.94 -11.29
C GLY A 83 14.08 0.13 -12.57
N ALA A 84 14.80 -0.99 -12.67
CA ALA A 84 14.80 -1.83 -13.88
C ALA A 84 13.38 -2.35 -14.12
N LEU A 85 12.66 -2.69 -13.06
CA LEU A 85 11.32 -3.32 -13.12
C LEU A 85 10.32 -2.37 -13.80
N THR A 86 10.48 -1.05 -13.66
CA THR A 86 9.65 -0.05 -14.35
C THR A 86 9.70 -0.29 -15.87
N ASN A 87 10.88 -0.60 -16.43
CA ASN A 87 11.00 -0.78 -17.90
C ASN A 87 10.19 -2.01 -18.27
N SER A 88 10.19 -3.04 -17.43
CA SER A 88 9.48 -4.32 -17.68
C SER A 88 7.97 -4.06 -17.78
N VAL A 89 7.45 -3.15 -16.96
CA VAL A 89 6.01 -2.82 -16.96
C VAL A 89 5.65 -2.26 -18.33
N TYR A 90 6.35 -1.24 -18.81
CA TYR A 90 5.96 -0.51 -20.05
C TYR A 90 6.37 -1.31 -21.29
N SER A 91 7.30 -2.27 -21.17
CA SER A 91 7.72 -3.15 -22.29
C SER A 91 6.89 -4.43 -22.31
N HIS A 92 5.93 -4.56 -21.38
CA HIS A 92 4.98 -5.71 -21.28
C HIS A 92 5.82 -6.98 -21.30
N SER A 93 6.77 -7.03 -20.38
CA SER A 93 7.77 -8.11 -20.25
C SER A 93 7.35 -9.05 -19.13
N PRO A 94 7.08 -10.33 -19.45
CA PRO A 94 6.67 -11.31 -18.47
C PRO A 94 7.80 -11.85 -17.58
N LEU A 95 8.48 -10.99 -16.84
CA LEU A 95 9.46 -11.43 -15.81
C LEU A 95 8.74 -12.04 -14.62
N VAL A 96 9.20 -13.19 -14.16
CA VAL A 96 8.75 -13.82 -12.90
C VAL A 96 9.85 -13.65 -11.88
N VAL A 97 9.73 -12.72 -10.96
CA VAL A 97 10.86 -12.41 -10.06
C VAL A 97 10.59 -13.07 -8.72
N THR A 98 11.34 -14.08 -8.33
CA THR A 98 11.31 -14.68 -6.97
C THR A 98 12.39 -14.06 -6.10
N ALA A 99 12.09 -13.83 -4.84
CA ALA A 99 13.04 -13.28 -3.85
C ALA A 99 13.13 -14.24 -2.67
N GLY A 100 14.34 -14.50 -2.19
CA GLY A 100 14.50 -15.20 -0.91
C GLY A 100 13.98 -14.39 0.26
N GLN A 101 13.35 -15.03 1.23
CA GLN A 101 12.95 -14.38 2.50
C GLN A 101 13.54 -15.18 3.67
N GLN A 102 13.64 -14.53 4.81
CA GLN A 102 14.21 -15.07 6.06
C GLN A 102 13.31 -16.22 6.54
N VAL A 103 13.81 -17.06 7.44
CA VAL A 103 13.03 -18.22 7.97
C VAL A 103 11.68 -17.69 8.47
N ARG A 104 10.61 -18.41 8.17
CA ARG A 104 9.21 -17.93 8.30
C ARG A 104 8.92 -17.54 9.75
N SER A 105 9.36 -18.30 10.75
CA SER A 105 9.13 -17.99 12.19
C SER A 105 9.81 -16.67 12.65
N THR A 106 10.84 -16.17 11.95
CA THR A 106 11.69 -15.04 12.43
C THR A 106 11.39 -13.69 11.73
N ILE A 107 10.55 -13.66 10.68
CA ILE A 107 10.27 -12.43 9.90
C ILE A 107 9.65 -11.36 10.83
N GLY A 108 8.74 -11.74 11.72
CA GLY A 108 8.01 -10.78 12.57
C GLY A 108 8.93 -9.96 13.47
N GLN A 109 9.92 -10.59 14.09
CA GLN A 109 10.95 -9.96 14.97
C GLN A 109 11.92 -9.06 14.17
N GLU A 110 11.78 -9.02 12.84
CA GLU A 110 12.64 -8.26 11.87
C GLU A 110 14.10 -8.58 12.16
N VAL A 111 14.48 -9.86 12.06
CA VAL A 111 15.91 -10.27 12.12
C VAL A 111 16.57 -9.77 10.82
N MET A 112 17.90 -9.79 10.80
CA MET A 112 18.75 -9.36 9.66
C MET A 112 18.25 -10.04 8.37
N LEU A 113 18.00 -9.25 7.30
CA LEU A 113 17.61 -9.69 5.93
C LEU A 113 16.17 -10.24 5.89
N SER A 114 15.33 -9.81 6.85
CA SER A 114 13.84 -9.77 6.77
C SER A 114 13.41 -8.71 5.75
N ASN A 115 12.55 -9.12 4.82
CA ASN A 115 11.71 -8.25 3.94
C ASN A 115 10.39 -8.03 4.71
N VAL A 116 10.19 -6.84 5.28
CA VAL A 116 9.00 -6.46 6.09
C VAL A 116 7.90 -5.99 5.11
N ASP A 117 6.79 -6.74 4.97
CA ASP A 117 5.70 -6.52 3.98
C ASP A 117 6.27 -6.69 2.57
N ALA A 118 6.62 -7.91 2.17
CA ALA A 118 7.30 -8.18 0.89
C ALA A 118 6.35 -7.89 -0.29
N GLY A 119 5.04 -8.20 -0.11
CA GLY A 119 3.93 -7.87 -1.02
C GLY A 119 3.79 -6.37 -1.30
N THR A 120 4.07 -5.51 -0.32
CA THR A 120 4.02 -4.02 -0.46
C THR A 120 5.26 -3.50 -1.21
N LEU A 121 6.45 -4.04 -0.91
CA LEU A 121 7.76 -3.50 -1.40
C LEU A 121 7.66 -3.17 -2.91
N MET A 122 7.20 -4.12 -3.73
CA MET A 122 7.31 -4.06 -5.21
C MET A 122 6.06 -3.44 -5.86
N LYS A 123 4.96 -3.25 -5.11
CA LYS A 123 3.83 -2.37 -5.55
C LYS A 123 4.30 -0.92 -5.56
N PRO A 124 3.88 -0.09 -6.55
CA PRO A 124 2.81 -0.44 -7.49
C PRO A 124 3.26 -0.95 -8.88
N LEU A 125 4.48 -1.46 -9.01
CA LEU A 125 5.09 -1.71 -10.34
C LEU A 125 4.51 -2.96 -10.99
N VAL A 126 5.08 -4.09 -10.59
CA VAL A 126 4.60 -5.49 -10.87
C VAL A 126 3.07 -5.51 -10.96
N LYS A 127 2.54 -6.27 -11.93
CA LYS A 127 1.08 -6.56 -12.07
C LYS A 127 0.53 -7.26 -10.83
N TRP A 128 1.35 -8.06 -10.19
CA TRP A 128 0.92 -9.03 -9.16
C TRP A 128 2.09 -9.41 -8.26
N SER A 129 1.87 -9.52 -6.96
CA SER A 129 2.92 -9.89 -5.99
C SER A 129 2.29 -10.68 -4.85
N SER A 130 2.98 -11.69 -4.32
CA SER A 130 2.50 -12.54 -3.19
C SER A 130 3.68 -12.87 -2.29
N GLU A 131 3.48 -12.85 -0.97
CA GLU A 131 4.25 -13.73 -0.04
C GLU A 131 3.29 -14.86 0.33
N PRO A 132 3.39 -16.09 -0.24
CA PRO A 132 2.50 -17.17 0.14
C PRO A 132 2.37 -17.31 1.66
N THR A 133 1.17 -17.66 2.12
CA THR A 133 0.84 -17.72 3.56
C THR A 133 1.44 -18.97 4.20
N CYS A 134 1.92 -19.94 3.43
CA CYS A 134 2.57 -21.18 3.97
C CYS A 134 3.41 -21.87 2.89
N ALA A 135 4.30 -22.77 3.27
CA ALA A 135 5.12 -23.54 2.32
C ALA A 135 4.20 -24.29 1.33
N GLU A 136 3.08 -24.87 1.78
CA GLU A 136 2.17 -25.66 0.91
C GLU A 136 1.75 -24.86 -0.33
N ASP A 137 1.53 -23.56 -0.14
CA ASP A 137 0.98 -22.71 -1.21
C ASP A 137 2.08 -22.19 -2.14
N VAL A 138 3.33 -22.60 -1.98
CA VAL A 138 4.41 -21.96 -2.78
C VAL A 138 4.27 -22.43 -4.22
N PRO A 139 4.10 -23.73 -4.54
CA PRO A 139 3.98 -24.11 -5.96
C PRO A 139 2.81 -23.44 -6.67
N ARG A 140 1.63 -23.39 -6.07
CA ARG A 140 0.45 -22.79 -6.77
C ARG A 140 0.66 -21.26 -6.95
N THR A 141 1.19 -20.60 -5.93
CA THR A 141 1.53 -19.16 -6.01
C THR A 141 2.43 -18.93 -7.23
N ILE A 142 3.43 -19.79 -7.46
CA ILE A 142 4.37 -19.64 -8.61
C ILE A 142 3.62 -19.98 -9.89
N ASN A 143 2.78 -21.01 -9.90
CA ASN A 143 1.96 -21.27 -11.11
C ASN A 143 1.14 -20.02 -11.44
N GLN A 144 0.46 -19.44 -10.45
CA GLN A 144 -0.41 -18.25 -10.66
C GLN A 144 0.44 -17.08 -11.17
N ALA A 145 1.59 -16.84 -10.53
CA ALA A 145 2.56 -15.81 -10.96
C ALA A 145 2.84 -15.97 -12.47
N ILE A 146 3.10 -17.19 -12.95
CA ILE A 146 3.52 -17.42 -14.37
C ILE A 146 2.33 -17.11 -15.27
N HIS A 147 1.16 -17.63 -14.98
CA HIS A 147 -0.01 -17.46 -15.87
C HIS A 147 -0.35 -15.98 -15.99
N THR A 148 -0.29 -15.32 -14.84
CA THR A 148 -0.54 -13.87 -14.66
C THR A 148 0.46 -13.10 -15.53
N ALA A 149 1.75 -13.38 -15.41
CA ALA A 149 2.79 -12.68 -16.22
C ALA A 149 2.47 -12.75 -17.73
N LEU A 150 1.88 -13.84 -18.24
CA LEU A 150 1.69 -14.09 -19.70
C LEU A 150 0.27 -13.70 -20.14
N LEU A 151 -0.53 -13.20 -19.24
CA LEU A 151 -1.94 -12.82 -19.54
C LEU A 151 -1.95 -11.39 -20.08
N PRO A 152 -2.46 -11.13 -21.32
CA PRO A 152 -2.76 -9.76 -21.73
C PRO A 152 -3.39 -9.02 -20.55
N ALA A 153 -2.80 -7.88 -20.11
CA ALA A 153 -1.60 -7.25 -20.65
C ALA A 153 -0.36 -7.77 -19.95
N LYS A 154 0.58 -8.36 -20.70
CA LYS A 154 1.73 -9.08 -20.09
C LYS A 154 2.51 -8.14 -19.17
N GLY A 155 3.24 -8.69 -18.19
CA GLY A 155 4.02 -7.85 -17.25
C GLY A 155 4.65 -8.64 -16.11
N PRO A 156 5.48 -7.95 -15.33
CA PRO A 156 6.25 -8.59 -14.27
C PRO A 156 5.46 -8.88 -12.98
N VAL A 157 5.82 -9.96 -12.33
CA VAL A 157 5.20 -10.52 -11.10
C VAL A 157 6.31 -10.80 -10.08
N TYR A 158 6.00 -10.79 -8.79
CA TYR A 158 7.03 -10.94 -7.72
C TYR A 158 6.51 -11.91 -6.69
N VAL A 159 7.36 -12.83 -6.22
CA VAL A 159 6.96 -13.90 -5.29
C VAL A 159 8.05 -13.97 -4.24
N SER A 160 7.77 -13.73 -2.96
CA SER A 160 8.77 -13.75 -1.86
C SER A 160 8.60 -15.07 -1.13
N VAL A 161 9.62 -15.94 -1.08
CA VAL A 161 9.49 -17.31 -0.48
C VAL A 161 10.50 -17.45 0.66
N PRO A 162 10.03 -17.66 1.91
CA PRO A 162 10.91 -17.95 3.05
C PRO A 162 11.73 -19.21 2.76
N TYR A 163 13.00 -19.19 3.11
CA TYR A 163 13.95 -20.16 2.56
C TYR A 163 13.64 -21.55 3.10
N ASP A 164 13.07 -21.62 4.30
CA ASP A 164 12.68 -22.91 4.94
C ASP A 164 11.52 -23.56 4.19
N ASP A 165 10.83 -22.86 3.27
CA ASP A 165 9.61 -23.42 2.63
C ASP A 165 10.01 -24.48 1.61
N TRP A 166 11.20 -24.35 1.02
CA TRP A 166 11.64 -25.20 -0.12
C TRP A 166 11.77 -26.65 0.34
N ALA A 167 12.15 -26.86 1.59
CA ALA A 167 12.37 -28.17 2.23
C ALA A 167 11.05 -28.80 2.69
N ALA A 168 9.97 -28.04 2.82
CA ALA A 168 8.69 -28.56 3.35
C ALA A 168 8.08 -29.57 2.37
N GLU A 169 7.24 -30.48 2.89
CA GLU A 169 6.58 -31.50 2.05
C GLU A 169 5.60 -30.77 1.14
N ALA A 170 5.53 -31.13 -0.15
CA ALA A 170 4.60 -30.52 -1.13
C ALA A 170 3.20 -31.09 -0.92
N PRO A 171 2.12 -30.32 -1.24
CA PRO A 171 0.76 -30.81 -1.09
C PRO A 171 0.40 -31.93 -2.05
N PRO A 172 -0.46 -32.86 -1.62
CA PRO A 172 -1.00 -33.93 -2.47
C PRO A 172 -1.36 -33.58 -3.93
N GLU A 173 -1.96 -32.41 -4.17
CA GLU A 173 -2.70 -32.07 -5.42
C GLU A 173 -1.82 -31.39 -6.47
N SER A 174 -0.60 -31.90 -6.68
CA SER A 174 0.50 -31.19 -7.38
C SER A 174 0.68 -31.66 -8.84
N ALA A 175 0.27 -32.90 -9.18
CA ALA A 175 0.21 -33.40 -10.57
C ALA A 175 -0.77 -32.54 -11.37
N GLY A 176 -1.81 -32.08 -10.65
CA GLY A 176 -2.87 -31.14 -11.07
C GLY A 176 -2.30 -29.84 -11.62
N LEU A 177 -1.43 -29.17 -10.86
CA LEU A 177 -0.73 -27.90 -11.21
C LEU A 177 -0.04 -28.05 -12.57
N LEU A 178 0.81 -29.07 -12.75
CA LEU A 178 1.62 -29.25 -13.98
C LEU A 178 0.75 -29.18 -15.23
N ALA A 179 -0.38 -29.89 -15.19
CA ALA A 179 -1.30 -30.10 -16.32
C ALA A 179 -1.90 -28.77 -16.79
N ARG A 180 -1.94 -27.76 -15.91
CA ARG A 180 -2.69 -26.48 -16.11
C ARG A 180 -2.14 -25.75 -17.32
N GLU A 181 -3.04 -25.26 -18.17
CA GLU A 181 -2.78 -24.24 -19.22
C GLU A 181 -3.76 -23.07 -19.02
N VAL A 182 -3.43 -21.86 -19.50
CA VAL A 182 -4.34 -20.69 -19.55
C VAL A 182 -4.21 -20.09 -20.93
N HIS A 183 -5.24 -20.09 -21.76
CA HIS A 183 -5.21 -19.47 -23.11
C HIS A 183 -6.02 -18.15 -23.09
N SER A 184 -5.59 -17.13 -23.84
CA SER A 184 -6.37 -15.91 -24.13
C SER A 184 -7.12 -16.09 -25.46
N ALA A 185 -8.41 -15.74 -25.52
CA ALA A 185 -9.11 -15.35 -26.77
C ALA A 185 -8.09 -14.62 -27.66
N ALA A 186 -7.72 -15.21 -28.80
CA ALA A 186 -6.80 -14.65 -29.82
C ALA A 186 -7.61 -14.08 -31.01
N SER A 187 -8.77 -13.43 -30.75
CA SER A 187 -9.51 -12.55 -31.70
C SER A 187 -10.67 -11.78 -31.02
N LEU A 188 -11.45 -11.09 -31.87
CA LEU A 188 -12.55 -10.12 -31.56
C LEU A 188 -13.71 -10.30 -32.55
N SER A 189 -14.92 -9.96 -32.12
CA SER A 189 -16.23 -10.20 -32.80
C SER A 189 -16.11 -9.90 -34.30
N GLY A 190 -16.83 -10.69 -35.13
CA GLY A 190 -17.07 -10.44 -36.57
C GLY A 190 -17.76 -9.10 -36.81
N ASP A 191 -18.71 -8.72 -35.93
CA ASP A 191 -19.43 -7.41 -36.01
C ASP A 191 -18.39 -6.29 -35.91
N GLN A 192 -17.56 -6.34 -34.86
CA GLN A 192 -16.55 -5.30 -34.51
C GLN A 192 -15.51 -5.14 -35.63
N ILE A 193 -15.18 -6.21 -36.38
CA ILE A 193 -14.28 -6.15 -37.57
C ILE A 193 -14.90 -5.20 -38.60
N ASN A 194 -16.14 -5.46 -39.02
CA ASN A 194 -16.76 -4.74 -40.15
C ASN A 194 -16.76 -3.23 -39.87
N ASP A 195 -16.87 -2.80 -38.60
CA ASP A 195 -16.72 -1.38 -38.18
C ASP A 195 -15.30 -0.87 -38.48
N LEU A 196 -14.27 -1.60 -38.04
CA LEU A 196 -12.86 -1.26 -38.34
C LEU A 196 -12.65 -1.15 -39.85
N ILE A 197 -13.11 -2.15 -40.64
CA ILE A 197 -12.77 -2.17 -42.09
C ILE A 197 -13.56 -1.04 -42.79
N GLU A 198 -14.82 -0.81 -42.40
CA GLU A 198 -15.61 0.32 -42.96
C GLU A 198 -14.78 1.59 -42.70
N THR A 199 -14.44 1.90 -41.45
CA THR A 199 -13.77 3.17 -41.08
C THR A 199 -12.47 3.34 -41.87
N LEU A 200 -11.75 2.24 -42.14
CA LEU A 200 -10.44 2.28 -42.84
C LEU A 200 -10.64 2.55 -44.34
N GLU A 201 -11.51 1.79 -45.01
CA GLU A 201 -11.80 1.99 -46.47
C GLU A 201 -12.55 3.32 -46.67
N SER A 202 -13.25 3.83 -45.65
CA SER A 202 -13.93 5.15 -45.59
C SER A 202 -12.93 6.29 -45.79
N ALA A 203 -11.85 6.26 -45.02
CA ALA A 203 -10.99 7.43 -44.78
C ALA A 203 -10.40 7.88 -46.12
N THR A 204 -10.39 9.19 -46.37
CA THR A 204 -9.83 9.79 -47.61
C THR A 204 -8.29 9.80 -47.54
N ASN A 205 -7.72 9.95 -46.34
CA ASN A 205 -6.26 10.15 -46.15
C ASN A 205 -5.81 9.64 -44.78
N PRO A 206 -5.76 8.30 -44.57
CA PRO A 206 -5.50 7.73 -43.25
C PRO A 206 -3.99 7.62 -42.97
N VAL A 207 -3.62 7.49 -41.70
CA VAL A 207 -2.21 7.31 -41.25
C VAL A 207 -2.20 6.21 -40.19
N LEU A 208 -1.22 5.31 -40.27
CA LEU A 208 -0.95 4.27 -39.26
C LEU A 208 0.09 4.80 -38.30
N VAL A 209 -0.16 4.70 -37.01
CA VAL A 209 0.87 4.98 -35.98
C VAL A 209 1.07 3.65 -35.27
N LEU A 210 2.30 3.13 -35.17
CA LEU A 210 2.54 1.75 -34.70
C LEU A 210 3.39 1.78 -33.43
N GLY A 211 3.10 0.88 -32.52
CA GLY A 211 3.79 0.80 -31.24
C GLY A 211 4.44 -0.55 -31.05
N PRO A 212 5.06 -0.72 -29.88
CA PRO A 212 5.95 -1.85 -29.63
C PRO A 212 5.16 -3.17 -29.69
N ALA A 213 3.88 -3.15 -29.35
CA ALA A 213 3.10 -4.41 -29.29
C ALA A 213 3.01 -5.01 -30.69
N VAL A 214 3.20 -4.24 -31.75
CA VAL A 214 3.20 -4.81 -33.11
C VAL A 214 4.44 -5.70 -33.21
N ASP A 215 5.60 -5.21 -32.78
CA ASP A 215 6.87 -6.00 -32.81
C ASP A 215 6.73 -7.20 -31.88
N ALA A 216 6.32 -7.01 -30.63
CA ALA A 216 6.06 -8.10 -29.65
C ALA A 216 5.21 -9.22 -30.26
N ASP A 217 4.19 -8.92 -31.06
CA ASP A 217 3.21 -9.94 -31.57
C ASP A 217 3.65 -10.45 -32.95
N ARG A 218 4.88 -10.11 -33.36
CA ARG A 218 5.50 -10.59 -34.63
C ARG A 218 4.56 -10.25 -35.80
N ALA A 219 4.02 -9.04 -35.82
CA ALA A 219 3.04 -8.57 -36.81
C ALA A 219 3.65 -7.52 -37.75
N ASN A 220 4.97 -7.41 -37.82
CA ASN A 220 5.69 -6.45 -38.71
C ASN A 220 5.16 -6.63 -40.16
N ALA A 221 5.09 -7.88 -40.64
CA ALA A 221 4.65 -8.27 -42.00
C ALA A 221 3.20 -7.80 -42.33
N ASP A 222 2.29 -7.95 -41.36
CA ASP A 222 0.84 -7.68 -41.53
C ASP A 222 0.62 -6.17 -41.46
N ALA A 223 1.36 -5.46 -40.63
CA ALA A 223 1.42 -3.99 -40.63
C ALA A 223 1.82 -3.52 -42.02
N VAL A 224 2.86 -4.14 -42.58
CA VAL A 224 3.38 -3.78 -43.94
C VAL A 224 2.24 -4.00 -44.92
N LEU A 225 1.61 -5.16 -44.90
CA LEU A 225 0.60 -5.47 -45.93
C LEU A 225 -0.55 -4.45 -45.86
N LEU A 226 -0.93 -4.04 -44.65
CA LEU A 226 -2.05 -3.09 -44.41
C LEU A 226 -1.66 -1.70 -44.93
N ALA A 227 -0.42 -1.25 -44.67
CA ALA A 227 0.12 0.01 -45.21
C ALA A 227 0.13 -0.05 -46.74
N GLU A 228 0.55 -1.17 -47.34
CA GLU A 228 0.52 -1.34 -48.81
C GLU A 228 -0.93 -1.22 -49.31
N LYS A 229 -1.91 -1.84 -48.66
CA LYS A 229 -3.31 -1.87 -49.15
C LYS A 229 -3.91 -0.46 -49.10
N LEU A 230 -3.62 0.32 -48.06
CA LEU A 230 -4.18 1.70 -47.90
C LEU A 230 -3.25 2.76 -48.52
N ARG A 231 -2.10 2.34 -49.09
CA ARG A 231 -1.04 3.26 -49.55
C ARG A 231 -0.85 4.35 -48.48
N ALA A 232 -0.75 3.93 -47.22
CA ALA A 232 -0.81 4.82 -46.05
C ALA A 232 0.60 5.10 -45.55
N PRO A 233 0.90 6.35 -45.18
CA PRO A 233 2.10 6.63 -44.40
C PRO A 233 2.01 5.97 -43.01
N VAL A 234 3.18 5.54 -42.51
CA VAL A 234 3.36 4.84 -41.21
C VAL A 234 4.35 5.62 -40.38
N TRP A 235 3.93 6.05 -39.19
CA TRP A 235 4.80 6.63 -38.16
C TRP A 235 4.91 5.62 -37.02
N ILE A 236 6.00 5.67 -36.28
CA ILE A 236 6.11 4.96 -34.99
C ILE A 236 5.61 5.87 -33.88
N ALA A 237 4.82 5.36 -32.96
CA ALA A 237 4.38 6.14 -31.78
C ALA A 237 5.57 6.72 -31.04
N PRO A 238 5.39 7.89 -30.39
CA PRO A 238 6.47 8.55 -29.66
C PRO A 238 7.03 7.73 -28.49
N SER A 239 8.30 8.00 -28.13
CA SER A 239 9.03 7.31 -27.05
C SER A 239 8.99 5.81 -27.37
N PRO A 240 9.42 5.37 -28.56
CA PRO A 240 9.37 3.96 -28.92
C PRO A 240 10.45 3.13 -28.19
N SER A 241 10.09 1.90 -27.84
CA SER A 241 10.96 0.92 -27.18
C SER A 241 11.26 -0.23 -28.15
N ARG A 242 10.57 -0.31 -29.28
CA ARG A 242 10.76 -1.36 -30.29
C ARG A 242 10.52 -0.76 -31.67
N CYS A 243 10.92 -1.46 -32.72
CA CYS A 243 10.70 -1.02 -34.10
C CYS A 243 9.67 -1.93 -34.74
N PRO A 244 8.45 -1.43 -34.97
CA PRO A 244 7.38 -2.26 -35.52
C PRO A 244 7.26 -2.31 -37.05
N PHE A 245 8.22 -1.73 -37.78
CA PHE A 245 8.03 -1.53 -39.23
C PHE A 245 9.37 -1.41 -39.94
N PRO A 246 9.50 -1.92 -41.18
CA PRO A 246 10.74 -1.76 -41.94
C PRO A 246 11.03 -0.26 -42.20
N THR A 247 12.21 0.25 -41.85
CA THR A 247 12.50 1.71 -41.89
C THR A 247 12.80 2.20 -43.31
N ARG A 248 12.88 1.31 -44.30
CA ARG A 248 13.17 1.72 -45.70
C ARG A 248 11.99 1.32 -46.60
N HIS A 249 10.87 0.94 -46.00
CA HIS A 249 9.62 0.73 -46.75
C HIS A 249 9.09 2.09 -47.21
N PRO A 250 8.51 2.17 -48.43
CA PRO A 250 7.88 3.41 -48.91
C PRO A 250 7.05 4.18 -47.88
N SER A 251 6.20 3.49 -47.11
CA SER A 251 5.27 4.10 -46.12
C SER A 251 6.01 4.72 -44.93
N PHE A 252 7.26 4.33 -44.64
CA PHE A 252 7.93 4.75 -43.39
C PHE A 252 8.18 6.26 -43.41
N ARG A 253 7.85 6.97 -42.33
CA ARG A 253 8.02 8.43 -42.16
C ARG A 253 8.80 8.79 -40.89
N GLY A 254 9.06 7.84 -40.00
CA GLY A 254 9.86 8.08 -38.78
C GLY A 254 9.05 7.96 -37.51
N VAL A 255 9.54 8.61 -36.46
CA VAL A 255 8.95 8.59 -35.09
C VAL A 255 8.23 9.90 -34.85
N LEU A 256 7.02 9.85 -34.33
CA LEU A 256 6.27 11.09 -33.99
C LEU A 256 7.03 11.78 -32.88
N PRO A 257 7.07 13.13 -32.86
CA PRO A 257 7.61 13.86 -31.72
C PRO A 257 6.76 13.65 -30.47
N ALA A 258 7.40 13.66 -29.29
CA ALA A 258 6.76 13.34 -27.99
C ALA A 258 6.30 14.62 -27.29
N GLY A 259 5.82 15.60 -28.07
CA GLY A 259 5.14 16.81 -27.56
C GLY A 259 3.72 16.83 -28.05
N VAL A 260 2.78 17.37 -27.28
CA VAL A 260 1.33 17.29 -27.65
C VAL A 260 1.07 18.09 -28.94
N ALA A 261 1.50 19.35 -28.96
CA ALA A 261 1.32 20.30 -30.09
C ALA A 261 2.06 19.78 -31.31
N ASP A 262 3.27 19.26 -31.09
CA ASP A 262 4.22 18.87 -32.15
C ASP A 262 3.69 17.63 -32.90
N LEU A 263 3.13 16.67 -32.15
CA LEU A 263 2.57 15.42 -32.70
C LEU A 263 1.33 15.76 -33.55
N SER A 264 0.42 16.58 -33.04
CA SER A 264 -0.84 16.91 -33.76
C SER A 264 -0.50 17.73 -35.02
N LYS A 265 0.54 18.56 -34.98
CA LYS A 265 0.97 19.39 -36.14
C LYS A 265 1.56 18.48 -37.22
N THR A 266 2.30 17.44 -36.85
CA THR A 266 2.91 16.44 -37.78
C THR A 266 1.81 15.71 -38.56
N LEU A 267 0.72 15.29 -37.88
CA LEU A 267 -0.40 14.51 -38.47
C LEU A 267 -1.48 15.42 -39.05
N GLU A 268 -1.27 16.73 -39.06
CA GLU A 268 -2.18 17.72 -39.69
C GLU A 268 -2.45 17.21 -41.12
N GLY A 269 -3.72 17.19 -41.53
CA GLY A 269 -4.12 16.78 -42.88
C GLY A 269 -4.67 15.36 -42.94
N HIS A 270 -4.50 14.57 -41.89
CA HIS A 270 -5.05 13.20 -41.87
C HIS A 270 -6.42 13.22 -41.15
N ASP A 271 -7.41 12.51 -41.70
CA ASP A 271 -8.81 12.43 -41.18
C ASP A 271 -8.98 11.25 -40.20
N LEU A 272 -8.12 10.24 -40.33
CA LEU A 272 -8.12 9.02 -39.49
C LEU A 272 -6.67 8.65 -39.10
N ILE A 273 -6.36 8.78 -37.81
CA ILE A 273 -5.18 8.21 -37.13
C ILE A 273 -5.58 6.83 -36.61
N LEU A 274 -5.09 5.73 -37.19
CA LEU A 274 -5.18 4.39 -36.55
C LEU A 274 -3.90 4.12 -35.76
N VAL A 275 -3.97 4.13 -34.44
CA VAL A 275 -2.82 3.81 -33.53
C VAL A 275 -2.95 2.34 -33.14
N VAL A 276 -1.95 1.52 -33.43
CA VAL A 276 -1.93 0.06 -33.13
C VAL A 276 -0.79 -0.23 -32.16
N GLY A 277 -1.11 -0.78 -31.01
CA GLY A 277 -0.14 -1.36 -30.08
C GLY A 277 0.73 -0.32 -29.42
N ALA A 278 0.18 0.89 -29.17
CA ALA A 278 0.87 1.91 -28.38
C ALA A 278 -0.14 2.62 -27.48
N PRO A 279 0.34 3.24 -26.39
CA PRO A 279 -0.50 4.17 -25.63
C PRO A 279 -0.81 5.33 -26.56
N VAL A 280 -1.80 6.13 -26.17
CA VAL A 280 -2.19 7.43 -26.80
C VAL A 280 -2.11 8.50 -25.70
N PHE A 281 -1.02 9.28 -25.67
CA PHE A 281 0.26 8.95 -26.26
C PHE A 281 1.34 9.09 -25.17
N ARG A 282 2.51 8.54 -25.45
CA ARG A 282 3.67 8.50 -24.52
C ARG A 282 4.52 9.77 -24.73
N TYR A 283 3.89 10.92 -24.46
CA TYR A 283 4.47 12.30 -24.53
C TYR A 283 5.56 12.37 -23.48
N HIS A 284 6.44 13.37 -23.54
CA HIS A 284 7.63 13.47 -22.66
C HIS A 284 7.84 14.94 -22.26
N GLN A 285 8.51 15.72 -23.13
CA GLN A 285 8.51 17.20 -23.10
C GLN A 285 7.05 17.67 -23.01
N TYR A 286 6.77 18.62 -22.13
CA TYR A 286 5.47 19.31 -21.95
C TYR A 286 5.43 20.45 -22.97
N VAL A 287 4.78 20.21 -24.11
CA VAL A 287 4.55 21.26 -25.14
C VAL A 287 3.03 21.26 -25.41
N PRO A 288 2.25 22.09 -24.67
CA PRO A 288 0.79 21.93 -24.61
C PRO A 288 0.02 22.37 -25.87
N GLY A 289 -1.22 21.87 -26.00
CA GLY A 289 -2.22 22.28 -27.02
C GLY A 289 -3.12 21.09 -27.37
N ASN A 290 -3.46 20.93 -28.65
CA ASN A 290 -4.53 20.02 -29.15
C ASN A 290 -3.94 18.60 -29.34
N TYR A 291 -4.63 17.58 -28.80
CA TYR A 291 -4.20 16.16 -28.86
C TYR A 291 -4.19 15.68 -30.30
N LEU A 292 -5.26 16.05 -31.00
CA LEU A 292 -5.46 15.73 -32.43
C LEU A 292 -5.44 17.02 -33.24
N PRO A 293 -5.06 16.88 -34.53
CA PRO A 293 -5.31 17.96 -35.50
C PRO A 293 -6.81 18.11 -35.76
N GLY A 294 -7.27 19.30 -36.17
CA GLY A 294 -8.68 19.53 -36.53
C GLY A 294 -9.19 18.49 -37.53
N GLY A 295 -10.45 18.05 -37.39
CA GLY A 295 -11.15 17.20 -38.38
C GLY A 295 -10.62 15.77 -38.42
N ALA A 296 -10.01 15.31 -37.31
CA ALA A 296 -9.34 13.99 -37.18
C ALA A 296 -10.05 13.17 -36.10
N ARG A 297 -10.24 11.88 -36.36
CA ARG A 297 -10.74 10.88 -35.38
C ARG A 297 -9.67 9.81 -35.24
N LEU A 298 -9.44 9.35 -34.02
CA LEU A 298 -8.35 8.42 -33.65
C LEU A 298 -8.99 7.10 -33.26
N ILE A 299 -8.64 6.01 -33.96
CA ILE A 299 -8.95 4.61 -33.60
C ILE A 299 -7.72 4.03 -32.93
N HIS A 300 -7.92 3.24 -31.89
CA HIS A 300 -6.83 2.85 -30.96
C HIS A 300 -6.99 1.37 -30.68
N VAL A 301 -6.01 0.55 -31.04
CA VAL A 301 -6.09 -0.93 -30.85
C VAL A 301 -4.98 -1.36 -29.89
N THR A 302 -5.31 -2.04 -28.79
CA THR A 302 -4.30 -2.34 -27.73
C THR A 302 -4.70 -3.61 -26.97
N ASP A 303 -3.72 -4.43 -26.63
CA ASP A 303 -3.87 -5.55 -25.66
C ASP A 303 -4.14 -4.98 -24.27
N ASP A 304 -3.72 -3.74 -23.98
CA ASP A 304 -3.71 -3.17 -22.60
C ASP A 304 -4.97 -2.36 -22.33
N GLY A 305 -5.87 -2.88 -21.50
CA GLY A 305 -7.09 -2.14 -21.09
C GLY A 305 -6.73 -0.87 -20.34
N GLY A 306 -5.63 -0.87 -19.57
CA GLY A 306 -5.12 0.34 -18.89
C GLY A 306 -4.84 1.47 -19.89
N GLU A 307 -4.10 1.15 -20.97
CA GLU A 307 -3.83 2.09 -22.09
C GLU A 307 -5.17 2.62 -22.65
N ALA A 308 -6.15 1.76 -22.92
CA ALA A 308 -7.40 2.21 -23.58
C ALA A 308 -8.21 3.12 -22.63
N ALA A 309 -8.30 2.78 -21.35
CA ALA A 309 -9.07 3.55 -20.34
C ALA A 309 -8.48 4.94 -20.12
N ARG A 310 -7.16 5.06 -19.97
CA ARG A 310 -6.55 6.33 -19.49
C ARG A 310 -6.32 7.31 -20.65
N ALA A 311 -6.38 6.88 -21.91
CA ALA A 311 -6.18 7.79 -23.08
C ALA A 311 -7.14 8.96 -22.92
N PRO A 312 -6.67 10.20 -23.21
CA PRO A 312 -7.53 11.39 -23.14
C PRO A 312 -8.37 11.63 -24.40
N ILE A 313 -8.05 11.00 -25.54
CA ILE A 313 -8.99 10.99 -26.70
C ILE A 313 -8.97 9.61 -27.34
N GLY A 314 -9.93 9.37 -28.23
CA GLY A 314 -9.96 8.24 -29.17
C GLY A 314 -11.02 7.20 -28.87
N GLU A 315 -11.38 6.44 -29.90
CA GLU A 315 -12.23 5.22 -29.84
C GLU A 315 -11.32 4.00 -29.77
N ALA A 316 -11.20 3.36 -28.61
CA ALA A 316 -10.27 2.22 -28.36
C ALA A 316 -11.00 0.88 -28.53
N TYR A 317 -10.28 -0.13 -29.03
CA TYR A 317 -10.64 -1.56 -29.13
C TYR A 317 -9.58 -2.37 -28.37
N VAL A 318 -9.96 -3.05 -27.29
CA VAL A 318 -9.03 -3.82 -26.47
C VAL A 318 -9.08 -5.23 -27.05
N ALA A 319 -8.00 -5.64 -27.73
CA ALA A 319 -7.95 -6.88 -28.52
C ALA A 319 -6.49 -7.23 -28.81
N PRO A 320 -6.20 -8.50 -29.17
CA PRO A 320 -4.84 -8.90 -29.54
C PRO A 320 -4.38 -8.22 -30.83
N VAL A 321 -3.20 -7.61 -30.77
CA VAL A 321 -2.66 -6.73 -31.83
C VAL A 321 -2.32 -7.60 -33.04
N GLY A 322 -1.63 -8.72 -32.81
CA GLY A 322 -1.26 -9.71 -33.83
C GLY A 322 -2.46 -10.06 -34.68
N SER A 323 -3.45 -10.74 -34.09
CA SER A 323 -4.70 -11.17 -34.77
C SER A 323 -5.35 -10.00 -35.53
N THR A 324 -5.60 -8.89 -34.83
CA THR A 324 -6.35 -7.73 -35.36
C THR A 324 -5.71 -7.32 -36.68
N LEU A 325 -4.42 -7.04 -36.64
CA LEU A 325 -3.60 -6.58 -37.78
C LEU A 325 -3.62 -7.61 -38.91
N GLU A 326 -3.51 -8.89 -38.58
CA GLU A 326 -3.57 -10.01 -39.55
C GLU A 326 -4.95 -9.96 -40.25
N ILE A 327 -6.03 -9.90 -39.47
CA ILE A 327 -7.41 -9.85 -40.02
C ILE A 327 -7.56 -8.63 -40.94
N LEU A 328 -7.18 -7.45 -40.47
CA LEU A 328 -7.44 -6.19 -41.23
C LEU A 328 -6.62 -6.21 -42.51
N ALA A 329 -5.36 -6.65 -42.40
CA ALA A 329 -4.39 -6.69 -43.52
C ALA A 329 -4.94 -7.61 -44.61
N ASN A 330 -5.60 -8.70 -44.24
CA ASN A 330 -6.03 -9.72 -45.24
C ASN A 330 -7.41 -9.40 -45.81
N MET A 331 -8.11 -8.38 -45.29
CA MET A 331 -9.55 -8.18 -45.62
C MET A 331 -9.87 -6.76 -46.10
N VAL A 332 -9.07 -5.73 -45.79
CA VAL A 332 -9.27 -4.39 -46.40
C VAL A 332 -8.98 -4.47 -47.91
N LYS A 333 -9.77 -3.74 -48.70
CA LYS A 333 -9.69 -3.65 -50.18
C LYS A 333 -8.51 -2.73 -50.56
N PRO A 334 -7.67 -3.10 -51.55
CA PRO A 334 -6.70 -2.14 -52.10
C PRO A 334 -7.43 -0.83 -52.47
N SER A 335 -6.84 0.33 -52.14
CA SER A 335 -7.42 1.69 -52.41
C SER A 335 -7.01 2.22 -53.79
N ASP A 336 -7.78 3.21 -54.27
CA ASP A 336 -7.59 3.94 -55.55
C ASP A 336 -6.21 4.60 -55.59
N ARG A 337 -5.78 5.16 -54.45
CA ARG A 337 -4.62 6.07 -54.29
C ARG A 337 -3.38 5.41 -54.90
N SER A 338 -2.42 6.18 -55.40
CA SER A 338 -1.19 5.69 -56.09
C SER A 338 -0.26 5.03 -55.09
N PRO A 339 0.37 3.88 -55.43
CA PRO A 339 1.37 3.25 -54.57
C PRO A 339 2.46 4.26 -54.19
N LEU A 340 2.94 4.27 -52.95
CA LEU A 340 3.80 5.37 -52.44
C LEU A 340 5.20 5.32 -53.06
N PRO A 341 5.84 6.50 -53.31
CA PRO A 341 7.17 6.52 -53.93
C PRO A 341 8.26 5.92 -53.05
N PRO A 342 9.38 5.40 -53.61
CA PRO A 342 10.56 5.02 -52.82
C PRO A 342 11.10 6.17 -51.95
N LEU A 343 11.65 5.85 -50.77
CA LEU A 343 12.16 6.87 -49.83
C LEU A 343 13.35 7.60 -50.42
N GLY A 344 13.52 8.86 -50.00
CA GLY A 344 14.75 9.62 -50.24
C GLY A 344 15.98 8.81 -49.86
N ASP A 345 17.10 9.08 -50.53
CA ASP A 345 18.41 8.42 -50.27
C ASP A 345 18.78 8.75 -48.83
N PHE A 346 19.61 7.95 -48.15
CA PHE A 346 20.11 8.34 -46.80
C PHE A 346 20.86 9.66 -46.91
N GLU A 347 20.50 10.65 -46.09
CA GLU A 347 21.17 11.97 -46.02
C GLU A 347 22.67 11.77 -45.78
N GLU A 348 23.48 12.70 -46.28
CA GLU A 348 24.96 12.72 -46.19
C GLU A 348 25.36 12.99 -44.72
N ALA A 349 26.45 12.35 -44.28
CA ALA A 349 26.93 12.37 -42.88
C ALA A 349 28.43 12.71 -42.86
N VAL A 350 28.80 13.98 -43.08
CA VAL A 350 30.16 14.55 -42.85
C VAL A 350 30.28 14.84 -41.34
N SER A 351 31.52 14.89 -40.80
CA SER A 351 31.79 15.20 -39.37
C SER A 351 32.94 16.20 -39.26
N VAL A 352 32.65 17.37 -38.70
CA VAL A 352 33.66 18.40 -38.25
C VAL A 352 33.62 18.39 -36.71
N GLY A 353 34.75 18.08 -36.07
CA GLY A 353 34.86 17.93 -34.60
C GLY A 353 36.05 17.06 -34.22
N ALA A 354 36.36 16.96 -32.93
CA ALA A 354 37.43 16.07 -32.39
C ALA A 354 37.01 14.59 -32.52
N GLY A 355 35.72 14.29 -32.67
CA GLY A 355 35.22 12.92 -32.84
C GLY A 355 34.22 12.78 -33.97
N LEU A 356 33.33 11.79 -33.87
CA LEU A 356 32.28 11.45 -34.86
C LEU A 356 30.97 12.16 -34.47
N ASP A 357 30.17 12.61 -35.44
CA ASP A 357 28.76 12.98 -35.20
C ASP A 357 27.97 11.69 -35.11
N PRO A 358 26.97 11.61 -34.20
CA PRO A 358 26.16 10.40 -34.11
C PRO A 358 25.61 9.96 -35.48
N ALA A 359 25.15 10.89 -36.32
CA ALA A 359 24.60 10.56 -37.65
C ALA A 359 25.65 9.81 -38.48
N GLN A 360 26.92 10.19 -38.38
CA GLN A 360 28.00 9.53 -39.16
C GLN A 360 28.31 8.15 -38.55
N LEU A 361 28.34 8.09 -37.22
CA LEU A 361 28.62 6.81 -36.53
C LEU A 361 27.53 5.81 -36.94
N PHE A 362 26.27 6.21 -37.00
CA PHE A 362 25.17 5.26 -37.33
C PHE A 362 25.28 4.85 -38.82
N ALA A 363 25.73 5.72 -39.70
CA ALA A 363 25.92 5.38 -41.14
C ALA A 363 27.06 4.36 -41.27
N LEU A 364 28.16 4.53 -40.54
CA LEU A 364 29.25 3.50 -40.41
C LEU A 364 28.64 2.20 -39.85
N VAL A 365 27.82 2.28 -38.81
CA VAL A 365 27.21 1.03 -38.24
C VAL A 365 26.32 0.39 -39.32
N ARG A 366 25.53 1.18 -40.06
CA ARG A 366 24.62 0.64 -41.11
C ARG A 366 25.46 -0.21 -42.07
N ALA A 367 26.56 0.35 -42.60
CA ALA A 367 27.41 -0.23 -43.65
C ALA A 367 28.11 -1.50 -43.16
N GLY A 368 28.49 -1.57 -41.88
CA GLY A 368 29.32 -2.65 -41.31
C GLY A 368 28.49 -3.81 -40.79
N ALA A 369 27.28 -3.57 -40.32
CA ALA A 369 26.54 -4.52 -39.49
C ALA A 369 25.73 -5.44 -40.40
N PRO A 370 25.51 -6.70 -40.00
CA PRO A 370 24.62 -7.60 -40.74
C PRO A 370 23.21 -7.04 -40.98
N ASP A 371 22.58 -7.40 -42.10
CA ASP A 371 21.17 -7.04 -42.46
C ASP A 371 20.23 -7.24 -41.24
N ASP A 372 20.51 -8.22 -40.38
CA ASP A 372 19.59 -8.72 -39.33
C ASP A 372 20.19 -8.51 -37.94
N ALA A 373 21.12 -7.59 -37.75
CA ALA A 373 21.58 -7.20 -36.40
C ALA A 373 20.35 -6.81 -35.58
N ILE A 374 20.47 -6.97 -34.27
CA ILE A 374 19.51 -6.48 -33.25
C ILE A 374 20.16 -5.29 -32.53
N TYR A 375 19.55 -4.10 -32.50
CA TYR A 375 20.18 -2.94 -31.86
C TYR A 375 19.54 -2.65 -30.52
N VAL A 376 20.29 -2.68 -29.44
CA VAL A 376 19.81 -2.23 -28.11
C VAL A 376 20.34 -0.83 -27.87
N ASN A 377 19.48 0.16 -27.96
CA ASN A 377 19.79 1.62 -27.90
C ASN A 377 19.49 2.16 -26.51
N GLU A 378 20.40 2.88 -25.88
CA GLU A 378 20.11 3.69 -24.68
C GLU A 378 21.02 4.91 -24.76
N SER A 379 20.82 5.70 -25.80
CA SER A 379 21.62 6.89 -26.18
C SER A 379 20.63 8.01 -26.37
N THR A 380 20.47 8.84 -25.34
CA THR A 380 19.22 9.61 -25.13
C THR A 380 19.16 10.78 -26.11
N SER A 381 20.29 11.41 -26.48
CA SER A 381 20.31 12.63 -27.32
C SER A 381 20.41 12.33 -28.82
N THR A 382 20.49 11.08 -29.24
CA THR A 382 20.87 10.66 -30.62
C THR A 382 19.69 10.04 -31.38
N SER A 383 18.46 10.30 -30.96
CA SER A 383 17.27 9.65 -31.55
C SER A 383 17.08 10.03 -33.03
N ASP A 384 17.07 11.33 -33.35
CA ASP A 384 16.84 11.86 -34.72
C ASP A 384 17.86 11.20 -35.67
N ALA A 385 19.11 11.14 -35.21
CA ALA A 385 20.25 10.55 -35.95
C ALA A 385 19.98 9.07 -36.22
N PHE A 386 19.62 8.30 -35.20
CA PHE A 386 19.39 6.85 -35.36
C PHE A 386 18.38 6.60 -36.51
N TRP A 387 17.23 7.27 -36.46
CA TRP A 387 16.08 6.90 -37.31
C TRP A 387 16.32 7.36 -38.75
N SER A 388 17.11 8.43 -38.90
CA SER A 388 17.39 9.04 -40.22
C SER A 388 18.49 8.22 -40.92
N GLN A 389 19.05 7.23 -40.25
CA GLN A 389 20.34 6.63 -40.68
C GLN A 389 20.33 5.09 -40.59
N MET A 390 19.32 4.43 -40.00
CA MET A 390 19.37 2.96 -39.84
C MET A 390 18.40 2.27 -40.81
N ASP A 391 18.76 1.07 -41.30
CA ASP A 391 17.98 0.18 -42.20
C ASP A 391 17.64 -1.09 -41.42
N LEU A 392 16.56 -1.02 -40.63
CA LEU A 392 15.99 -2.13 -39.86
C LEU A 392 14.88 -2.78 -40.69
N SER A 393 14.89 -4.10 -40.86
CA SER A 393 13.94 -4.78 -41.77
C SER A 393 13.35 -6.08 -41.18
N HIS A 394 13.78 -6.51 -40.00
CA HIS A 394 13.40 -7.79 -39.36
C HIS A 394 12.65 -7.50 -38.04
N GLN A 395 11.76 -8.41 -37.67
CA GLN A 395 11.19 -8.46 -36.30
C GLN A 395 12.34 -8.34 -35.30
N GLY A 396 12.12 -7.63 -34.20
CA GLY A 396 13.03 -7.68 -33.05
C GLY A 396 14.38 -7.11 -33.36
N SER A 397 14.44 -6.01 -34.14
CA SER A 397 15.68 -5.35 -34.55
C SER A 397 16.06 -4.15 -33.66
N TYR A 398 15.20 -3.66 -32.78
CA TYR A 398 15.44 -2.42 -31.97
C TYR A 398 14.75 -2.58 -30.60
N TYR A 399 15.50 -2.32 -29.53
CA TYR A 399 15.00 -2.23 -28.15
C TYR A 399 15.55 -0.96 -27.51
N PHE A 400 14.68 -0.21 -26.83
CA PHE A 400 15.01 1.02 -26.06
C PHE A 400 14.23 0.99 -24.76
N PRO A 401 14.79 1.45 -23.61
CA PRO A 401 14.11 1.34 -22.32
C PRO A 401 12.73 1.98 -22.37
N ALA A 402 11.68 1.22 -22.06
CA ALA A 402 10.28 1.62 -22.34
C ALA A 402 9.77 2.66 -21.32
N SER A 403 10.46 2.90 -20.20
CA SER A 403 10.12 4.02 -19.29
C SER A 403 11.31 4.94 -19.12
N GLY A 404 12.27 4.89 -20.07
CA GLY A 404 13.51 5.69 -20.03
C GLY A 404 14.24 5.50 -18.72
N GLY A 405 13.97 4.39 -18.01
CA GLY A 405 14.80 3.96 -16.87
C GLY A 405 16.17 3.57 -17.36
N LEU A 406 17.18 4.37 -17.04
CA LEU A 406 18.55 4.11 -17.53
C LEU A 406 19.12 2.92 -16.77
N GLY A 407 20.02 2.18 -17.41
CA GLY A 407 20.58 0.92 -16.90
C GLY A 407 19.85 -0.27 -17.49
N PHE A 408 19.06 -0.03 -18.53
CA PHE A 408 18.48 -1.10 -19.36
C PHE A 408 19.48 -1.55 -20.45
N GLY A 409 20.11 -0.63 -21.16
CA GLY A 409 20.78 -0.94 -22.45
C GLY A 409 21.89 -2.00 -22.32
N LEU A 410 22.92 -1.69 -21.58
CA LEU A 410 24.08 -2.61 -21.52
C LEU A 410 23.64 -4.01 -21.11
N PRO A 411 22.90 -4.16 -19.98
CA PRO A 411 22.42 -5.47 -19.57
C PRO A 411 21.45 -6.08 -20.58
N ALA A 412 20.51 -5.31 -21.13
CA ALA A 412 19.52 -5.93 -22.03
C ALA A 412 20.28 -6.46 -23.25
N ALA A 413 21.35 -5.79 -23.66
CA ALA A 413 22.14 -6.24 -24.84
C ALA A 413 22.70 -7.64 -24.54
N VAL A 414 23.30 -7.78 -23.36
CA VAL A 414 23.91 -9.05 -22.92
C VAL A 414 22.82 -10.11 -22.94
N GLY A 415 21.68 -9.81 -22.32
CA GLY A 415 20.60 -10.81 -22.25
C GLY A 415 20.08 -11.14 -23.63
N ALA A 416 19.89 -10.12 -24.48
CA ALA A 416 19.36 -10.29 -25.85
C ALA A 416 20.28 -11.22 -26.63
N GLN A 417 21.58 -11.06 -26.41
CA GLN A 417 22.57 -11.81 -27.19
C GLN A 417 22.49 -13.27 -26.74
N LEU A 418 22.44 -13.53 -25.44
CA LEU A 418 22.32 -14.88 -24.87
C LEU A 418 21.11 -15.59 -25.46
N ALA A 419 20.03 -14.87 -25.76
CA ALA A 419 18.78 -15.44 -26.29
C ALA A 419 18.88 -15.60 -27.81
N SER A 420 19.82 -14.90 -28.43
CA SER A 420 19.88 -14.72 -29.90
C SER A 420 21.11 -15.40 -30.45
N PRO A 421 21.12 -16.74 -30.68
CA PRO A 421 22.39 -17.45 -30.93
C PRO A 421 22.95 -17.12 -32.32
N ASP A 422 22.09 -16.92 -33.33
CA ASP A 422 22.45 -16.65 -34.74
C ASP A 422 22.15 -15.20 -35.19
N ARG A 423 21.99 -14.22 -34.31
CA ARG A 423 21.89 -12.80 -34.77
C ARG A 423 22.81 -11.97 -33.89
N GLN A 424 23.55 -11.04 -34.48
CA GLN A 424 24.49 -10.19 -33.71
C GLN A 424 23.70 -9.10 -32.98
N VAL A 425 23.83 -9.02 -31.66
CA VAL A 425 23.29 -7.88 -30.90
C VAL A 425 24.37 -6.81 -30.84
N ILE A 426 24.01 -5.57 -31.19
CA ILE A 426 24.89 -4.38 -31.07
C ILE A 426 24.26 -3.41 -30.08
N GLY A 427 24.92 -3.13 -28.97
CA GLY A 427 24.50 -2.12 -27.99
C GLY A 427 24.99 -0.75 -28.39
N LEU A 428 24.12 0.26 -28.40
CA LEU A 428 24.52 1.68 -28.63
C LEU A 428 24.14 2.46 -27.39
N ILE A 429 25.06 2.61 -26.46
CA ILE A 429 24.83 3.11 -25.09
C ILE A 429 25.52 4.47 -25.01
N GLY A 430 24.92 5.47 -24.39
CA GLY A 430 25.65 6.70 -24.09
C GLY A 430 26.61 6.49 -22.93
N ASP A 431 27.55 7.42 -22.72
CA ASP A 431 28.52 7.40 -21.60
C ASP A 431 27.78 7.57 -20.26
N GLY A 432 26.66 8.28 -20.26
CA GLY A 432 25.83 8.44 -19.06
C GLY A 432 25.16 7.13 -18.69
N SER A 433 24.35 6.61 -19.60
CA SER A 433 23.56 5.37 -19.47
C SER A 433 24.43 4.17 -19.09
N ALA A 434 25.66 4.10 -19.61
CA ALA A 434 26.45 2.86 -19.45
C ALA A 434 26.73 2.64 -17.98
N ASN A 435 26.81 3.68 -17.14
CA ASN A 435 27.24 3.53 -15.73
C ASN A 435 26.19 2.82 -14.89
N TYR A 436 24.93 2.91 -15.30
CA TYR A 436 23.80 2.30 -14.54
C TYR A 436 23.84 0.77 -14.71
N GLY A 437 24.43 0.20 -15.78
CA GLY A 437 24.41 -1.26 -16.03
C GLY A 437 25.76 -1.87 -16.39
N ILE A 438 26.83 -1.25 -15.91
CA ILE A 438 28.21 -1.50 -16.41
C ILE A 438 28.61 -2.94 -16.03
N THR A 439 28.14 -3.43 -14.89
CA THR A 439 28.55 -4.73 -14.33
C THR A 439 28.03 -5.87 -15.21
N ALA A 440 27.09 -5.65 -16.11
CA ALA A 440 26.63 -6.73 -17.02
C ALA A 440 27.76 -7.15 -17.95
N LEU A 441 28.79 -6.32 -18.09
CA LEU A 441 29.97 -6.68 -18.91
C LEU A 441 30.61 -7.95 -18.35
N TRP A 442 30.68 -8.07 -17.02
CA TRP A 442 31.21 -9.26 -16.32
C TRP A 442 30.46 -10.51 -16.76
N SER A 443 29.15 -10.45 -16.78
CA SER A 443 28.27 -11.58 -17.17
C SER A 443 28.58 -11.98 -18.62
N ALA A 444 28.74 -11.01 -19.52
CA ALA A 444 29.13 -11.30 -20.91
C ALA A 444 30.50 -12.03 -20.94
N ALA A 445 31.44 -11.58 -20.13
CA ALA A 445 32.78 -12.18 -20.07
C ALA A 445 32.67 -13.62 -19.55
N GLN A 446 32.10 -13.79 -18.37
CA GLN A 446 31.91 -15.11 -17.72
C GLN A 446 31.22 -16.09 -18.65
N TYR A 447 30.16 -15.72 -19.34
CA TYR A 447 29.31 -16.71 -20.05
C TYR A 447 29.67 -16.67 -21.53
N LYS A 448 30.69 -15.90 -21.91
CA LYS A 448 31.27 -15.91 -23.29
C LYS A 448 30.18 -15.54 -24.29
N ILE A 449 29.53 -14.41 -24.04
CA ILE A 449 28.35 -13.93 -24.80
C ILE A 449 28.82 -12.88 -25.79
N PRO A 450 28.83 -13.20 -27.10
CA PRO A 450 29.52 -12.37 -28.11
C PRO A 450 28.82 -11.07 -28.50
N VAL A 451 28.33 -10.29 -27.52
CA VAL A 451 27.74 -8.94 -27.74
C VAL A 451 28.80 -8.00 -28.26
N VAL A 452 28.41 -7.05 -29.09
CA VAL A 452 29.19 -5.82 -29.36
C VAL A 452 28.53 -4.61 -28.69
N ILE A 453 29.27 -3.93 -27.82
CA ILE A 453 28.83 -2.72 -27.08
C ILE A 453 29.57 -1.51 -27.63
N ILE A 454 28.86 -0.54 -28.18
CA ILE A 454 29.40 0.79 -28.62
C ILE A 454 28.97 1.86 -27.63
N ILE A 455 29.90 2.39 -26.87
CA ILE A 455 29.65 3.52 -25.93
C ILE A 455 29.77 4.78 -26.78
N LEU A 456 28.72 5.58 -26.93
CA LEU A 456 28.83 6.92 -27.54
C LEU A 456 29.21 7.86 -26.43
N ASN A 457 30.47 8.25 -26.35
CA ASN A 457 31.01 9.09 -25.26
C ASN A 457 31.12 10.55 -25.71
N ASN A 458 30.18 11.39 -25.29
CA ASN A 458 30.24 12.86 -25.58
C ASN A 458 30.60 13.63 -24.31
N GLY A 459 31.06 12.97 -23.25
CA GLY A 459 31.58 13.63 -22.03
C GLY A 459 30.50 14.26 -21.17
N THR A 460 29.22 14.03 -21.48
CA THR A 460 28.07 14.83 -20.96
C THR A 460 26.79 13.96 -20.89
N TYR A 461 25.82 14.41 -20.09
CA TYR A 461 24.39 14.02 -20.17
C TYR A 461 23.72 14.90 -21.24
N GLY A 462 23.84 14.49 -22.49
CA GLY A 462 23.47 15.29 -23.67
C GLY A 462 22.01 15.69 -23.66
N ALA A 463 21.09 14.73 -23.51
CA ALA A 463 19.62 14.93 -23.59
C ALA A 463 19.14 15.92 -22.50
N LEU A 464 19.85 15.99 -21.37
CA LEU A 464 19.55 16.88 -20.22
C LEU A 464 20.03 18.31 -20.51
N ARG A 465 21.09 18.47 -21.33
CA ARG A 465 21.51 19.77 -21.91
C ARG A 465 20.43 20.22 -22.91
N GLY A 466 19.92 19.30 -23.75
CA GLY A 466 18.76 19.48 -24.65
C GLY A 466 17.53 20.03 -23.93
N PHE A 467 17.22 19.51 -22.73
CA PHE A 467 16.08 19.89 -21.88
C PHE A 467 16.32 21.24 -21.18
N SER A 468 17.54 21.56 -20.72
CA SER A 468 17.86 22.84 -20.00
C SER A 468 17.80 24.03 -20.97
N LYS A 469 17.61 23.76 -22.26
CA LYS A 469 17.40 24.73 -23.36
C LYS A 469 15.89 25.00 -23.48
N ILE A 470 15.08 23.93 -23.62
CA ILE A 470 13.57 23.93 -23.68
C ILE A 470 12.98 24.45 -22.34
N LEU A 471 13.63 24.20 -21.18
CA LEU A 471 13.12 24.54 -19.83
C LEU A 471 13.72 25.85 -19.29
N ASN A 472 14.66 26.45 -20.04
CA ASN A 472 15.33 27.75 -19.71
C ASN A 472 15.90 27.70 -18.29
N THR A 473 16.54 26.58 -17.93
CA THR A 473 17.16 26.31 -16.60
C THR A 473 18.66 26.66 -16.65
N GLY A 474 19.28 26.62 -17.85
CA GLY A 474 20.64 27.14 -18.14
C GLY A 474 21.73 26.16 -17.72
N GLU A 475 22.79 26.69 -17.09
CA GLU A 475 23.97 25.93 -16.60
C GLU A 475 23.64 25.39 -15.20
N THR A 476 23.14 24.16 -15.16
CA THR A 476 22.61 23.41 -13.98
C THR A 476 23.78 22.57 -13.44
N PRO A 477 23.97 22.38 -12.11
CA PRO A 477 24.98 21.44 -11.60
C PRO A 477 24.74 20.01 -12.10
N GLY A 478 25.80 19.35 -12.55
CA GLY A 478 25.85 17.90 -12.82
C GLY A 478 25.35 17.50 -14.21
N LEU A 479 25.55 18.33 -15.24
CA LEU A 479 25.22 17.96 -16.64
C LEU A 479 26.38 17.17 -17.27
N ASP A 480 27.57 17.24 -16.68
CA ASP A 480 28.83 16.73 -17.29
C ASP A 480 29.35 15.47 -16.58
N VAL A 481 29.73 14.45 -17.34
CA VAL A 481 30.37 13.21 -16.82
C VAL A 481 31.73 13.02 -17.49
N PRO A 482 32.69 13.96 -17.24
CA PRO A 482 34.08 13.82 -17.70
C PRO A 482 34.86 12.79 -16.87
N GLY A 483 35.95 12.24 -17.44
CA GLY A 483 36.98 11.48 -16.69
C GLY A 483 36.60 10.02 -16.47
N ILE A 484 35.91 9.40 -17.44
CA ILE A 484 35.49 7.97 -17.44
C ILE A 484 36.19 7.26 -18.60
N ASP A 485 36.98 6.22 -18.34
CA ASP A 485 37.62 5.42 -19.41
C ASP A 485 36.90 4.07 -19.52
N PHE A 486 36.01 3.91 -20.50
CA PHE A 486 35.19 2.67 -20.68
C PHE A 486 36.07 1.49 -21.11
N VAL A 487 37.22 1.76 -21.71
CA VAL A 487 38.19 0.67 -22.06
C VAL A 487 38.70 0.06 -20.75
N HIS A 488 39.09 0.91 -19.79
CA HIS A 488 39.54 0.46 -18.45
C HIS A 488 38.41 -0.29 -17.76
N LEU A 489 37.17 0.18 -17.89
CA LEU A 489 36.01 -0.48 -17.23
C LEU A 489 35.83 -1.86 -17.86
N ALA A 490 35.83 -1.95 -19.18
CA ALA A 490 35.68 -3.24 -19.90
C ALA A 490 36.72 -4.23 -19.42
N GLU A 491 37.97 -3.81 -19.35
CA GLU A 491 39.08 -4.73 -19.03
C GLU A 491 38.96 -5.09 -17.56
N GLY A 492 38.46 -4.16 -16.75
CA GLY A 492 38.16 -4.41 -15.34
C GLY A 492 37.21 -5.56 -15.16
N TYR A 493 36.28 -5.79 -16.09
CA TYR A 493 35.28 -6.87 -15.99
C TYR A 493 35.63 -8.00 -16.96
N GLY A 494 36.77 -7.95 -17.63
CA GLY A 494 37.26 -9.08 -18.43
C GLY A 494 36.74 -9.03 -19.85
N VAL A 495 36.26 -7.88 -20.30
CA VAL A 495 35.90 -7.65 -21.72
C VAL A 495 36.97 -6.83 -22.43
N ARG A 496 37.29 -7.28 -23.64
CA ARG A 496 38.22 -6.66 -24.60
C ARG A 496 37.65 -5.32 -25.06
N GLY A 497 38.38 -4.22 -24.93
CA GLY A 497 37.87 -2.88 -25.30
C GLY A 497 38.86 -2.07 -26.10
N THR A 498 38.38 -1.23 -27.01
CA THR A 498 39.23 -0.28 -27.79
C THR A 498 38.50 1.09 -27.80
N ALA A 499 39.25 2.19 -27.78
CA ALA A 499 38.78 3.58 -27.97
C ALA A 499 39.13 4.06 -29.38
N VAL A 500 38.30 4.92 -29.93
CA VAL A 500 38.22 5.20 -31.38
C VAL A 500 37.67 6.62 -31.52
N ALA A 501 38.20 7.45 -32.42
CA ALA A 501 37.80 8.87 -32.56
C ALA A 501 37.65 9.31 -34.04
N THR A 502 37.93 8.42 -35.00
CA THR A 502 37.74 8.70 -36.44
C THR A 502 36.95 7.57 -37.11
N ALA A 503 36.35 7.88 -38.25
CA ALA A 503 35.56 6.95 -39.09
C ALA A 503 36.41 5.74 -39.46
N GLU A 504 37.66 5.97 -39.87
CA GLU A 504 38.52 4.90 -40.39
C GLU A 504 38.77 3.91 -39.24
N ASP A 505 39.13 4.41 -38.05
CA ASP A 505 39.45 3.57 -36.85
C ASP A 505 38.20 2.86 -36.37
N PHE A 506 37.06 3.53 -36.41
CA PHE A 506 35.80 2.89 -36.02
C PHE A 506 35.52 1.72 -36.97
N THR A 507 35.57 1.94 -38.28
CA THR A 507 35.24 0.88 -39.27
C THR A 507 36.11 -0.35 -38.99
N THR A 508 37.38 -0.15 -38.63
CA THR A 508 38.36 -1.22 -38.28
C THR A 508 37.91 -1.95 -37.01
N ALA A 509 37.77 -1.24 -35.88
CA ALA A 509 37.41 -1.80 -34.55
C ALA A 509 36.09 -2.59 -34.65
N PHE A 510 35.13 -2.06 -35.41
CA PHE A 510 33.79 -2.66 -35.60
C PHE A 510 33.92 -3.96 -36.43
N LYS A 511 34.63 -3.94 -37.56
CA LYS A 511 34.81 -5.12 -38.44
C LYS A 511 35.38 -6.27 -37.61
N SER A 512 36.30 -5.90 -36.71
CA SER A 512 37.03 -6.79 -35.76
C SER A 512 36.07 -7.35 -34.72
N ALA A 513 35.35 -6.48 -34.00
CA ALA A 513 34.34 -6.84 -33.00
C ALA A 513 33.27 -7.78 -33.58
N LEU A 514 32.80 -7.61 -34.81
CA LEU A 514 31.77 -8.52 -35.40
C LEU A 514 32.39 -9.92 -35.61
N ALA A 515 33.70 -10.02 -35.81
CA ALA A 515 34.38 -11.32 -36.01
C ALA A 515 34.55 -12.08 -34.69
N ALA A 516 34.44 -11.42 -33.54
CA ALA A 516 34.77 -11.99 -32.22
C ALA A 516 33.79 -13.09 -31.78
N ASP A 517 34.24 -14.06 -31.01
CA ASP A 517 33.41 -15.06 -30.29
C ASP A 517 33.28 -14.60 -28.84
N ALA A 518 33.65 -13.36 -28.54
CA ALA A 518 33.67 -12.85 -27.14
C ALA A 518 33.06 -11.46 -27.10
N PRO A 519 32.52 -11.03 -25.94
CA PRO A 519 32.11 -9.64 -25.77
C PRO A 519 33.27 -8.73 -26.15
N THR A 520 32.93 -7.66 -26.84
CA THR A 520 33.83 -6.56 -27.27
C THR A 520 33.13 -5.24 -27.01
N LEU A 521 33.87 -4.25 -26.54
CA LEU A 521 33.37 -2.88 -26.30
C LEU A 521 34.19 -1.90 -27.14
N ILE A 522 33.55 -1.03 -27.89
CA ILE A 522 34.20 0.08 -28.62
C ILE A 522 33.75 1.40 -27.98
N GLU A 523 34.65 2.22 -27.44
CA GLU A 523 34.29 3.55 -26.93
C GLU A 523 34.54 4.52 -28.06
N VAL A 524 33.49 5.07 -28.65
CA VAL A 524 33.60 6.08 -29.73
C VAL A 524 33.55 7.44 -29.07
N ARG A 525 34.48 8.33 -29.38
CA ARG A 525 34.38 9.76 -29.01
C ARG A 525 33.38 10.43 -29.97
N THR A 526 32.29 10.98 -29.43
CA THR A 526 31.21 11.66 -30.21
C THR A 526 31.16 13.16 -29.88
N ASN A 527 30.55 13.95 -30.76
CA ASN A 527 30.38 15.41 -30.62
C ASN A 527 28.94 15.71 -30.20
N PHE A 528 28.81 16.62 -29.25
CA PHE A 528 27.51 17.16 -28.78
C PHE A 528 27.34 18.58 -29.35
N ASP A 529 26.30 18.76 -30.18
CA ASP A 529 25.73 20.05 -30.68
C ASP A 529 25.20 20.87 -29.48
N GLU A 530 25.89 21.96 -29.12
CA GLU A 530 25.51 22.91 -28.00
C GLU A 530 24.71 24.11 -28.55
N SER A 531 23.94 23.90 -29.66
CA SER A 531 23.11 24.90 -30.41
C SER A 531 21.60 24.64 -30.24
N ALA B 5 7.75 35.83 -5.09
CA ALA B 5 8.60 34.75 -4.47
C ALA B 5 8.05 33.35 -4.78
N THR B 6 8.89 32.45 -5.30
CA THR B 6 8.44 31.15 -5.85
C THR B 6 8.61 30.04 -4.80
N VAL B 7 8.00 28.89 -5.06
CA VAL B 7 8.05 27.71 -4.16
C VAL B 7 9.53 27.29 -4.03
N SER B 8 10.28 27.35 -5.14
CA SER B 8 11.73 27.11 -5.21
C SER B 8 12.48 28.08 -4.28
N GLU B 9 12.17 29.39 -4.32
CA GLU B 9 12.93 30.38 -3.52
C GLU B 9 12.71 30.09 -2.04
N VAL B 10 11.48 29.76 -1.65
CA VAL B 10 11.15 29.56 -0.22
C VAL B 10 11.73 28.21 0.25
N THR B 11 11.66 27.18 -0.57
CA THR B 11 12.19 25.81 -0.29
C THR B 11 13.69 25.93 0.03
N TYR B 12 14.48 26.59 -0.84
CA TYR B 12 15.94 26.86 -0.67
C TYR B 12 16.18 27.73 0.57
N GLU B 13 15.37 28.72 0.85
CA GLU B 13 15.56 29.56 2.07
C GLU B 13 15.37 28.68 3.31
N LEU B 14 14.53 27.66 3.18
CA LEU B 14 14.19 26.73 4.28
C LEU B 14 15.30 25.69 4.45
N LEU B 15 15.78 25.07 3.36
CA LEU B 15 16.85 24.06 3.44
C LEU B 15 18.09 24.74 4.04
N ARG B 16 18.34 26.02 3.72
CA ARG B 16 19.48 26.80 4.28
C ARG B 16 19.26 26.94 5.78
N ALA B 17 18.03 27.29 6.16
CA ALA B 17 17.63 27.56 7.55
C ALA B 17 17.89 26.31 8.38
N ARG B 18 17.71 25.13 7.79
CA ARG B 18 17.82 23.80 8.46
C ARG B 18 19.21 23.14 8.27
N GLY B 19 20.19 23.83 7.68
CA GLY B 19 21.56 23.29 7.52
C GLY B 19 21.72 22.27 6.40
N LEU B 20 20.70 22.01 5.57
CA LEU B 20 20.77 21.08 4.41
C LEU B 20 21.38 21.74 3.18
N THR B 21 22.62 22.24 3.26
CA THR B 21 23.28 23.01 2.17
C THR B 21 24.15 22.13 1.29
N THR B 22 24.19 20.83 1.53
CA THR B 22 24.87 19.82 0.67
C THR B 22 23.82 18.90 0.06
N VAL B 23 23.80 18.81 -1.25
CA VAL B 23 22.79 18.02 -1.98
C VAL B 23 23.47 16.89 -2.75
N PHE B 24 23.07 15.64 -2.54
CA PHE B 24 23.57 14.47 -3.31
C PHE B 24 22.52 14.19 -4.41
N GLY B 25 22.90 13.93 -5.65
CA GLY B 25 21.92 13.80 -6.72
C GLY B 25 22.43 13.01 -7.91
N ASN B 26 21.50 12.43 -8.64
CA ASN B 26 21.67 12.07 -10.06
C ASN B 26 20.51 12.69 -10.79
N PRO B 27 20.76 13.63 -11.70
CA PRO B 27 19.71 14.50 -12.26
C PRO B 27 18.95 13.91 -13.46
N GLY B 28 17.83 14.54 -13.80
CA GLY B 28 16.93 14.16 -14.91
C GLY B 28 15.99 15.29 -15.36
N SEP B 29 15.35 15.06 -16.51
CA SEP B 29 14.32 15.92 -17.11
CB SEP B 29 13.43 15.12 -18.18
OG SEP B 29 13.45 13.58 -18.05
C SEP B 29 13.52 16.64 -16.00
O SEP B 29 13.60 17.86 -15.90
P SEP B 29 14.65 12.46 -18.73
O1P SEP B 29 15.95 13.01 -18.33
O2P SEP B 29 14.38 11.09 -18.08
O3P SEP B 29 14.65 12.40 -20.28
N ASN B 30 12.94 15.90 -15.05
CA ASN B 30 12.02 16.44 -14.05
C ASN B 30 12.68 17.13 -12.83
N GLU B 31 14.01 17.23 -12.71
CA GLU B 31 14.68 17.86 -11.53
C GLU B 31 15.47 19.11 -11.92
N LEU B 32 15.65 19.38 -13.21
CA LEU B 32 16.41 20.58 -13.64
C LEU B 32 15.73 21.82 -13.07
N PRO B 33 14.38 21.98 -13.10
CA PRO B 33 13.73 23.18 -12.52
C PRO B 33 13.97 23.38 -11.02
N PHE B 34 14.20 22.33 -10.25
CA PHE B 34 14.61 22.46 -8.83
C PHE B 34 16.06 22.96 -8.77
N LEU B 35 16.93 22.31 -9.53
CA LEU B 35 18.40 22.53 -9.43
C LEU B 35 18.75 23.90 -9.98
N SER B 36 17.96 24.45 -10.90
CA SER B 36 18.28 25.73 -11.58
C SER B 36 18.28 26.88 -10.57
N GLY B 37 17.43 26.82 -9.55
CA GLY B 37 17.27 27.86 -8.53
C GLY B 37 18.20 27.66 -7.36
N MET B 38 19.09 26.67 -7.43
CA MET B 38 20.05 26.35 -6.35
C MET B 38 20.97 27.54 -6.13
N PRO B 39 21.12 28.04 -4.89
CA PRO B 39 22.05 29.13 -4.59
C PRO B 39 23.52 28.77 -4.63
N ASP B 40 24.37 29.77 -4.40
CA ASP B 40 25.86 29.66 -4.47
C ASP B 40 26.41 29.09 -3.16
N ASP B 41 25.77 29.29 -2.00
CA ASP B 41 26.26 28.76 -0.70
C ASP B 41 25.97 27.24 -0.59
N PHE B 42 25.28 26.63 -1.55
CA PHE B 42 24.92 25.18 -1.59
C PHE B 42 25.90 24.42 -2.47
N ARG B 43 26.20 23.15 -2.18
CA ARG B 43 27.10 22.32 -3.04
C ARG B 43 26.35 21.09 -3.51
N TYR B 44 26.41 20.76 -4.79
CA TYR B 44 25.75 19.57 -5.36
C TYR B 44 26.81 18.49 -5.53
N VAL B 45 26.54 17.26 -5.11
CA VAL B 45 27.47 16.13 -5.31
C VAL B 45 26.83 15.12 -6.25
N LEU B 46 27.33 15.06 -7.48
CA LEU B 46 26.76 14.14 -8.49
C LEU B 46 27.30 12.74 -8.25
N GLY B 47 26.42 11.74 -8.37
CA GLY B 47 26.74 10.31 -8.46
C GLY B 47 26.13 9.74 -9.70
N LEU B 48 26.77 8.76 -10.34
CA LEU B 48 26.38 8.26 -11.68
C LEU B 48 25.26 7.22 -11.57
N HIS B 49 24.81 6.95 -10.34
CA HIS B 49 23.91 5.83 -10.02
C HIS B 49 23.22 6.18 -8.71
N GLU B 50 21.93 5.93 -8.57
CA GLU B 50 21.12 6.47 -7.46
C GLU B 50 21.49 5.75 -6.16
N GLY B 51 21.78 4.48 -6.23
CA GLY B 51 22.18 3.69 -5.05
C GLY B 51 23.50 4.20 -4.49
N ALA B 52 24.44 4.57 -5.36
CA ALA B 52 25.70 5.24 -4.96
C ALA B 52 25.36 6.59 -4.32
N VAL B 53 24.56 7.41 -5.00
CA VAL B 53 24.16 8.75 -4.49
C VAL B 53 23.65 8.60 -3.06
N LEU B 54 22.78 7.65 -2.90
CA LEU B 54 22.01 7.58 -1.66
C LEU B 54 22.89 7.01 -0.57
N SER B 55 23.70 6.00 -0.89
CA SER B 55 24.70 5.44 0.05
C SER B 55 25.76 6.49 0.43
N MET B 56 26.21 7.33 -0.51
CA MET B 56 27.11 8.47 -0.22
C MET B 56 26.41 9.40 0.78
N ALA B 57 25.16 9.71 0.55
CA ALA B 57 24.36 10.62 1.38
C ALA B 57 24.31 10.00 2.75
N ASP B 58 24.12 8.67 2.81
CA ASP B 58 23.96 7.93 4.07
C ASP B 58 25.26 8.09 4.85
N GLY B 59 26.42 7.81 4.23
CA GLY B 59 27.71 7.95 4.92
C GLY B 59 27.90 9.37 5.42
N TYR B 60 27.54 10.36 4.61
CA TYR B 60 27.71 11.78 4.99
C TYR B 60 26.88 12.04 6.25
N SER B 61 25.68 11.49 6.25
CA SER B 61 24.70 11.67 7.34
C SER B 61 25.19 11.00 8.62
N LEU B 62 25.75 9.81 8.51
CA LEU B 62 26.19 9.03 9.69
C LEU B 62 27.32 9.76 10.42
N VAL B 63 28.19 10.40 9.69
CA VAL B 63 29.35 11.09 10.33
C VAL B 63 28.84 12.35 11.02
N THR B 64 27.97 13.12 10.38
CA THR B 64 27.54 14.47 10.84
C THR B 64 26.44 14.35 11.89
N GLY B 65 25.54 13.36 11.76
CA GLY B 65 24.35 13.23 12.60
C GLY B 65 23.20 14.04 12.04
N GLU B 66 23.46 14.88 11.05
CA GLU B 66 22.50 15.89 10.56
C GLU B 66 21.65 15.26 9.46
N ALA B 67 20.44 15.81 9.25
CA ALA B 67 19.58 15.45 8.10
C ALA B 67 20.37 15.80 6.83
N THR B 68 20.13 15.10 5.73
CA THR B 68 20.93 15.28 4.49
C THR B 68 20.02 15.15 3.27
N LEU B 69 20.18 16.02 2.28
CA LEU B 69 19.20 16.12 1.17
C LEU B 69 19.72 15.29 0.00
N VAL B 70 18.84 14.50 -0.58
CA VAL B 70 19.14 13.68 -1.79
C VAL B 70 18.13 14.11 -2.85
N ASN B 71 18.50 14.16 -4.13
CA ASN B 71 17.58 14.58 -5.21
C ASN B 71 17.68 13.57 -6.35
N LEU B 72 16.63 12.81 -6.60
CA LEU B 72 16.68 11.68 -7.56
C LEU B 72 15.66 11.90 -8.67
N HIS B 73 15.71 11.05 -9.70
CA HIS B 73 14.95 11.21 -10.96
C HIS B 73 13.77 10.24 -11.02
N ALA B 74 12.54 10.74 -10.80
CA ALA B 74 11.27 10.06 -11.17
C ALA B 74 11.20 8.67 -10.52
N ALA B 75 10.56 7.69 -11.16
CA ALA B 75 10.31 6.32 -10.63
C ALA B 75 11.54 5.42 -10.84
N SER B 76 12.20 5.54 -12.00
CA SER B 76 13.40 4.74 -12.41
C SER B 76 14.57 5.08 -11.49
N GLY B 77 14.81 6.36 -11.21
CA GLY B 77 15.84 6.85 -10.27
C GLY B 77 15.53 6.49 -8.81
N SER B 78 14.29 6.68 -8.36
CA SER B 78 13.82 6.36 -6.98
C SER B 78 13.92 4.85 -6.72
N GLY B 79 13.43 4.03 -7.65
CA GLY B 79 13.50 2.56 -7.62
C GLY B 79 14.94 2.06 -7.47
N ASN B 80 15.89 2.60 -8.24
CA ASN B 80 17.34 2.21 -8.18
C ASN B 80 17.91 2.41 -6.75
N ALA B 81 17.26 3.22 -5.89
CA ALA B 81 17.73 3.62 -4.55
C ALA B 81 17.04 2.82 -3.42
N MET B 82 16.06 1.97 -3.72
CA MET B 82 15.29 1.22 -2.70
C MET B 82 16.23 0.33 -1.89
N GLY B 83 17.17 -0.36 -2.55
CA GLY B 83 18.17 -1.21 -1.87
C GLY B 83 18.92 -0.41 -0.82
N ALA B 84 19.48 0.71 -1.23
CA ALA B 84 20.33 1.55 -0.37
C ALA B 84 19.50 2.05 0.80
N LEU B 85 18.25 2.41 0.54
CA LEU B 85 17.32 3.04 1.52
C LEU B 85 17.05 2.07 2.68
N THR B 86 17.09 0.76 2.46
CA THR B 86 16.95 -0.25 3.54
C THR B 86 18.04 -0.01 4.60
N ASN B 87 19.27 0.30 4.20
CA ASN B 87 20.36 0.50 5.18
C ASN B 87 20.03 1.71 6.01
N SER B 88 19.46 2.75 5.38
CA SER B 88 19.09 4.03 6.04
C SER B 88 18.07 3.77 7.15
N VAL B 89 17.14 2.86 6.92
CA VAL B 89 16.08 2.52 7.91
C VAL B 89 16.77 1.97 9.14
N TYR B 90 17.59 0.93 9.02
CA TYR B 90 18.15 0.22 10.18
C TYR B 90 19.32 1.01 10.82
N SER B 91 19.90 1.97 10.09
CA SER B 91 20.96 2.86 10.61
C SER B 91 20.35 4.14 11.17
N HIS B 92 19.02 4.26 11.16
CA HIS B 92 18.27 5.41 11.72
C HIS B 92 18.89 6.70 11.15
N SER B 93 18.95 6.75 9.83
CA SER B 93 19.61 7.83 9.05
C SER B 93 18.58 8.79 8.51
N PRO B 94 18.66 10.08 8.91
CA PRO B 94 17.69 11.07 8.47
C PRO B 94 17.96 11.61 7.07
N LEU B 95 17.93 10.75 6.06
CA LEU B 95 17.95 11.19 4.65
C LEU B 95 16.58 11.80 4.31
N VAL B 96 16.59 12.95 3.66
CA VAL B 96 15.40 13.57 3.05
C VAL B 96 15.51 13.37 1.56
N VAL B 97 14.77 12.45 0.99
CA VAL B 97 14.93 12.09 -0.42
C VAL B 97 13.82 12.78 -1.21
N THR B 98 14.13 13.77 -2.02
CA THR B 98 13.18 14.41 -2.96
C THR B 98 13.35 13.80 -4.34
N ALA B 99 12.24 13.61 -5.05
CA ALA B 99 12.24 13.02 -6.41
C ALA B 99 11.51 13.97 -7.33
N GLY B 100 12.06 14.27 -8.50
CA GLY B 100 11.32 14.97 -9.56
C GLY B 100 10.13 14.14 -10.06
N GLN B 101 9.01 14.80 -10.34
CA GLN B 101 7.83 14.18 -10.96
C GLN B 101 7.46 14.99 -12.19
N GLN B 102 6.74 14.36 -13.10
CA GLN B 102 6.31 14.95 -14.40
C GLN B 102 5.32 16.11 -14.11
N VAL B 103 5.06 16.95 -15.10
CA VAL B 103 4.15 18.12 -14.94
C VAL B 103 2.82 17.61 -14.34
N ARG B 104 2.26 18.33 -13.39
CA ARG B 104 1.15 17.89 -12.51
C ARG B 104 -0.06 17.50 -13.36
N SER B 105 -0.44 18.27 -14.39
CA SER B 105 -1.62 17.94 -15.25
C SER B 105 -1.43 16.63 -16.04
N THR B 106 -0.21 16.15 -16.28
CA THR B 106 0.07 15.01 -17.23
C THR B 106 0.31 13.66 -16.51
N ILE B 107 0.42 13.61 -15.18
CA ILE B 107 0.72 12.36 -14.43
C ILE B 107 -0.39 11.34 -14.69
N GLY B 108 -1.67 11.72 -14.66
CA GLY B 108 -2.83 10.81 -14.84
C GLY B 108 -2.76 9.98 -16.13
N GLN B 109 -2.44 10.62 -17.27
CA GLN B 109 -2.26 9.99 -18.61
C GLN B 109 -1.02 9.07 -18.68
N GLU B 110 -0.20 9.03 -17.61
CA GLU B 110 1.10 8.29 -17.50
C GLU B 110 1.95 8.60 -18.73
N VAL B 111 2.29 9.86 -18.92
CA VAL B 111 3.28 10.28 -19.94
C VAL B 111 4.66 9.77 -19.46
N MET B 112 5.66 9.80 -20.36
CA MET B 112 7.03 9.29 -20.16
C MET B 112 7.60 9.95 -18.89
N LEU B 113 8.15 9.17 -17.96
CA LEU B 113 8.81 9.59 -16.69
C LEU B 113 7.81 10.09 -15.63
N SER B 114 6.53 9.68 -15.75
CA SER B 114 5.51 9.66 -14.66
C SER B 114 5.88 8.59 -13.64
N ASN B 115 5.88 8.99 -12.36
CA ASN B 115 5.87 8.12 -11.16
C ASN B 115 4.38 7.89 -10.82
N VAL B 116 3.88 6.68 -11.09
CA VAL B 116 2.47 6.26 -10.82
C VAL B 116 2.38 5.81 -9.34
N ASP B 117 1.63 6.55 -8.49
CA ASP B 117 1.49 6.31 -7.02
C ASP B 117 2.85 6.54 -6.35
N ALA B 118 3.35 7.76 -6.28
CA ALA B 118 4.72 8.06 -5.82
C ALA B 118 4.83 7.78 -4.30
N GLY B 119 3.77 8.09 -3.55
CA GLY B 119 3.62 7.79 -2.10
C GLY B 119 3.70 6.30 -1.79
N THR B 120 3.23 5.42 -2.69
CA THR B 120 3.28 3.93 -2.53
C THR B 120 4.69 3.41 -2.84
N LEU B 121 5.36 3.94 -3.88
CA LEU B 121 6.61 3.38 -4.44
C LEU B 121 7.59 3.02 -3.29
N MET B 122 7.84 3.99 -2.37
CA MET B 122 8.95 3.91 -1.38
C MET B 122 8.49 3.31 -0.05
N LYS B 123 7.17 3.15 0.18
CA LYS B 123 6.65 2.29 1.29
C LYS B 123 6.98 0.83 1.00
N PRO B 124 7.35 0.01 2.03
CA PRO B 124 7.24 0.41 3.44
C PRO B 124 8.54 0.90 4.11
N LEU B 125 9.52 1.38 3.33
CA LEU B 125 10.91 1.61 3.85
C LEU B 125 10.95 2.89 4.69
N VAL B 126 11.07 4.01 4.00
CA VAL B 126 10.84 5.39 4.51
C VAL B 126 9.82 5.42 5.64
N LYS B 127 10.09 6.16 6.72
CA LYS B 127 9.15 6.44 7.83
C LYS B 127 7.90 7.15 7.34
N TRP B 128 8.07 7.97 6.30
CA TRP B 128 7.05 8.93 5.86
C TRP B 128 7.30 9.32 4.42
N SER B 129 6.24 9.45 3.62
CA SER B 129 6.35 9.83 2.21
C SER B 129 5.13 10.68 1.82
N SER B 130 5.30 11.69 0.96
CA SER B 130 4.23 12.55 0.45
C SER B 130 4.45 12.84 -1.03
N GLU B 131 3.39 12.81 -1.85
CA GLU B 131 3.30 13.66 -3.06
C GLU B 131 2.35 14.82 -2.69
N PRO B 132 2.83 16.05 -2.38
CA PRO B 132 1.92 17.13 -2.01
C PRO B 132 0.75 17.25 -3.00
N THR B 133 -0.40 17.67 -2.48
CA THR B 133 -1.65 17.82 -3.26
C THR B 133 -1.61 19.05 -4.19
N CYS B 134 -0.69 20.00 -3.99
CA CYS B 134 -0.55 21.21 -4.87
C CYS B 134 0.81 21.86 -4.65
N ALA B 135 1.22 22.73 -5.56
CA ALA B 135 2.50 23.48 -5.47
C ALA B 135 2.56 24.23 -4.14
N GLU B 136 1.48 24.84 -3.69
CA GLU B 136 1.45 25.70 -2.49
C GLU B 136 1.95 24.90 -1.29
N ASP B 137 1.58 23.63 -1.23
CA ASP B 137 1.90 22.81 -0.05
C ASP B 137 3.35 22.20 -0.14
N VAL B 138 4.16 22.56 -1.14
CA VAL B 138 5.47 21.90 -1.30
C VAL B 138 6.39 22.36 -0.18
N PRO B 139 6.52 23.66 0.16
CA PRO B 139 7.43 24.04 1.24
C PRO B 139 7.06 23.36 2.58
N ARG B 140 5.79 23.32 2.98
CA ARG B 140 5.40 22.75 4.29
C ARG B 140 5.65 21.24 4.28
N THR B 141 5.33 20.57 3.18
CA THR B 141 5.59 19.12 3.00
C THR B 141 7.06 18.88 3.27
N ILE B 142 7.96 19.69 2.73
CA ILE B 142 9.45 19.52 2.89
C ILE B 142 9.81 19.86 4.34
N ASN B 143 9.24 20.90 4.93
CA ASN B 143 9.47 21.20 6.37
C ASN B 143 9.11 19.97 7.17
N GLN B 144 7.92 19.41 6.96
CA GLN B 144 7.42 18.26 7.75
C GLN B 144 8.33 17.05 7.49
N ALA B 145 8.71 16.80 6.24
CA ALA B 145 9.67 15.73 5.87
C ALA B 145 10.92 15.84 6.75
N ILE B 146 11.48 17.03 6.90
CA ILE B 146 12.78 17.22 7.63
C ILE B 146 12.54 16.94 9.10
N HIS B 147 11.50 17.52 9.71
CA HIS B 147 11.29 17.38 11.16
C HIS B 147 11.08 15.91 11.50
N THR B 148 10.26 15.27 10.66
CA THR B 148 9.91 13.83 10.73
C THR B 148 11.19 13.00 10.65
N ALA B 149 12.05 13.22 9.67
CA ALA B 149 13.32 12.47 9.53
C ALA B 149 14.14 12.51 10.85
N LEU B 150 14.14 13.60 11.61
CA LEU B 150 15.00 13.82 12.79
C LEU B 150 14.27 13.49 14.08
N LEU B 151 13.05 13.00 13.97
CA LEU B 151 12.24 12.69 15.17
C LEU B 151 12.54 11.26 15.57
N PRO B 152 13.00 10.98 16.82
CA PRO B 152 13.01 9.60 17.33
C PRO B 152 11.75 8.89 16.89
N ALA B 153 11.85 7.74 16.20
CA ALA B 153 13.10 7.09 15.78
C ALA B 153 13.52 7.58 14.40
N LYS B 154 14.73 8.13 14.30
CA LYS B 154 15.20 8.83 13.07
C LYS B 154 15.08 7.88 11.87
N GLY B 155 15.00 8.46 10.67
CA GLY B 155 14.87 7.62 9.47
C GLY B 155 14.53 8.40 8.21
N PRO B 156 14.61 7.71 7.06
CA PRO B 156 14.46 8.36 5.77
C PRO B 156 13.00 8.70 5.43
N VAL B 157 12.84 9.80 4.69
CA VAL B 157 11.55 10.36 4.24
C VAL B 157 11.64 10.61 2.74
N TYR B 158 10.51 10.61 2.04
CA TYR B 158 10.49 10.77 0.56
C TYR B 158 9.44 11.78 0.21
N VAL B 159 9.76 12.72 -0.67
CA VAL B 159 8.83 13.76 -1.14
C VAL B 159 8.93 13.78 -2.65
N SER B 160 7.88 13.49 -3.39
CA SER B 160 7.83 13.53 -4.87
C SER B 160 7.26 14.88 -5.28
N VAL B 161 7.97 15.72 -6.06
CA VAL B 161 7.50 17.09 -6.41
C VAL B 161 7.41 17.23 -7.93
N PRO B 162 6.20 17.49 -8.49
CA PRO B 162 6.03 17.78 -9.92
C PRO B 162 6.85 19.02 -10.29
N TYR B 163 7.51 18.99 -11.43
CA TYR B 163 8.60 19.95 -11.70
C TYR B 163 8.02 21.34 -11.86
N ASP B 164 6.77 21.43 -12.34
CA ASP B 164 6.06 22.72 -12.52
C ASP B 164 5.75 23.37 -11.17
N ASP B 165 5.89 22.67 -10.05
CA ASP B 165 5.53 23.23 -8.73
C ASP B 165 6.55 24.29 -8.31
N TRP B 166 7.78 24.15 -8.76
CA TRP B 166 8.93 24.97 -8.27
C TRP B 166 8.72 26.42 -8.70
N ALA B 167 8.12 26.62 -9.88
CA ALA B 167 7.92 27.95 -10.50
C ALA B 167 6.61 28.57 -9.98
N ALA B 168 5.75 27.85 -9.30
CA ALA B 168 4.47 28.39 -8.76
C ALA B 168 4.73 29.43 -7.67
N GLU B 169 3.78 30.34 -7.46
CA GLU B 169 3.89 31.41 -6.43
C GLU B 169 3.86 30.70 -5.07
N ALA B 170 4.73 31.12 -4.14
CA ALA B 170 4.81 30.54 -2.79
C ALA B 170 3.67 31.05 -1.91
N PRO B 171 3.20 30.26 -0.92
CA PRO B 171 2.11 30.67 -0.03
C PRO B 171 2.47 31.82 0.90
N PRO B 172 1.48 32.68 1.18
CA PRO B 172 1.63 33.79 2.12
C PRO B 172 2.45 33.54 3.40
N GLU B 173 2.23 32.42 4.08
CA GLU B 173 2.58 32.26 5.54
C GLU B 173 3.91 31.49 5.64
N SER B 174 4.94 31.97 4.93
CA SER B 174 6.21 31.21 4.69
C SER B 174 7.34 31.63 5.64
N ALA B 175 7.32 32.85 6.18
CA ALA B 175 8.22 33.32 7.27
C ALA B 175 7.99 32.45 8.50
N GLY B 176 6.70 32.07 8.66
CA GLY B 176 6.16 31.15 9.67
C GLY B 176 6.82 29.78 9.63
N LEU B 177 6.93 29.14 8.45
CA LEU B 177 7.62 27.85 8.25
C LEU B 177 9.07 27.92 8.73
N LEU B 178 9.85 28.87 8.25
CA LEU B 178 11.29 29.01 8.60
C LEU B 178 11.49 29.03 10.11
N ALA B 179 10.66 29.76 10.83
CA ALA B 179 10.72 30.04 12.27
C ALA B 179 10.57 28.73 13.07
N ARG B 180 9.96 27.70 12.46
CA ARG B 180 9.53 26.43 13.13
C ARG B 180 10.76 25.74 13.67
N GLU B 181 10.67 25.30 14.92
CA GLU B 181 11.55 24.28 15.54
C GLU B 181 10.66 23.14 16.03
N VAL B 182 11.23 21.92 16.07
CA VAL B 182 10.62 20.75 16.73
C VAL B 182 11.65 20.17 17.67
N HIS B 183 11.42 20.17 18.97
CA HIS B 183 12.30 19.53 19.97
C HIS B 183 11.68 18.21 20.45
N SER B 184 12.46 17.15 20.65
CA SER B 184 12.07 15.91 21.37
C SER B 184 12.47 16.04 22.84
N ALA B 185 11.60 15.66 23.77
CA ALA B 185 11.96 15.27 25.15
C ALA B 185 13.38 14.62 25.11
N ALA B 186 14.34 15.29 25.76
CA ALA B 186 15.75 14.89 25.90
C ALA B 186 16.03 14.15 27.23
N SER B 187 15.01 13.52 27.87
CA SER B 187 15.12 12.72 29.12
C SER B 187 13.81 11.98 29.50
N LEU B 188 13.84 11.32 30.67
CA LEU B 188 12.85 10.33 31.19
C LEU B 188 12.64 10.52 32.70
N SER B 189 11.48 10.10 33.23
CA SER B 189 11.00 10.43 34.60
C SER B 189 12.11 10.20 35.62
N GLY B 190 12.18 11.01 36.69
CA GLY B 190 13.04 10.80 37.87
C GLY B 190 12.71 9.49 38.57
N ASP B 191 11.42 9.13 38.63
CA ASP B 191 10.95 7.86 39.25
C ASP B 191 11.56 6.70 38.46
N GLN B 192 11.41 6.72 37.14
CA GLN B 192 11.85 5.65 36.20
C GLN B 192 13.37 5.46 36.23
N ILE B 193 14.16 6.52 36.51
CA ILE B 193 15.64 6.41 36.70
C ILE B 193 15.90 5.49 37.89
N ASN B 194 15.32 5.80 39.04
CA ASN B 194 15.65 5.10 40.32
C ASN B 194 15.37 3.59 40.17
N ASP B 195 14.40 3.18 39.34
CA ASP B 195 14.15 1.75 38.97
C ASP B 195 15.34 1.18 38.22
N LEU B 196 15.81 1.86 37.16
CA LEU B 196 17.01 1.45 36.38
C LEU B 196 18.20 1.33 37.34
N ILE B 197 18.46 2.34 38.18
CA ILE B 197 19.71 2.36 38.99
C ILE B 197 19.57 1.30 40.09
N GLU B 198 18.39 1.11 40.70
CA GLU B 198 18.16 0.01 41.69
C GLU B 198 18.54 -1.29 40.99
N THR B 199 17.93 -1.62 39.85
CA THR B 199 18.14 -2.91 39.13
C THR B 199 19.62 -3.10 38.81
N LEU B 200 20.34 -2.03 38.49
CA LEU B 200 21.78 -2.10 38.10
C LEU B 200 22.65 -2.36 39.32
N GLU B 201 22.50 -1.57 40.39
CA GLU B 201 23.28 -1.75 41.66
C GLU B 201 22.88 -3.07 42.35
N SER B 202 21.66 -3.56 42.10
CA SER B 202 21.11 -4.88 42.54
C SER B 202 21.96 -6.03 41.99
N ALA B 203 22.22 -6.01 40.70
CA ALA B 203 22.67 -7.19 39.93
C ALA B 203 24.01 -7.67 40.50
N THR B 204 24.14 -8.98 40.70
CA THR B 204 25.34 -9.63 41.28
C THR B 204 26.40 -9.72 40.17
N ASN B 205 25.98 -9.86 38.90
CA ASN B 205 26.91 -10.09 37.76
C ASN B 205 26.29 -9.59 36.44
N PRO B 206 26.21 -8.26 36.21
CA PRO B 206 25.57 -7.69 35.04
C PRO B 206 26.48 -7.62 33.82
N VAL B 207 25.89 -7.52 32.63
CA VAL B 207 26.62 -7.39 31.35
C VAL B 207 25.93 -6.27 30.53
N LEU B 208 26.71 -5.40 29.89
CA LEU B 208 26.22 -4.39 28.93
C LEU B 208 26.32 -4.97 27.54
N VAL B 209 25.26 -4.83 26.77
CA VAL B 209 25.29 -5.13 25.32
C VAL B 209 24.97 -3.82 24.64
N LEU B 210 25.81 -3.33 23.73
CA LEU B 210 25.68 -1.94 23.20
C LEU B 210 25.44 -1.98 21.70
N GLY B 211 24.60 -1.08 21.24
CA GLY B 211 24.17 -1.00 19.82
C GLY B 211 24.55 0.33 19.20
N PRO B 212 24.15 0.51 17.93
CA PRO B 212 24.63 1.62 17.13
C PRO B 212 24.15 2.94 17.73
N ALA B 213 22.99 2.95 18.37
CA ALA B 213 22.41 4.22 18.83
C ALA B 213 23.31 4.79 19.93
N VAL B 214 24.15 4.00 20.60
CA VAL B 214 25.11 4.59 21.57
C VAL B 214 26.08 5.47 20.79
N ASP B 215 26.63 4.96 19.68
CA ASP B 215 27.58 5.72 18.85
C ASP B 215 26.85 6.94 18.26
N ALA B 216 25.71 6.75 17.59
CA ALA B 216 24.90 7.84 17.01
C ALA B 216 24.70 8.99 18.02
N ASP B 217 24.45 8.71 19.31
CA ASP B 217 24.07 9.74 20.31
C ASP B 217 25.31 10.28 21.01
N ARG B 218 26.50 9.97 20.48
CA ARG B 218 27.80 10.45 20.98
C ARG B 218 27.94 10.12 22.47
N ALA B 219 27.58 8.90 22.86
CA ALA B 219 27.56 8.46 24.28
C ALA B 219 28.65 7.43 24.57
N ASN B 220 29.67 7.32 23.72
CA ASN B 220 30.75 6.27 23.85
C ASN B 220 31.42 6.39 25.23
N ALA B 221 31.78 7.60 25.64
CA ALA B 221 32.41 7.94 26.93
C ALA B 221 31.52 7.61 28.13
N ASP B 222 30.21 7.83 28.07
CA ASP B 222 29.25 7.57 29.18
C ASP B 222 28.95 6.09 29.30
N ALA B 223 28.93 5.38 28.19
CA ALA B 223 28.95 3.89 28.17
C ALA B 223 30.19 3.40 28.91
N VAL B 224 31.34 3.99 28.59
CA VAL B 224 32.64 3.62 29.22
C VAL B 224 32.49 3.86 30.71
N LEU B 225 32.04 5.04 31.12
CA LEU B 225 32.05 5.38 32.55
C LEU B 225 31.16 4.40 33.29
N LEU B 226 30.05 4.02 32.69
CA LEU B 226 29.04 3.11 33.31
C LEU B 226 29.63 1.71 33.44
N ALA B 227 30.31 1.19 32.42
CA ALA B 227 31.05 -0.11 32.47
C ALA B 227 32.11 -0.05 33.57
N GLU B 228 32.87 1.04 33.69
CA GLU B 228 33.88 1.21 34.76
C GLU B 228 33.15 1.14 36.12
N LYS B 229 32.02 1.83 36.29
CA LYS B 229 31.34 1.92 37.61
C LYS B 229 30.76 0.55 38.00
N LEU B 230 30.26 -0.23 37.05
CA LEU B 230 29.68 -1.58 37.33
C LEU B 230 30.73 -2.67 37.21
N ARG B 231 31.97 -2.34 36.87
CA ARG B 231 33.03 -3.33 36.57
C ARG B 231 32.42 -4.44 35.69
N ALA B 232 31.67 -4.02 34.67
CA ALA B 232 30.84 -4.93 33.83
C ALA B 232 31.58 -5.21 32.53
N PRO B 233 31.60 -6.46 32.06
CA PRO B 233 31.98 -6.75 30.69
C PRO B 233 30.97 -6.12 29.71
N VAL B 234 31.47 -5.76 28.51
CA VAL B 234 30.69 -5.08 27.45
C VAL B 234 30.83 -5.88 26.17
N TRP B 235 29.71 -6.30 25.60
CA TRP B 235 29.61 -6.89 24.25
C TRP B 235 28.94 -5.89 23.33
N ILE B 236 29.22 -5.98 22.05
CA ILE B 236 28.43 -5.23 21.03
C ILE B 236 27.29 -6.11 20.55
N ALA B 237 26.12 -5.58 20.40
CA ALA B 237 24.95 -6.31 19.86
C ALA B 237 25.28 -6.92 18.51
N PRO B 238 24.68 -8.07 18.19
CA PRO B 238 24.96 -8.77 16.94
C PRO B 238 24.65 -7.99 15.66
N SER B 239 25.36 -8.31 14.57
CA SER B 239 25.22 -7.65 13.24
C SER B 239 25.42 -6.14 13.45
N PRO B 240 26.55 -5.72 14.04
CA PRO B 240 26.80 -4.29 14.32
C PRO B 240 27.06 -3.45 13.06
N SER B 241 26.59 -2.23 13.10
CA SER B 241 26.72 -1.23 12.00
C SER B 241 27.57 -0.08 12.48
N ARG B 242 27.79 0.05 13.79
CA ARG B 242 28.66 1.09 14.36
C ARG B 242 29.43 0.50 15.53
N CYS B 243 30.41 1.21 16.02
CA CYS B 243 31.22 0.73 17.16
C CYS B 243 30.94 1.66 18.34
N PRO B 244 30.20 1.17 19.35
CA PRO B 244 29.81 2.02 20.47
C PRO B 244 30.78 2.06 21.66
N PHE B 245 31.94 1.47 21.54
CA PHE B 245 32.78 1.20 22.74
C PHE B 245 34.23 0.96 22.34
N PRO B 246 35.19 1.46 23.14
CA PRO B 246 36.60 1.30 22.81
C PRO B 246 36.97 -0.19 22.82
N THR B 247 37.58 -0.71 21.75
CA THR B 247 37.78 -2.18 21.57
C THR B 247 38.93 -2.72 22.41
N ARG B 248 39.72 -1.89 23.10
CA ARG B 248 40.85 -2.38 23.94
C ARG B 248 40.64 -1.85 25.36
N HIS B 249 39.45 -1.38 25.68
CA HIS B 249 39.06 -1.10 27.08
C HIS B 249 38.93 -2.42 27.82
N PRO B 250 39.32 -2.48 29.12
CA PRO B 250 39.17 -3.70 29.92
C PRO B 250 37.85 -4.46 29.74
N SER B 251 36.73 -3.75 29.77
CA SER B 251 35.37 -4.34 29.70
C SER B 251 35.10 -4.97 28.33
N PHE B 252 35.81 -4.63 27.26
CA PHE B 252 35.44 -5.10 25.89
C PHE B 252 35.64 -6.62 25.77
N ARG B 253 34.62 -7.32 25.25
CA ARG B 253 34.59 -8.80 25.02
C ARG B 253 34.27 -9.15 23.57
N GLY B 254 33.87 -8.20 22.72
CA GLY B 254 33.63 -8.43 21.29
C GLY B 254 32.17 -8.31 20.89
N VAL B 255 31.80 -8.94 19.81
CA VAL B 255 30.47 -8.91 19.17
C VAL B 255 29.73 -10.19 19.52
N LEU B 256 28.49 -10.10 19.97
CA LEU B 256 27.68 -11.30 20.26
C LEU B 256 27.46 -12.01 18.94
N PRO B 257 27.45 -13.36 18.92
CA PRO B 257 27.09 -14.09 17.71
C PRO B 257 25.61 -13.88 17.40
N ALA B 258 25.24 -13.90 16.12
CA ALA B 258 23.88 -13.53 15.63
C ALA B 258 23.00 -14.79 15.49
N GLY B 259 23.17 -15.75 16.39
CA GLY B 259 22.32 -16.95 16.51
C GLY B 259 21.63 -16.94 17.84
N VAL B 260 20.43 -17.48 17.94
CA VAL B 260 19.61 -17.37 19.19
C VAL B 260 20.28 -18.18 20.30
N ALA B 261 20.59 -19.45 20.04
CA ALA B 261 21.21 -20.40 20.99
C ALA B 261 22.61 -19.90 21.34
N ASP B 262 23.32 -19.40 20.33
CA ASP B 262 24.76 -19.03 20.42
C ASP B 262 24.93 -17.80 21.33
N LEU B 263 24.02 -16.83 21.18
CA LEU B 263 24.05 -15.56 21.96
C LEU B 263 23.75 -15.88 23.42
N SER B 264 22.71 -16.68 23.69
CA SER B 264 22.33 -17.02 25.09
C SER B 264 23.44 -17.84 25.78
N LYS B 265 24.16 -18.69 25.03
CA LYS B 265 25.25 -19.53 25.56
C LYS B 265 26.42 -18.61 25.95
N THR B 266 26.71 -17.59 25.15
CA THR B 266 27.80 -16.60 25.38
C THR B 266 27.59 -15.85 26.69
N LEU B 267 26.35 -15.41 26.99
CA LEU B 267 25.99 -14.59 28.18
C LEU B 267 25.59 -15.49 29.36
N GLU B 268 25.74 -16.81 29.23
CA GLU B 268 25.52 -17.75 30.35
C GLU B 268 26.35 -17.26 31.55
N GLY B 269 25.77 -17.21 32.74
CA GLY B 269 26.43 -16.73 33.97
C GLY B 269 25.87 -15.40 34.41
N HIS B 270 25.27 -14.61 33.52
CA HIS B 270 24.89 -13.22 33.87
C HIS B 270 23.40 -13.18 34.30
N ASP B 271 23.08 -12.45 35.37
CA ASP B 271 21.71 -12.34 35.94
C ASP B 271 20.93 -11.16 35.32
N LEU B 272 21.65 -10.17 34.77
CA LEU B 272 21.11 -8.94 34.15
C LEU B 272 21.90 -8.63 32.88
N ILE B 273 21.25 -8.78 31.72
CA ILE B 273 21.64 -8.24 30.39
C ILE B 273 21.01 -6.84 30.26
N LEU B 274 21.78 -5.75 30.33
CA LEU B 274 21.31 -4.40 29.91
C LEU B 274 21.71 -4.17 28.45
N VAL B 275 20.74 -4.18 27.54
CA VAL B 275 20.93 -3.91 26.09
C VAL B 275 20.59 -2.43 25.88
N VAL B 276 21.53 -1.63 25.39
CA VAL B 276 21.35 -0.17 25.15
C VAL B 276 21.52 0.11 23.65
N GLY B 277 20.49 0.67 23.04
CA GLY B 277 20.59 1.25 21.69
C GLY B 277 20.75 0.20 20.63
N ALA B 278 20.12 -0.94 20.82
CA ALA B 278 20.08 -2.03 19.84
C ALA B 278 18.72 -2.70 19.91
N PRO B 279 18.29 -3.36 18.81
CA PRO B 279 17.17 -4.26 18.85
C PRO B 279 17.58 -5.40 19.77
N VAL B 280 16.59 -6.18 20.18
CA VAL B 280 16.67 -7.47 20.89
C VAL B 280 15.96 -8.51 20.01
N PHE B 281 16.72 -9.29 19.23
CA PHE B 281 18.07 -8.99 18.78
C PHE B 281 18.11 -9.10 17.24
N ARG B 282 19.17 -8.56 16.64
CA ARG B 282 19.42 -8.57 15.18
C ARG B 282 20.15 -9.87 14.78
N TYR B 283 19.52 -11.00 15.08
CA TYR B 283 19.89 -12.40 14.72
C TYR B 283 19.94 -12.48 13.19
N HIS B 284 20.56 -13.51 12.65
CA HIS B 284 20.84 -13.63 11.19
C HIS B 284 20.67 -15.09 10.77
N GLN B 285 21.72 -15.89 10.96
CA GLN B 285 21.66 -17.39 10.95
C GLN B 285 20.52 -17.81 11.90
N TYR B 286 19.70 -18.75 11.44
CA TYR B 286 18.62 -19.41 12.22
C TYR B 286 19.27 -20.56 13.02
N VAL B 287 19.57 -20.32 14.29
CA VAL B 287 20.07 -21.40 15.21
C VAL B 287 19.17 -21.39 16.45
N PRO B 288 18.06 -22.19 16.47
CA PRO B 288 17.02 -22.07 17.49
C PRO B 288 17.37 -22.58 18.91
N GLY B 289 16.65 -22.07 19.92
CA GLY B 289 16.80 -22.37 21.36
C GLY B 289 16.27 -21.22 22.21
N ASN B 290 16.88 -21.02 23.40
CA ASN B 290 16.45 -20.00 24.41
C ASN B 290 17.06 -18.63 24.07
N TYR B 291 16.24 -17.57 24.10
CA TYR B 291 16.64 -16.17 23.79
C TYR B 291 17.62 -15.70 24.87
N LEU B 292 17.32 -16.04 26.12
CA LEU B 292 18.17 -15.71 27.29
C LEU B 292 18.71 -16.98 27.92
N PRO B 293 19.85 -16.85 28.63
CA PRO B 293 20.34 -17.91 29.51
C PRO B 293 19.39 -18.05 30.73
N GLY B 294 19.33 -19.23 31.34
CA GLY B 294 18.62 -19.46 32.62
C GLY B 294 19.03 -18.44 33.67
N GLY B 295 18.07 -18.04 34.51
CA GLY B 295 18.27 -17.12 35.66
C GLY B 295 18.57 -15.69 35.26
N ALA B 296 18.21 -15.25 34.03
CA ALA B 296 18.59 -13.94 33.46
C ALA B 296 17.35 -13.13 33.12
N ARG B 297 17.40 -11.83 33.42
CA ARG B 297 16.41 -10.81 33.03
C ARG B 297 17.14 -9.78 32.16
N LEU B 298 16.46 -9.31 31.11
CA LEU B 298 17.01 -8.36 30.12
C LEU B 298 16.26 -7.02 30.29
N ILE B 299 17.01 -5.95 30.54
CA ILE B 299 16.56 -4.52 30.44
C ILE B 299 16.99 -4.00 29.08
N HIS B 300 16.16 -3.21 28.44
CA HIS B 300 16.31 -2.82 27.03
C HIS B 300 16.05 -1.35 26.89
N VAL B 301 17.02 -0.55 26.49
CA VAL B 301 16.83 0.94 26.39
C VAL B 301 16.97 1.37 24.92
N THR B 302 15.97 2.03 24.35
CA THR B 302 15.94 2.31 22.90
C THR B 302 15.15 3.58 22.59
N ASP B 303 15.63 4.38 21.65
CA ASP B 303 14.88 5.50 21.04
C ASP B 303 13.70 4.92 20.22
N ASP B 304 13.78 3.68 19.76
CA ASP B 304 12.84 3.07 18.77
C ASP B 304 11.72 2.29 19.49
N GLY B 305 10.50 2.83 19.50
CA GLY B 305 9.33 2.12 20.00
C GLY B 305 9.04 0.83 19.22
N GLY B 306 9.34 0.79 17.93
CA GLY B 306 9.25 -0.43 17.10
C GLY B 306 10.11 -1.55 17.65
N GLU B 307 11.38 -1.23 17.98
CA GLU B 307 12.34 -2.18 18.60
C GLU B 307 11.73 -2.67 19.92
N ALA B 308 11.17 -1.80 20.77
CA ALA B 308 10.69 -2.24 22.10
C ALA B 308 9.45 -3.14 21.95
N ALA B 309 8.55 -2.83 21.05
CA ALA B 309 7.30 -3.60 20.82
C ALA B 309 7.59 -4.99 20.26
N ARG B 310 8.45 -5.11 19.27
CA ARG B 310 8.64 -6.40 18.55
C ARG B 310 9.63 -7.33 19.27
N ALA B 311 10.37 -6.87 20.28
CA ALA B 311 11.25 -7.78 21.07
C ALA B 311 10.41 -8.95 21.58
N PRO B 312 10.93 -10.19 21.50
CA PRO B 312 10.23 -11.36 22.04
C PRO B 312 10.45 -11.62 23.54
N ILE B 313 11.43 -10.97 24.17
CA ILE B 313 11.59 -10.95 25.66
C ILE B 313 12.17 -9.61 26.07
N GLY B 314 12.15 -9.34 27.39
CA GLY B 314 12.75 -8.19 28.05
C GLY B 314 11.75 -7.12 28.51
N GLU B 315 12.19 -6.34 29.51
CA GLU B 315 11.55 -5.09 29.98
C GLU B 315 12.22 -3.90 29.28
N ALA B 316 11.57 -3.28 28.33
CA ALA B 316 12.07 -2.15 27.52
C ALA B 316 11.66 -0.79 28.12
N TYR B 317 12.54 0.20 27.96
CA TYR B 317 12.35 1.64 28.24
C TYR B 317 12.59 2.41 26.95
N VAL B 318 11.57 3.07 26.41
CA VAL B 318 11.69 3.89 25.18
C VAL B 318 12.07 5.28 25.65
N ALA B 319 13.32 5.66 25.44
CA ALA B 319 13.95 6.87 25.98
C ALA B 319 15.21 7.17 25.18
N PRO B 320 15.70 8.44 25.21
CA PRO B 320 16.91 8.80 24.47
C PRO B 320 18.12 8.12 25.08
N VAL B 321 18.92 7.48 24.23
CA VAL B 321 20.05 6.58 24.63
C VAL B 321 21.14 7.45 25.28
N GLY B 322 21.51 8.54 24.62
CA GLY B 322 22.47 9.53 25.10
C GLY B 322 22.15 9.93 26.52
N SER B 323 21.04 10.62 26.76
CA SER B 323 20.67 11.11 28.12
C SER B 323 20.67 9.97 29.12
N THR B 324 19.98 8.88 28.81
CA THR B 324 19.79 7.76 29.77
C THR B 324 21.15 7.36 30.30
N LEU B 325 22.05 7.01 29.38
CA LEU B 325 23.43 6.54 29.64
C LEU B 325 24.23 7.58 30.42
N GLU B 326 24.10 8.87 30.06
CA GLU B 326 24.73 10.01 30.77
C GLU B 326 24.24 10.00 32.22
N ILE B 327 22.94 9.96 32.43
CA ILE B 327 22.33 9.98 33.79
C ILE B 327 22.84 8.76 34.56
N LEU B 328 22.76 7.55 33.99
CA LEU B 328 23.11 6.29 34.70
C LEU B 328 24.59 6.34 35.08
N ALA B 329 25.43 6.75 34.13
CA ALA B 329 26.89 6.80 34.28
C ALA B 329 27.27 7.74 35.43
N ASN B 330 26.54 8.83 35.61
CA ASN B 330 26.92 9.87 36.61
C ASN B 330 26.30 9.55 37.98
N MET B 331 25.42 8.55 38.10
CA MET B 331 24.59 8.38 39.33
C MET B 331 24.60 6.96 39.88
N VAL B 332 24.96 5.91 39.12
CA VAL B 332 25.23 4.56 39.72
C VAL B 332 26.43 4.68 40.66
N LYS B 333 26.35 3.95 41.79
CA LYS B 333 27.39 3.82 42.83
C LYS B 333 28.46 2.85 42.28
N PRO B 334 29.77 3.16 42.43
CA PRO B 334 30.81 2.16 42.14
C PRO B 334 30.47 0.84 42.85
N SER B 335 30.67 -0.30 42.20
CA SER B 335 30.40 -1.68 42.74
C SER B 335 31.56 -2.24 43.60
N ASP B 336 31.20 -3.19 44.46
CA ASP B 336 32.12 -3.93 45.37
C ASP B 336 33.17 -4.67 44.55
N ARG B 337 32.73 -5.24 43.42
CA ARG B 337 33.55 -6.07 42.50
C ARG B 337 34.86 -5.34 42.18
N SER B 338 35.93 -6.10 41.95
CA SER B 338 37.29 -5.56 41.65
C SER B 338 37.25 -5.03 40.23
N PRO B 339 37.94 -3.89 39.95
CA PRO B 339 38.08 -3.40 38.58
C PRO B 339 38.65 -4.49 37.69
N LEU B 340 38.16 -4.60 36.46
CA LEU B 340 38.49 -5.70 35.52
C LEU B 340 39.96 -5.61 35.09
N PRO B 341 40.64 -6.75 34.84
CA PRO B 341 42.02 -6.71 34.39
C PRO B 341 42.22 -6.06 33.02
N PRO B 342 43.37 -5.41 32.74
CA PRO B 342 43.68 -4.98 31.37
C PRO B 342 43.72 -6.15 30.37
N LEU B 343 43.33 -5.90 29.13
CA LEU B 343 43.32 -6.94 28.06
C LEU B 343 44.77 -7.19 27.70
N GLY B 344 45.09 -8.39 27.23
CA GLY B 344 46.39 -8.68 26.61
C GLY B 344 46.67 -7.68 25.50
N ASP B 345 47.92 -7.47 25.12
CA ASP B 345 48.28 -6.80 23.83
C ASP B 345 47.71 -7.66 22.68
N PHE B 346 47.77 -7.16 21.45
CA PHE B 346 47.26 -7.91 20.27
C PHE B 346 48.12 -9.17 20.07
N GLU B 347 47.46 -10.31 19.99
CA GLU B 347 47.88 -11.58 19.35
C GLU B 347 48.62 -11.32 18.03
N GLU B 348 49.58 -12.20 17.76
CA GLU B 348 50.41 -12.30 16.54
C GLU B 348 49.52 -12.62 15.32
N ALA B 349 49.87 -12.05 14.17
CA ALA B 349 49.17 -12.26 12.88
C ALA B 349 50.13 -12.71 11.79
N VAL B 350 50.45 -14.01 11.76
CA VAL B 350 51.25 -14.68 10.67
C VAL B 350 50.29 -14.96 9.49
N SER B 351 50.80 -15.13 8.25
CA SER B 351 50.02 -15.54 7.07
C SER B 351 50.78 -16.61 6.26
N VAL B 352 50.16 -17.78 6.08
CA VAL B 352 50.58 -18.82 5.07
C VAL B 352 49.53 -18.82 3.95
N GLY B 353 49.95 -18.53 2.71
CA GLY B 353 49.07 -18.43 1.53
C GLY B 353 49.71 -17.59 0.42
N ALA B 354 49.08 -17.55 -0.76
CA ALA B 354 49.52 -16.72 -1.91
C ALA B 354 49.33 -15.22 -1.60
N GLY B 355 48.41 -14.88 -0.68
CA GLY B 355 48.13 -13.48 -0.27
C GLY B 355 48.16 -13.29 1.24
N LEU B 356 47.42 -12.29 1.72
CA LEU B 356 47.32 -11.91 3.17
C LEU B 356 46.10 -12.62 3.79
N ASP B 357 46.21 -13.04 5.05
CA ASP B 357 45.03 -13.41 5.87
C ASP B 357 44.39 -12.13 6.34
N PRO B 358 43.05 -12.07 6.38
CA PRO B 358 42.39 -10.91 6.95
C PRO B 358 43.00 -10.43 8.27
N ALA B 359 43.30 -11.35 9.20
CA ALA B 359 43.83 -10.97 10.54
C ALA B 359 45.13 -10.19 10.38
N GLN B 360 45.97 -10.58 9.43
CA GLN B 360 47.26 -9.89 9.22
C GLN B 360 47.04 -8.56 8.50
N LEU B 361 46.14 -8.54 7.53
CA LEU B 361 45.89 -7.27 6.80
C LEU B 361 45.38 -6.24 7.81
N PHE B 362 44.52 -6.63 8.76
CA PHE B 362 43.95 -5.65 9.71
C PHE B 362 45.04 -5.19 10.68
N ALA B 363 45.99 -6.07 11.03
CA ALA B 363 47.13 -5.69 11.92
C ALA B 363 48.03 -4.68 11.20
N LEU B 364 48.32 -4.89 9.91
CA LEU B 364 49.04 -3.90 9.07
C LEU B 364 48.20 -2.59 9.02
N VAL B 365 46.90 -2.69 8.86
CA VAL B 365 46.08 -1.44 8.82
C VAL B 365 46.17 -0.75 10.19
N ARG B 366 46.10 -1.49 11.29
CA ARG B 366 46.23 -0.89 12.64
C ARG B 366 47.54 -0.09 12.75
N ALA B 367 48.66 -0.69 12.37
CA ALA B 367 50.02 -0.12 12.49
C ALA B 367 50.19 1.11 11.60
N GLY B 368 49.54 1.17 10.42
CA GLY B 368 49.75 2.22 9.41
C GLY B 368 48.82 3.40 9.62
N ALA B 369 47.63 3.18 10.16
CA ALA B 369 46.51 4.15 10.04
C ALA B 369 46.56 5.10 11.21
N PRO B 370 46.17 6.38 11.01
CA PRO B 370 46.00 7.33 12.11
C PRO B 370 45.15 6.83 13.30
N ASP B 371 45.53 7.23 14.52
CA ASP B 371 44.81 6.93 15.79
C ASP B 371 43.28 7.17 15.63
N ASP B 372 42.84 8.07 14.75
CA ASP B 372 41.42 8.52 14.68
C ASP B 372 40.79 8.20 13.32
N ALA B 373 41.32 7.24 12.57
CA ALA B 373 40.73 6.81 11.30
C ALA B 373 39.30 6.43 11.55
N ILE B 374 38.48 6.58 10.51
CA ILE B 374 37.08 6.06 10.39
C ILE B 374 37.10 4.85 9.45
N TYR B 375 36.64 3.68 9.86
CA TYR B 375 36.63 2.48 8.98
C TYR B 375 35.24 2.20 8.48
N VAL B 376 35.05 2.23 7.18
CA VAL B 376 33.78 1.80 6.55
C VAL B 376 33.99 0.38 6.04
N ASN B 377 33.42 -0.59 6.74
CA ASN B 377 33.56 -2.04 6.52
C ASN B 377 32.38 -2.58 5.70
N GLU B 378 32.62 -3.32 4.63
CA GLU B 378 31.60 -4.13 3.96
C GLU B 378 32.30 -5.38 3.45
N SER B 379 32.82 -6.15 4.39
CA SER B 379 33.69 -7.35 4.20
C SER B 379 33.08 -8.42 5.09
N THR B 380 32.23 -9.23 4.49
CA THR B 380 31.19 -9.97 5.23
C THR B 380 31.85 -11.14 5.99
N SER B 381 32.88 -11.79 5.44
CA SER B 381 33.46 -13.04 6.01
C SER B 381 34.63 -12.79 6.98
N THR B 382 35.01 -11.55 7.27
CA THR B 382 36.27 -11.17 7.98
C THR B 382 36.04 -10.64 9.40
N SER B 383 34.89 -10.94 9.99
CA SER B 383 34.42 -10.22 11.20
C SER B 383 35.33 -10.50 12.41
N ASP B 384 35.55 -11.78 12.75
CA ASP B 384 36.34 -12.16 13.96
C ASP B 384 37.71 -11.51 13.89
N ALA B 385 38.30 -11.50 12.69
CA ALA B 385 39.61 -10.86 12.40
C ALA B 385 39.56 -9.36 12.71
N PHE B 386 38.57 -8.65 12.21
CA PHE B 386 38.47 -7.18 12.40
C PHE B 386 38.49 -6.86 13.90
N TRP B 387 37.66 -7.51 14.68
CA TRP B 387 37.40 -7.11 16.09
C TRP B 387 38.57 -7.52 16.99
N SER B 388 39.28 -8.57 16.60
CA SER B 388 40.42 -9.13 17.37
C SER B 388 41.68 -8.30 17.09
N GLN B 389 41.61 -7.36 16.15
CA GLN B 389 42.83 -6.79 15.53
C GLN B 389 42.76 -5.27 15.36
N MET B 390 41.66 -4.61 15.60
CA MET B 390 41.55 -3.15 15.37
C MET B 390 41.47 -2.41 16.71
N ASP B 391 41.99 -1.17 16.72
CA ASP B 391 42.21 -0.32 17.92
C ASP B 391 41.35 0.93 17.77
N LEU B 392 40.04 0.77 17.97
CA LEU B 392 39.03 1.81 17.75
C LEU B 392 38.70 2.43 19.09
N SER B 393 38.77 3.76 19.26
CA SER B 393 38.35 4.35 20.55
C SER B 393 37.52 5.63 20.36
N HIS B 394 37.65 6.33 19.23
CA HIS B 394 36.93 7.60 18.98
C HIS B 394 35.48 7.30 18.56
N GLN B 395 34.58 8.22 18.89
CA GLN B 395 33.19 8.21 18.36
C GLN B 395 33.31 8.06 16.85
N GLY B 396 32.38 7.34 16.24
CA GLY B 396 32.25 7.36 14.78
C GLY B 396 33.44 6.75 14.08
N SER B 397 34.00 5.66 14.61
CA SER B 397 35.19 4.99 14.03
C SER B 397 34.87 3.80 13.13
N TYR B 398 33.65 3.30 13.13
CA TYR B 398 33.21 2.08 12.39
C TYR B 398 31.80 2.28 11.84
N TYR B 399 31.61 1.98 10.55
CA TYR B 399 30.29 1.90 9.88
C TYR B 399 30.23 0.62 9.04
N PHE B 400 29.14 -0.14 9.13
CA PHE B 400 28.88 -1.38 8.36
C PHE B 400 27.41 -1.39 7.97
N PRO B 401 27.01 -1.89 6.77
CA PRO B 401 25.63 -1.77 6.32
C PRO B 401 24.64 -2.35 7.33
N ALA B 402 23.69 -1.52 7.79
CA ALA B 402 22.83 -1.88 8.95
C ALA B 402 21.75 -2.88 8.55
N SER B 403 21.49 -3.13 7.27
CA SER B 403 20.60 -4.26 6.88
C SER B 403 21.35 -5.21 5.95
N GLY B 404 22.67 -5.19 5.98
CA GLY B 404 23.52 -6.03 5.10
C GLY B 404 23.17 -5.84 3.63
N GLY B 405 22.51 -4.73 3.29
CA GLY B 405 22.33 -4.31 1.89
C GLY B 405 23.67 -3.94 1.30
N LEU B 406 24.19 -4.77 0.39
CA LEU B 406 25.56 -4.52 -0.15
C LEU B 406 25.45 -3.38 -1.15
N GLY B 407 26.57 -2.66 -1.32
CA GLY B 407 26.66 -1.42 -2.11
C GLY B 407 26.52 -0.21 -1.21
N PHE B 408 26.66 -0.42 0.09
CA PHE B 408 26.76 0.64 1.10
C PHE B 408 28.21 1.10 1.22
N GLY B 409 29.16 0.18 1.33
CA GLY B 409 30.53 0.49 1.81
C GLY B 409 31.25 1.48 0.93
N LEU B 410 31.46 1.15 -0.34
CA LEU B 410 32.28 2.04 -1.19
C LEU B 410 31.69 3.45 -1.18
N PRO B 411 30.40 3.63 -1.51
CA PRO B 411 29.80 4.95 -1.50
C PRO B 411 29.80 5.56 -0.10
N ALA B 412 29.49 4.82 0.95
CA ALA B 412 29.41 5.42 2.29
C ALA B 412 30.79 5.96 2.64
N ALA B 413 31.84 5.29 2.20
CA ALA B 413 33.23 5.72 2.49
C ALA B 413 33.44 7.11 1.91
N VAL B 414 33.06 7.24 0.64
CA VAL B 414 33.23 8.51 -0.12
C VAL B 414 32.46 9.58 0.63
N GLY B 415 31.23 9.30 0.99
CA GLY B 415 30.38 10.30 1.65
C GLY B 415 30.93 10.64 3.00
N ALA B 416 31.36 9.64 3.76
CA ALA B 416 31.90 9.85 5.12
C ALA B 416 33.11 10.78 5.02
N GLN B 417 33.89 10.59 3.97
CA GLN B 417 35.16 11.33 3.84
C GLN B 417 34.80 12.78 3.57
N LEU B 418 33.89 13.04 2.64
CA LEU B 418 33.43 14.41 2.30
C LEU B 418 32.97 15.14 3.57
N ALA B 419 32.40 14.42 4.53
CA ALA B 419 31.87 14.98 5.80
C ALA B 419 32.98 15.14 6.82
N SER B 420 34.09 14.45 6.61
CA SER B 420 35.18 14.27 7.61
C SER B 420 36.44 14.99 7.14
N PRO B 421 36.57 16.32 7.35
CA PRO B 421 37.70 17.07 6.80
C PRO B 421 39.04 16.74 7.51
N ASP B 422 39.01 16.41 8.81
CA ASP B 422 40.21 16.14 9.65
C ASP B 422 40.37 14.67 10.03
N ARG B 423 39.71 13.71 9.41
CA ARG B 423 39.87 12.28 9.80
C ARG B 423 39.92 11.47 8.53
N GLN B 424 40.84 10.52 8.44
CA GLN B 424 41.01 9.69 7.26
C GLN B 424 39.94 8.62 7.30
N VAL B 425 39.12 8.52 6.25
CA VAL B 425 38.21 7.36 6.09
C VAL B 425 38.95 6.29 5.31
N ILE B 426 38.95 5.07 5.84
CA ILE B 426 39.49 3.87 5.16
C ILE B 426 38.35 2.90 4.91
N GLY B 427 38.07 2.63 3.65
CA GLY B 427 37.05 1.62 3.27
C GLY B 427 37.68 0.25 3.20
N LEU B 428 37.07 -0.76 3.81
CA LEU B 428 37.52 -2.17 3.70
C LEU B 428 36.37 -2.95 3.11
N ILE B 429 36.42 -3.12 1.81
CA ILE B 429 35.31 -3.65 0.98
C ILE B 429 35.76 -5.01 0.50
N GLY B 430 34.92 -6.03 0.56
CA GLY B 430 35.18 -7.28 -0.15
C GLY B 430 35.01 -7.10 -1.66
N ASP B 431 35.59 -8.01 -2.45
CA ASP B 431 35.51 -7.98 -3.93
C ASP B 431 34.06 -8.18 -4.40
N GLY B 432 33.24 -8.89 -3.64
CA GLY B 432 31.80 -8.99 -3.97
C GLY B 432 31.07 -7.67 -3.81
N SER B 433 31.08 -7.12 -2.60
CA SER B 433 30.47 -5.83 -2.18
C SER B 433 30.88 -4.69 -3.08
N ALA B 434 32.11 -4.66 -3.56
CA ALA B 434 32.65 -3.48 -4.24
C ALA B 434 31.87 -3.26 -5.52
N ASN B 435 31.38 -4.31 -6.17
CA ASN B 435 30.70 -4.20 -7.49
C ASN B 435 29.35 -3.50 -7.37
N TYR B 436 28.71 -3.56 -6.21
CA TYR B 436 27.38 -2.93 -6.00
C TYR B 436 27.49 -1.39 -5.99
N GLY B 437 28.64 -0.81 -5.59
CA GLY B 437 28.77 0.66 -5.41
C GLY B 437 29.98 1.27 -6.10
N ILE B 438 30.47 0.65 -7.15
CA ILE B 438 31.83 0.91 -7.73
C ILE B 438 31.85 2.34 -8.29
N THR B 439 30.73 2.80 -8.85
CA THR B 439 30.65 4.11 -9.53
C THR B 439 30.87 5.26 -8.56
N ALA B 440 30.75 5.07 -7.24
CA ALA B 440 31.05 6.14 -6.27
C ALA B 440 32.52 6.57 -6.37
N LEU B 441 33.38 5.76 -6.98
CA LEU B 441 34.79 6.12 -7.15
C LEU B 441 34.88 7.36 -8.04
N TRP B 442 34.03 7.46 -9.06
CA TRP B 442 33.93 8.65 -9.95
C TRP B 442 33.71 9.92 -9.13
N SER B 443 32.77 9.87 -8.21
CA SER B 443 32.42 11.01 -7.34
C SER B 443 33.63 11.42 -6.53
N ALA B 444 34.37 10.47 -5.97
CA ALA B 444 35.59 10.74 -5.23
C ALA B 444 36.61 11.44 -6.13
N ALA B 445 36.71 10.98 -7.37
CA ALA B 445 37.71 11.53 -8.31
C ALA B 445 37.31 12.96 -8.64
N GLN B 446 36.09 13.16 -9.14
CA GLN B 446 35.54 14.49 -9.49
C GLN B 446 35.70 15.47 -8.33
N TYR B 447 35.35 15.12 -7.12
CA TYR B 447 35.25 16.12 -6.02
C TYR B 447 36.50 16.08 -5.18
N LYS B 448 37.51 15.30 -5.59
CA LYS B 448 38.87 15.32 -5.01
C LYS B 448 38.75 14.96 -3.52
N ILE B 449 38.12 13.82 -3.26
CA ILE B 449 37.76 13.37 -1.89
C ILE B 449 38.78 12.29 -1.52
N PRO B 450 39.70 12.59 -0.58
CA PRO B 450 40.86 11.75 -0.31
C PRO B 450 40.59 10.46 0.47
N VAL B 451 39.57 9.70 0.09
CA VAL B 451 39.30 8.35 0.68
C VAL B 451 40.44 7.40 0.35
N VAL B 452 40.68 6.45 1.23
CA VAL B 452 41.46 5.22 0.91
C VAL B 452 40.50 4.03 0.88
N ILE B 453 40.46 3.36 -0.26
CA ILE B 453 39.65 2.14 -0.46
C ILE B 453 40.57 0.91 -0.53
N ILE B 454 40.37 -0.05 0.36
CA ILE B 454 41.07 -1.34 0.36
C ILE B 454 40.07 -2.42 -0.05
N ILE B 455 40.25 -2.99 -1.23
CA ILE B 455 39.43 -4.14 -1.70
C ILE B 455 40.07 -5.39 -1.15
N LEU B 456 39.42 -6.16 -0.30
CA LEU B 456 39.87 -7.50 0.11
C LEU B 456 39.34 -8.46 -0.93
N ASN B 457 40.20 -8.86 -1.86
CA ASN B 457 39.84 -9.72 -3.02
C ASN B 457 40.24 -11.16 -2.75
N ASN B 458 39.27 -12.01 -2.40
CA ASN B 458 39.48 -13.47 -2.23
C ASN B 458 38.80 -14.25 -3.38
N GLY B 459 38.43 -13.58 -4.47
CA GLY B 459 37.91 -14.21 -5.69
C GLY B 459 36.50 -14.79 -5.57
N THR B 460 35.81 -14.54 -4.45
CA THR B 460 34.58 -15.24 -4.02
C THR B 460 33.66 -14.34 -3.18
N TYR B 461 32.38 -14.73 -3.08
CA TYR B 461 31.42 -14.30 -2.04
C TYR B 461 31.66 -15.16 -0.79
N GLY B 462 32.63 -14.76 0.03
CA GLY B 462 33.14 -15.59 1.14
C GLY B 462 32.07 -15.95 2.16
N ALA B 463 31.32 -14.98 2.67
CA ALA B 463 30.31 -15.19 3.74
C ALA B 463 29.17 -16.10 3.24
N LEU B 464 28.92 -16.17 1.93
CA LEU B 464 27.91 -17.09 1.30
C LEU B 464 28.45 -18.53 1.21
N ARG B 465 29.76 -18.71 1.11
CA ARG B 465 30.44 -20.03 1.28
C ARG B 465 30.36 -20.44 2.76
N GLY B 466 30.56 -19.50 3.71
CA GLY B 466 30.31 -19.65 5.16
C GLY B 466 28.90 -20.17 5.47
N PHE B 467 27.88 -19.66 4.78
CA PHE B 467 26.45 -20.01 4.93
C PHE B 467 26.13 -21.36 4.28
N SER B 468 26.74 -21.72 3.13
CA SER B 468 26.47 -22.99 2.41
C SER B 468 27.02 -24.20 3.19
N LYS B 469 27.76 -23.91 4.28
CA LYS B 469 28.28 -24.89 5.29
C LYS B 469 27.18 -25.07 6.38
N ILE B 470 26.73 -23.96 6.99
CA ILE B 470 25.67 -23.89 8.07
C ILE B 470 24.30 -24.37 7.52
N LEU B 471 23.99 -24.14 6.22
CA LEU B 471 22.66 -24.42 5.61
C LEU B 471 22.72 -25.73 4.80
N ASN B 472 23.90 -26.36 4.68
CA ASN B 472 24.10 -27.69 4.03
C ASN B 472 23.59 -27.63 2.57
N THR B 473 23.86 -26.53 1.86
CA THR B 473 23.40 -26.24 0.48
C THR B 473 24.48 -26.66 -0.53
N GLY B 474 25.76 -26.71 -0.10
CA GLY B 474 26.90 -27.27 -0.85
C GLY B 474 27.42 -26.33 -1.94
N GLU B 475 27.70 -26.88 -3.13
CA GLU B 475 28.24 -26.15 -4.31
C GLU B 475 27.07 -25.53 -5.09
N THR B 476 26.71 -24.28 -4.75
CA THR B 476 25.53 -23.49 -5.24
C THR B 476 26.00 -22.66 -6.44
N PRO B 477 25.19 -22.44 -7.53
CA PRO B 477 25.56 -21.49 -8.58
C PRO B 477 25.81 -20.07 -8.03
N GLY B 478 26.90 -19.44 -8.47
CA GLY B 478 27.18 -18.01 -8.28
C GLY B 478 27.82 -17.64 -6.94
N LEU B 479 28.66 -18.51 -6.36
CA LEU B 479 29.42 -18.17 -5.12
C LEU B 479 30.73 -17.46 -5.49
N ASP B 480 31.17 -17.57 -6.74
CA ASP B 480 32.53 -17.13 -7.17
C ASP B 480 32.46 -15.89 -8.07
N VAL B 481 33.31 -14.89 -7.80
CA VAL B 481 33.42 -13.66 -8.64
C VAL B 481 34.88 -13.52 -9.10
N PRO B 482 35.38 -14.50 -9.92
CA PRO B 482 36.71 -14.39 -10.52
C PRO B 482 36.70 -13.42 -11.73
N GLY B 483 37.89 -12.92 -12.10
CA GLY B 483 38.13 -12.18 -13.36
C GLY B 483 37.72 -10.72 -13.27
N ILE B 484 37.92 -10.09 -12.10
CA ILE B 484 37.68 -8.66 -11.83
C ILE B 484 39.00 -8.00 -11.45
N ASP B 485 39.41 -6.98 -12.20
CA ASP B 485 40.61 -6.15 -11.88
C ASP B 485 40.13 -4.79 -11.35
N PHE B 486 40.19 -4.61 -10.02
CA PHE B 486 39.70 -3.38 -9.34
C PHE B 486 40.61 -2.20 -9.64
N VAL B 487 41.88 -2.46 -9.97
CA VAL B 487 42.79 -1.35 -10.35
C VAL B 487 42.29 -0.78 -11.67
N HIS B 488 41.93 -1.62 -12.63
CA HIS B 488 41.34 -1.20 -13.93
C HIS B 488 40.05 -0.45 -13.66
N LEU B 489 39.21 -0.91 -12.74
CA LEU B 489 37.93 -0.24 -12.46
C LEU B 489 38.22 1.15 -11.88
N ALA B 490 39.10 1.25 -10.90
CA ALA B 490 39.50 2.55 -10.30
C ALA B 490 39.96 3.51 -11.38
N GLU B 491 40.82 3.08 -12.29
CA GLU B 491 41.45 3.99 -13.27
C GLU B 491 40.38 4.34 -14.29
N GLY B 492 39.47 3.41 -14.54
CA GLY B 492 38.27 3.67 -15.35
C GLY B 492 37.45 4.84 -14.84
N TYR B 493 37.40 5.08 -13.52
CA TYR B 493 36.61 6.16 -12.90
C TYR B 493 37.54 7.31 -12.48
N GLY B 494 38.83 7.23 -12.76
CA GLY B 494 39.73 8.37 -12.50
C GLY B 494 40.35 8.31 -11.12
N VAL B 495 40.26 7.16 -10.45
CA VAL B 495 41.04 6.93 -9.20
C VAL B 495 42.30 6.07 -9.43
N ARG B 496 43.39 6.51 -8.84
CA ARG B 496 44.73 5.88 -8.95
C ARG B 496 44.71 4.64 -8.05
N GLY B 497 45.09 3.47 -8.59
CA GLY B 497 45.10 2.21 -7.83
C GLY B 497 46.40 1.42 -7.94
N THR B 498 46.64 0.48 -7.03
CA THR B 498 47.69 -0.57 -7.12
C THR B 498 47.09 -1.89 -6.63
N ALA B 499 47.60 -3.03 -7.13
CA ALA B 499 47.37 -4.39 -6.58
C ALA B 499 48.62 -4.83 -5.79
N VAL B 500 48.42 -5.63 -4.77
CA VAL B 500 49.37 -5.83 -3.64
C VAL B 500 48.99 -7.19 -3.02
N ALA B 501 49.92 -8.02 -2.66
CA ALA B 501 49.70 -9.44 -2.29
C ALA B 501 50.65 -9.86 -1.16
N THR B 502 51.53 -8.98 -0.69
CA THR B 502 52.42 -9.26 0.47
C THR B 502 52.33 -8.10 1.45
N ALA B 503 52.64 -8.37 2.70
CA ALA B 503 52.69 -7.42 3.82
C ALA B 503 53.62 -6.26 3.46
N GLU B 504 54.79 -6.52 2.89
CA GLU B 504 55.81 -5.47 2.65
C GLU B 504 55.21 -4.49 1.62
N ASP B 505 54.63 -5.00 0.53
CA ASP B 505 54.05 -4.16 -0.55
C ASP B 505 52.79 -3.42 -0.06
N PHE B 506 51.98 -4.09 0.75
CA PHE B 506 50.81 -3.44 1.35
C PHE B 506 51.28 -2.27 2.24
N THR B 507 52.26 -2.50 3.15
CA THR B 507 52.68 -1.44 4.10
C THR B 507 53.13 -0.21 3.31
N THR B 508 53.79 -0.43 2.17
CA THR B 508 54.28 0.64 1.25
C THR B 508 53.09 1.39 0.61
N ALA B 509 52.22 0.67 -0.11
CA ALA B 509 51.06 1.21 -0.85
C ALA B 509 50.17 2.02 0.12
N PHE B 510 49.99 1.50 1.34
CA PHE B 510 49.14 2.11 2.37
C PHE B 510 49.79 3.40 2.88
N LYS B 511 51.09 3.41 3.23
CA LYS B 511 51.81 4.62 3.72
C LYS B 511 51.63 5.73 2.69
N SER B 512 51.69 5.35 1.42
CA SER B 512 51.57 6.22 0.23
C SER B 512 50.15 6.79 0.12
N ALA B 513 49.15 5.89 0.08
CA ALA B 513 47.71 6.20 0.01
C ALA B 513 47.31 7.16 1.13
N LEU B 514 47.80 7.01 2.37
CA LEU B 514 47.39 7.92 3.47
C LEU B 514 47.92 9.34 3.22
N ALA B 515 49.03 9.49 2.51
CA ALA B 515 49.63 10.82 2.23
C ALA B 515 48.84 11.54 1.12
N ALA B 516 48.08 10.83 0.29
CA ALA B 516 47.53 11.38 -0.98
C ALA B 516 46.40 12.40 -0.70
N ASP B 517 46.29 13.41 -1.57
CA ASP B 517 45.24 14.46 -1.52
C ASP B 517 44.09 14.02 -2.44
N ALA B 518 44.16 12.79 -2.95
CA ALA B 518 43.20 12.26 -3.92
C ALA B 518 42.76 10.86 -3.50
N PRO B 519 41.57 10.43 -3.95
CA PRO B 519 41.15 9.06 -3.75
C PRO B 519 42.26 8.13 -4.27
N THR B 520 42.46 7.04 -3.53
CA THR B 520 43.39 5.94 -3.83
C THR B 520 42.71 4.62 -3.54
N LEU B 521 42.96 3.61 -4.37
CA LEU B 521 42.43 2.24 -4.14
C LEU B 521 43.62 1.26 -4.06
N ILE B 522 43.67 0.39 -3.07
CA ILE B 522 44.61 -0.74 -2.97
C ILE B 522 43.83 -2.04 -3.10
N GLU B 523 44.14 -2.89 -4.07
CA GLU B 523 43.49 -4.23 -4.17
C GLU B 523 44.42 -5.18 -3.46
N VAL B 524 44.03 -5.69 -2.30
CA VAL B 524 44.79 -6.72 -1.56
C VAL B 524 44.30 -8.08 -1.99
N ARG B 525 45.20 -8.97 -2.40
CA ARG B 525 44.89 -10.41 -2.58
C ARG B 525 44.82 -11.06 -1.20
N THR B 526 43.64 -11.60 -0.83
CA THR B 526 43.39 -12.24 0.49
C THR B 526 43.11 -13.73 0.33
N ASN B 527 43.26 -14.49 1.43
CA ASN B 527 43.04 -15.96 1.45
C ASN B 527 41.71 -16.24 2.15
N PHE B 528 40.91 -17.11 1.55
CA PHE B 528 39.62 -17.60 2.10
C PHE B 528 39.84 -19.04 2.59
N ASP B 529 39.61 -19.30 3.88
CA ASP B 529 39.53 -20.65 4.53
C ASP B 529 38.34 -21.44 3.92
N GLU B 530 38.62 -22.48 3.10
CA GLU B 530 37.60 -23.25 2.31
C GLU B 530 37.16 -24.54 3.03
N SER B 531 38.10 -25.21 3.70
CA SER B 531 37.87 -26.50 4.41
C SER B 531 37.28 -26.21 5.80
N PHE C 1 8.32 -32.53 26.41
CA PHE C 1 7.62 -32.11 27.65
C PHE C 1 6.08 -32.20 27.45
N GLN C 2 5.38 -32.15 28.59
CA GLN C 2 3.92 -32.22 28.79
C GLN C 2 3.42 -30.81 29.14
N GLY C 3 4.26 -29.77 29.00
CA GLY C 3 3.96 -28.34 29.17
C GLY C 3 3.50 -27.72 27.85
N MET C 4 3.29 -28.56 26.81
CA MET C 4 2.62 -28.29 25.50
C MET C 4 1.38 -27.40 25.65
N ALA C 5 1.40 -26.19 25.10
CA ALA C 5 0.29 -25.20 25.17
C ALA C 5 -0.08 -24.85 23.73
N THR C 6 -1.33 -24.49 23.41
CA THR C 6 -1.72 -24.03 22.04
C THR C 6 -1.60 -22.51 21.93
N VAL C 7 -1.62 -22.02 20.69
CA VAL C 7 -1.49 -20.58 20.39
C VAL C 7 -2.64 -19.83 21.08
N SER C 8 -3.84 -20.43 21.08
CA SER C 8 -5.05 -19.97 21.80
C SER C 8 -4.75 -19.86 23.32
N GLU C 9 -4.16 -20.89 23.95
CA GLU C 9 -3.98 -20.88 25.42
C GLU C 9 -3.01 -19.76 25.80
N VAL C 10 -1.99 -19.55 24.99
CA VAL C 10 -0.94 -18.55 25.33
C VAL C 10 -1.48 -17.14 25.08
N THR C 11 -2.20 -16.98 23.97
CA THR C 11 -2.82 -15.68 23.56
C THR C 11 -3.74 -15.20 24.69
N TYR C 12 -4.64 -16.07 25.18
CA TYR C 12 -5.60 -15.77 26.29
C TYR C 12 -4.84 -15.50 27.59
N GLU C 13 -3.77 -16.22 27.88
CA GLU C 13 -3.00 -15.95 29.13
C GLU C 13 -2.40 -14.54 29.04
N LEU C 14 -2.10 -14.13 27.82
CA LEU C 14 -1.41 -12.85 27.54
C LEU C 14 -2.43 -11.72 27.62
N LEU C 15 -3.58 -11.86 26.96
CA LEU C 15 -4.64 -10.81 26.99
C LEU C 15 -5.01 -10.56 28.45
N ARG C 16 -5.10 -11.61 29.29
CA ARG C 16 -5.45 -11.47 30.73
C ARG C 16 -4.35 -10.68 31.42
N ALA C 17 -3.09 -11.03 31.13
CA ALA C 17 -1.89 -10.42 31.73
C ALA C 17 -1.91 -8.92 31.49
N ARG C 18 -2.43 -8.50 30.33
CA ARG C 18 -2.47 -7.09 29.84
C ARG C 18 -3.80 -6.38 30.12
N GLY C 19 -4.72 -6.98 30.88
CA GLY C 19 -6.02 -6.38 31.25
C GLY C 19 -7.06 -6.40 30.14
N LEU C 20 -6.83 -7.02 28.98
CA LEU C 20 -7.82 -7.09 27.84
C LEU C 20 -8.81 -8.23 28.04
N THR C 21 -9.57 -8.21 29.14
CA THR C 21 -10.55 -9.25 29.51
C THR C 21 -11.97 -8.89 29.03
N THR C 22 -12.15 -7.76 28.35
CA THR C 22 -13.43 -7.38 27.73
C THR C 22 -13.26 -7.36 26.22
N VAL C 23 -14.03 -8.14 25.51
CA VAL C 23 -13.84 -8.34 24.04
C VAL C 23 -15.13 -7.87 23.31
N PHE C 24 -15.01 -6.95 22.37
CA PHE C 24 -16.16 -6.45 21.58
C PHE C 24 -16.12 -7.17 20.24
N GLY C 25 -17.22 -7.72 19.74
CA GLY C 25 -17.13 -8.59 18.56
C GLY C 25 -18.43 -8.64 17.78
N ASN C 26 -18.34 -8.93 16.49
CA ASN C 26 -19.41 -9.52 15.69
C ASN C 26 -18.80 -10.75 15.01
N PRO C 27 -19.30 -11.95 15.33
CA PRO C 27 -18.64 -13.20 14.97
C PRO C 27 -18.91 -13.75 13.58
N GLY C 28 -18.10 -14.74 13.15
CA GLY C 28 -18.15 -15.39 11.83
C GLY C 28 -17.44 -16.75 11.80
N SEP C 29 -17.64 -17.47 10.69
CA SEP C 29 -17.01 -18.72 10.34
CB SEP C 29 -17.12 -19.04 8.78
OG SEP C 29 -17.45 -17.82 7.87
C SEP C 29 -15.58 -18.75 10.90
O SEP C 29 -15.25 -19.57 11.75
P SEP C 29 -19.03 -17.15 7.48
O1P SEP C 29 -19.74 -16.95 8.82
O2P SEP C 29 -18.85 -15.81 6.81
O3P SEP C 29 -19.78 -18.09 6.58
N ASN C 30 -14.77 -17.75 10.56
CA ASN C 30 -13.33 -17.73 10.80
C ASN C 30 -12.93 -17.30 12.23
N GLU C 31 -13.84 -16.97 13.15
CA GLU C 31 -13.50 -16.50 14.53
C GLU C 31 -14.01 -17.47 15.60
N LEU C 32 -14.82 -18.46 15.25
CA LEU C 32 -15.35 -19.41 16.25
C LEU C 32 -14.17 -20.10 16.92
N PRO C 33 -13.12 -20.60 16.21
CA PRO C 33 -11.97 -21.26 16.86
C PRO C 33 -11.20 -20.38 17.88
N PHE C 34 -11.21 -19.07 17.70
CA PHE C 34 -10.65 -18.13 18.71
C PHE C 34 -11.58 -18.08 19.93
N LEU C 35 -12.87 -17.87 19.66
CA LEU C 35 -13.86 -17.57 20.72
C LEU C 35 -14.09 -18.83 21.57
N SER C 36 -13.89 -20.02 21.01
CA SER C 36 -14.21 -21.30 21.69
C SER C 36 -13.31 -21.47 22.93
N GLY C 37 -12.07 -20.98 22.87
CA GLY C 37 -11.06 -21.14 23.92
C GLY C 37 -11.10 -20.01 24.92
N MET C 38 -12.08 -19.11 24.78
CA MET C 38 -12.23 -17.93 25.68
C MET C 38 -12.50 -18.42 27.10
N PRO C 39 -11.75 -17.95 28.12
CA PRO C 39 -12.04 -18.29 29.52
C PRO C 39 -13.32 -17.69 30.12
N ASP C 40 -13.62 -18.04 31.37
CA ASP C 40 -14.82 -17.59 32.12
C ASP C 40 -14.65 -16.18 32.68
N ASP C 41 -13.43 -15.73 33.02
CA ASP C 41 -13.21 -14.38 33.59
C ASP C 41 -13.30 -13.30 32.48
N PHE C 42 -13.44 -13.68 31.21
CA PHE C 42 -13.53 -12.76 30.05
C PHE C 42 -15.01 -12.53 29.70
N ARG C 43 -15.36 -11.32 29.27
CA ARG C 43 -16.74 -11.01 28.81
C ARG C 43 -16.71 -10.62 27.35
N TYR C 44 -17.56 -11.22 26.55
CA TYR C 44 -17.74 -10.89 25.12
C TYR C 44 -18.93 -9.94 25.01
N VAL C 45 -18.78 -8.84 24.28
CA VAL C 45 -19.88 -7.89 24.06
C VAL C 45 -20.23 -7.89 22.57
N LEU C 46 -21.32 -8.51 22.22
CA LEU C 46 -21.74 -8.62 20.80
C LEU C 46 -22.37 -7.29 20.35
N GLY C 47 -22.02 -6.85 19.15
CA GLY C 47 -22.70 -5.77 18.40
C GLY C 47 -23.18 -6.31 17.07
N LEU C 48 -24.34 -5.84 16.57
CA LEU C 48 -25.00 -6.46 15.39
C LEU C 48 -24.35 -6.00 14.08
N HIS C 49 -23.34 -5.14 14.18
CA HIS C 49 -22.76 -4.35 13.08
C HIS C 49 -21.37 -3.93 13.55
N GLU C 50 -20.38 -4.02 12.68
CA GLU C 50 -18.95 -3.95 13.10
C GLU C 50 -18.59 -2.52 13.46
N GLY C 51 -19.20 -1.54 12.78
CA GLY C 51 -18.99 -0.12 13.10
C GLY C 51 -19.46 0.22 14.51
N ALA C 52 -20.59 -0.34 14.90
CA ALA C 52 -21.10 -0.23 16.28
C ALA C 52 -20.14 -0.92 17.24
N VAL C 53 -19.74 -2.16 16.93
CA VAL C 53 -18.78 -2.92 17.77
C VAL C 53 -17.57 -2.04 18.07
N LEU C 54 -17.06 -1.45 17.02
CA LEU C 54 -15.74 -0.84 17.13
C LEU C 54 -15.89 0.50 17.83
N SER C 55 -16.94 1.25 17.53
CA SER C 55 -17.25 2.52 18.24
C SER C 55 -17.56 2.26 19.72
N MET C 56 -18.26 1.17 20.07
CA MET C 56 -18.47 0.75 21.48
C MET C 56 -17.10 0.53 22.14
N ALA C 57 -16.19 -0.18 21.45
CA ALA C 57 -14.85 -0.49 21.96
C ALA C 57 -14.14 0.82 22.20
N ASP C 58 -14.31 1.77 21.27
CA ASP C 58 -13.64 3.09 21.33
C ASP C 58 -14.11 3.80 22.60
N GLY C 59 -15.42 3.88 22.82
CA GLY C 59 -15.95 4.55 24.01
C GLY C 59 -15.42 3.91 25.26
N TYR C 60 -15.39 2.59 25.28
CA TYR C 60 -14.92 1.83 26.46
C TYR C 60 -13.46 2.22 26.75
N SER C 61 -12.69 2.31 25.68
CA SER C 61 -11.26 2.65 25.75
C SER C 61 -11.05 4.08 26.25
N LEU C 62 -11.83 5.02 25.75
CA LEU C 62 -11.66 6.45 26.08
C LEU C 62 -11.89 6.69 27.58
N VAL C 63 -12.83 5.98 28.16
CA VAL C 63 -13.14 6.21 29.58
C VAL C 63 -12.04 5.62 30.43
N THR C 64 -11.57 4.41 30.10
CA THR C 64 -10.64 3.62 30.93
C THR C 64 -9.20 4.11 30.70
N GLY C 65 -8.85 4.50 29.48
CA GLY C 65 -7.47 4.83 29.11
C GLY C 65 -6.74 3.59 28.64
N GLU C 66 -7.30 2.42 28.84
CA GLU C 66 -6.61 1.11 28.65
C GLU C 66 -6.77 0.64 27.21
N ALA C 67 -5.83 -0.19 26.73
CA ALA C 67 -5.94 -0.90 25.43
C ALA C 67 -7.20 -1.75 25.47
N THR C 68 -7.87 -2.01 24.35
CA THR C 68 -9.17 -2.74 24.32
C THR C 68 -9.27 -3.67 23.13
N LEU C 69 -9.82 -4.86 23.31
CA LEU C 69 -9.73 -5.90 22.25
C LEU C 69 -11.02 -5.90 21.43
N VAL C 70 -10.88 -5.95 20.13
CA VAL C 70 -12.03 -6.07 19.19
C VAL C 70 -11.81 -7.35 18.38
N ASN C 71 -12.85 -8.09 18.01
CA ASN C 71 -12.69 -9.31 17.18
C ASN C 71 -13.73 -9.26 16.05
N LEU C 72 -13.30 -9.16 14.81
CA LEU C 72 -14.19 -8.94 13.65
C LEU C 72 -14.03 -10.10 12.68
N HIS C 73 -14.90 -10.11 11.68
CA HIS C 73 -15.04 -11.22 10.71
C HIS C 73 -14.41 -10.86 9.36
N ALA C 74 -13.22 -11.39 9.06
CA ALA C 74 -12.64 -11.45 7.69
C ALA C 74 -12.57 -10.04 7.09
N ALA C 75 -12.73 -9.92 5.77
CA ALA C 75 -12.64 -8.64 5.01
C ALA C 75 -13.95 -7.83 5.12
N SER C 76 -15.10 -8.50 5.03
CA SER C 76 -16.46 -7.87 5.06
C SER C 76 -16.72 -7.21 6.42
N GLY C 77 -16.40 -7.91 7.51
CA GLY C 77 -16.49 -7.40 8.91
C GLY C 77 -15.48 -6.29 9.20
N SER C 78 -14.21 -6.46 8.78
CA SER C 78 -13.13 -5.45 8.97
C SER C 78 -13.46 -4.17 8.20
N GLY C 79 -13.85 -4.30 6.93
CA GLY C 79 -14.23 -3.19 6.04
C GLY C 79 -15.36 -2.35 6.65
N ASN C 80 -16.40 -2.99 7.21
CA ASN C 80 -17.56 -2.30 7.84
C ASN C 80 -17.08 -1.38 8.99
N ALA C 81 -15.86 -1.59 9.53
CA ALA C 81 -15.31 -0.86 10.70
C ALA C 81 -14.31 0.26 10.31
N MET C 82 -13.97 0.42 9.05
CA MET C 82 -12.97 1.41 8.59
C MET C 82 -13.39 2.83 8.96
N GLY C 83 -14.66 3.16 8.76
CA GLY C 83 -15.20 4.49 9.12
C GLY C 83 -14.97 4.78 10.58
N ALA C 84 -15.38 3.86 11.45
CA ALA C 84 -15.27 4.03 12.91
C ALA C 84 -13.81 4.20 13.29
N LEU C 85 -12.93 3.45 12.64
CA LEU C 85 -11.48 3.37 12.95
C LEU C 85 -10.82 4.73 12.75
N THR C 86 -11.31 5.56 11.83
CA THR C 86 -10.80 6.93 11.61
C THR C 86 -10.88 7.72 12.93
N ASN C 87 -11.98 7.58 13.68
CA ASN C 87 -12.16 8.35 14.92
C ASN C 87 -11.07 7.91 15.90
N SER C 88 -10.77 6.60 15.93
CA SER C 88 -9.78 5.99 16.85
C SER C 88 -8.38 6.60 16.63
N VAL C 89 -8.05 6.86 15.36
CA VAL C 89 -6.76 7.47 14.98
C VAL C 89 -6.65 8.84 15.64
N TYR C 90 -7.61 9.72 15.43
CA TYR C 90 -7.51 11.14 15.88
C TYR C 90 -7.79 11.24 17.37
N SER C 91 -8.41 10.25 18.00
CA SER C 91 -8.65 10.23 19.45
C SER C 91 -7.50 9.51 20.19
N HIS C 92 -6.51 9.01 19.45
CA HIS C 92 -5.33 8.30 20.00
C HIS C 92 -5.83 7.19 20.91
N SER C 93 -6.69 6.35 20.35
CA SER C 93 -7.36 5.24 21.07
C SER C 93 -6.65 3.93 20.79
N PRO C 94 -6.11 3.27 21.84
CA PRO C 94 -5.38 2.02 21.69
C PRO C 94 -6.24 0.79 21.46
N LEU C 95 -7.09 0.77 20.44
CA LEU C 95 -7.85 -0.44 20.05
C LEU C 95 -6.89 -1.45 19.44
N VAL C 96 -7.02 -2.70 19.86
CA VAL C 96 -6.29 -3.85 19.25
C VAL C 96 -7.33 -4.65 18.46
N VAL C 97 -7.34 -4.53 17.16
CA VAL C 97 -8.42 -5.14 16.36
C VAL C 97 -7.87 -6.43 15.75
N THR C 98 -8.36 -7.59 16.18
CA THR C 98 -8.06 -8.89 15.55
C THR C 98 -9.20 -9.27 14.58
N ALA C 99 -8.85 -9.86 13.45
CA ALA C 99 -9.82 -10.34 12.45
C ALA C 99 -9.55 -11.83 12.19
N GLY C 100 -10.58 -12.64 12.13
CA GLY C 100 -10.49 -14.02 11.61
C GLY C 100 -10.08 -14.03 10.15
N GLN C 101 -9.26 -14.99 9.78
CA GLN C 101 -8.88 -15.22 8.37
C GLN C 101 -9.15 -16.69 8.07
N GLN C 102 -9.31 -17.01 6.80
CA GLN C 102 -9.63 -18.36 6.29
C GLN C 102 -8.43 -19.28 6.56
N VAL C 103 -8.60 -20.59 6.47
CA VAL C 103 -7.51 -21.55 6.73
C VAL C 103 -6.29 -21.14 5.91
N ARG C 104 -5.11 -21.19 6.50
CA ARG C 104 -3.84 -20.60 5.99
C ARG C 104 -3.52 -21.18 4.60
N SER C 105 -3.64 -22.49 4.38
CA SER C 105 -3.36 -23.13 3.06
C SER C 105 -4.31 -22.64 1.94
N THR C 106 -5.49 -22.10 2.24
CA THR C 106 -6.56 -21.82 1.23
C THR C 106 -6.66 -20.32 0.84
N ILE C 107 -5.95 -19.40 1.52
CA ILE C 107 -6.09 -17.93 1.27
C ILE C 107 -5.69 -17.61 -0.18
N GLY C 108 -4.62 -18.20 -0.70
CA GLY C 108 -4.08 -17.92 -2.04
C GLY C 108 -5.08 -18.16 -3.16
N GLN C 109 -5.84 -19.28 -3.10
CA GLN C 109 -6.92 -19.66 -4.05
C GLN C 109 -8.12 -18.70 -3.97
N GLU C 110 -8.13 -17.77 -2.99
CA GLU C 110 -9.21 -16.82 -2.64
C GLU C 110 -10.52 -17.61 -2.54
N VAL C 111 -10.58 -18.55 -1.62
CA VAL C 111 -11.85 -19.25 -1.26
C VAL C 111 -12.74 -18.23 -0.53
N MET C 112 -14.01 -18.57 -0.35
CA MET C 112 -15.06 -17.72 0.28
C MET C 112 -14.56 -17.25 1.65
N LEU C 113 -14.61 -15.94 1.93
CA LEU C 113 -14.25 -15.27 3.21
C LEU C 113 -12.73 -15.26 3.47
N SER C 114 -11.93 -15.36 2.39
CA SER C 114 -10.51 -14.90 2.29
C SER C 114 -10.48 -13.37 2.33
N ASN C 115 -9.63 -12.83 3.23
CA ASN C 115 -9.13 -11.43 3.25
C ASN C 115 -7.85 -11.41 2.39
N VAL C 116 -7.93 -10.85 1.19
CA VAL C 116 -6.78 -10.78 0.21
C VAL C 116 -5.94 -9.54 0.55
N ASP C 117 -4.70 -9.70 1.04
CA ASP C 117 -3.80 -8.61 1.50
C ASP C 117 -4.42 -7.97 2.75
N ALA C 118 -4.45 -8.70 3.86
CA ALA C 118 -5.14 -8.24 5.09
C ALA C 118 -4.40 -7.01 5.68
N GLY C 119 -3.06 -7.03 5.61
CA GLY C 119 -2.15 -5.92 5.98
C GLY C 119 -2.44 -4.62 5.24
N THR C 120 -2.85 -4.69 3.97
CA THR C 120 -3.20 -3.52 3.11
C THR C 120 -4.60 -2.98 3.47
N LEU C 121 -5.58 -3.86 3.72
CA LEU C 121 -7.01 -3.48 3.87
C LEU C 121 -7.15 -2.25 4.79
N MET C 122 -6.54 -2.29 5.98
CA MET C 122 -6.77 -1.31 7.08
C MET C 122 -5.78 -0.15 7.05
N LYS C 123 -4.73 -0.20 6.23
CA LYS C 123 -3.91 1.00 5.89
C LYS C 123 -4.76 1.95 5.04
N PRO C 124 -4.62 3.29 5.23
CA PRO C 124 -3.56 3.90 6.04
C PRO C 124 -3.93 4.29 7.48
N LEU C 125 -4.96 3.68 8.05
CA LEU C 125 -5.58 4.17 9.31
C LEU C 125 -4.73 3.76 10.51
N VAL C 126 -4.92 2.53 10.95
CA VAL C 126 -4.11 1.79 11.95
C VAL C 126 -2.64 2.20 11.89
N LYS C 127 -1.99 2.41 13.05
CA LYS C 127 -0.54 2.67 13.18
C LYS C 127 0.29 1.50 12.65
N TRP C 128 -0.23 0.30 12.81
CA TRP C 128 0.54 -0.94 12.61
C TRP C 128 -0.41 -2.08 12.29
N SER C 129 -0.04 -2.95 11.35
CA SER C 129 -0.90 -4.10 10.98
C SER C 129 -0.03 -5.29 10.59
N SER C 130 -0.45 -6.51 10.94
CA SER C 130 0.30 -7.76 10.66
C SER C 130 -0.67 -8.86 10.27
N GLU C 131 -0.36 -9.63 9.23
CA GLU C 131 -0.83 -11.03 9.14
C GLU C 131 0.37 -11.90 9.50
N PRO C 132 0.50 -12.46 10.73
CA PRO C 132 1.70 -13.22 11.09
C PRO C 132 2.04 -14.28 10.02
N THR C 133 3.33 -14.53 9.80
CA THR C 133 3.78 -15.41 8.70
C THR C 133 3.56 -16.90 9.04
N CYS C 134 3.27 -17.23 10.30
CA CYS C 134 2.94 -18.61 10.75
C CYS C 134 2.18 -18.58 12.08
N ALA C 135 1.53 -19.68 12.43
CA ALA C 135 0.82 -19.87 13.70
C ALA C 135 1.75 -19.55 14.88
N GLU C 136 3.01 -19.99 14.83
CA GLU C 136 3.95 -19.86 15.97
C GLU C 136 4.06 -18.40 16.39
N ASP C 137 4.05 -17.52 15.40
CA ASP C 137 4.32 -16.08 15.66
C ASP C 137 3.03 -15.35 16.08
N VAL C 138 1.91 -16.03 16.29
CA VAL C 138 0.66 -15.32 16.57
C VAL C 138 0.75 -14.69 17.96
N PRO C 139 1.17 -15.38 19.03
CA PRO C 139 1.29 -14.72 20.34
C PRO C 139 2.20 -13.48 20.34
N ARG C 140 3.37 -13.53 19.75
CA ARG C 140 4.31 -12.36 19.82
C ARG C 140 3.74 -11.22 18.97
N THR C 141 3.17 -11.53 17.81
CA THR C 141 2.50 -10.51 16.96
C THR C 141 1.45 -9.77 17.81
N ILE C 142 0.67 -10.47 18.62
CA ILE C 142 -0.36 -9.85 19.48
C ILE C 142 0.33 -9.10 20.62
N ASN C 143 1.37 -9.63 21.21
CA ASN C 143 2.15 -8.85 22.21
C ASN C 143 2.60 -7.54 21.58
N GLN C 144 3.21 -7.60 20.39
CA GLN C 144 3.75 -6.39 19.70
C GLN C 144 2.58 -5.42 19.41
N ALA C 145 1.47 -5.93 18.88
CA ALA C 145 0.24 -5.17 18.62
C ALA C 145 -0.13 -4.36 19.86
N ILE C 146 -0.13 -4.98 21.05
CA ILE C 146 -0.64 -4.29 22.27
C ILE C 146 0.37 -3.22 22.66
N HIS C 147 1.65 -3.52 22.68
CA HIS C 147 2.67 -2.53 23.15
C HIS C 147 2.63 -1.31 22.23
N THR C 148 2.55 -1.59 20.94
CA THR C 148 2.49 -0.60 19.83
C THR C 148 1.24 0.27 20.05
N ALA C 149 0.07 -0.30 20.25
CA ALA C 149 -1.16 0.49 20.49
C ALA C 149 -0.98 1.50 21.64
N LEU C 150 -0.21 1.19 22.69
CA LEU C 150 -0.07 2.02 23.92
C LEU C 150 1.15 2.92 23.85
N LEU C 151 1.86 2.88 22.74
CA LEU C 151 3.13 3.64 22.62
C LEU C 151 2.80 5.03 22.09
N PRO C 152 3.19 6.13 22.78
CA PRO C 152 3.12 7.46 22.19
C PRO C 152 3.59 7.37 20.74
N ALA C 153 2.78 7.85 19.77
CA ALA C 153 1.44 8.38 19.94
C ALA C 153 0.40 7.26 19.83
N LYS C 154 -0.43 7.10 20.86
CA LYS C 154 -1.30 5.91 20.99
C LYS C 154 -2.19 5.77 19.74
N GLY C 155 -2.69 4.58 19.45
CA GLY C 155 -3.56 4.39 18.27
C GLY C 155 -3.90 2.94 17.97
N PRO C 156 -4.82 2.75 17.03
CA PRO C 156 -5.29 1.41 16.69
C PRO C 156 -4.34 0.58 15.82
N VAL C 157 -4.40 -0.73 16.04
CA VAL C 157 -3.50 -1.75 15.42
C VAL C 157 -4.40 -2.90 14.92
N TYR C 158 -3.98 -3.63 13.90
CA TYR C 158 -4.80 -4.69 13.30
C TYR C 158 -3.95 -5.94 13.12
N VAL C 159 -4.50 -7.09 13.47
CA VAL C 159 -3.83 -8.40 13.38
C VAL C 159 -4.83 -9.35 12.74
N SER C 160 -4.51 -9.95 11.58
CA SER C 160 -5.40 -10.92 10.90
C SER C 160 -4.85 -12.31 11.21
N VAL C 161 -5.61 -13.21 11.82
CA VAL C 161 -5.11 -14.56 12.22
C VAL C 161 -5.95 -15.64 11.53
N PRO C 162 -5.31 -16.50 10.68
CA PRO C 162 -5.98 -17.65 10.08
C PRO C 162 -6.50 -18.57 11.19
N TYR C 163 -7.71 -19.10 11.02
CA TYR C 163 -8.43 -19.66 12.18
C TYR C 163 -7.73 -20.95 12.62
N ASP C 164 -7.06 -21.64 11.71
CA ASP C 164 -6.35 -22.90 12.00
C ASP C 164 -5.11 -22.62 12.87
N ASP C 165 -4.70 -21.37 13.05
CA ASP C 165 -3.47 -21.04 13.80
C ASP C 165 -3.71 -21.26 15.30
N TRP C 166 -4.96 -21.10 15.76
CA TRP C 166 -5.27 -21.09 17.22
C TRP C 166 -4.97 -22.45 17.84
N ALA C 167 -5.14 -23.51 17.06
CA ALA C 167 -5.03 -24.92 17.46
C ALA C 167 -3.57 -25.37 17.37
N ALA C 168 -2.70 -24.63 16.67
CA ALA C 168 -1.28 -25.03 16.50
C ALA C 168 -0.55 -24.99 17.84
N GLU C 169 0.52 -25.80 17.96
CA GLU C 169 1.36 -25.82 19.19
C GLU C 169 2.04 -24.44 19.30
N ALA C 170 2.02 -23.83 20.48
CA ALA C 170 2.68 -22.54 20.76
C ALA C 170 4.18 -22.76 20.91
N PRO C 171 5.03 -21.75 20.56
CA PRO C 171 6.46 -21.85 20.71
C PRO C 171 6.93 -21.97 22.16
N PRO C 172 8.00 -22.77 22.37
CA PRO C 172 8.58 -22.94 23.71
C PRO C 172 8.75 -21.69 24.59
N GLU C 173 9.19 -20.56 24.02
CA GLU C 173 9.79 -19.43 24.78
C GLU C 173 8.75 -18.35 25.13
N SER C 174 7.57 -18.77 25.60
CA SER C 174 6.32 -17.95 25.65
C SER C 174 6.02 -17.46 27.08
N ALA C 175 6.58 -18.05 28.13
CA ALA C 175 6.54 -17.49 29.51
C ALA C 175 7.25 -16.13 29.52
N GLY C 176 8.27 -16.03 28.64
CA GLY C 176 9.04 -14.82 28.26
C GLY C 176 8.14 -13.66 27.84
N LEU C 177 7.21 -13.89 26.89
CA LEU C 177 6.22 -12.89 26.39
C LEU C 177 5.44 -12.25 27.56
N LEU C 178 4.82 -13.03 28.44
CA LEU C 178 4.00 -12.52 29.57
C LEU C 178 4.78 -11.47 30.36
N ALA C 179 6.04 -11.78 30.70
CA ALA C 179 6.94 -11.03 31.60
C ALA C 179 7.21 -9.63 31.02
N ARG C 180 7.04 -9.47 29.69
CA ARG C 180 7.37 -8.25 28.92
C ARG C 180 6.56 -7.07 29.46
N GLU C 181 7.26 -5.96 29.69
CA GLU C 181 6.76 -4.59 29.86
C GLU C 181 7.47 -3.70 28.83
N VAL C 182 6.85 -2.59 28.44
CA VAL C 182 7.43 -1.48 27.63
C VAL C 182 7.09 -0.18 28.34
N HIS C 183 8.05 0.61 28.79
CA HIS C 183 7.83 1.93 29.42
C HIS C 183 8.21 3.05 28.45
N SER C 184 7.44 4.15 28.37
CA SER C 184 7.86 5.41 27.68
C SER C 184 8.46 6.38 28.68
N ALA C 185 9.62 6.98 28.37
CA ALA C 185 10.10 8.22 29.03
C ALA C 185 8.87 9.08 29.34
N ALA C 186 8.57 9.28 30.64
CA ALA C 186 7.46 10.14 31.15
C ALA C 186 8.03 11.48 31.64
N SER C 187 9.00 12.08 30.92
CA SER C 187 9.48 13.48 31.09
C SER C 187 10.49 13.91 30.00
N LEU C 188 11.00 15.14 30.18
CA LEU C 188 11.84 15.95 29.23
C LEU C 188 12.92 16.72 30.02
N SER C 189 14.04 17.05 29.35
CA SER C 189 15.27 17.63 29.95
C SER C 189 14.92 18.75 30.93
N GLY C 190 15.67 18.86 32.02
CA GLY C 190 15.67 19.98 32.97
C GLY C 190 16.02 21.29 32.30
N ASP C 191 16.95 21.28 31.35
CA ASP C 191 17.38 22.47 30.56
C ASP C 191 16.14 22.98 29.81
N GLN C 192 15.47 22.09 29.06
CA GLN C 192 14.32 22.40 28.17
C GLN C 192 13.13 22.96 28.98
N ILE C 193 12.95 22.56 30.25
CA ILE C 193 11.90 23.14 31.16
C ILE C 193 12.21 24.62 31.34
N ASN C 194 13.42 24.98 31.77
CA ASN C 194 13.75 26.38 32.19
C ASN C 194 13.48 27.32 31.00
N ASP C 195 13.61 26.86 29.75
CA ASP C 195 13.24 27.63 28.52
C ASP C 195 11.72 27.85 28.50
N LEU C 196 10.91 26.79 28.68
CA LEU C 196 9.43 26.87 28.77
C LEU C 196 9.06 27.86 29.87
N ILE C 197 9.63 27.74 31.09
CA ILE C 197 9.16 28.57 32.24
C ILE C 197 9.63 30.02 32.02
N GLU C 198 10.82 30.26 31.50
CA GLU C 198 11.26 31.64 31.16
C GLU C 198 10.24 32.22 30.18
N THR C 199 9.95 31.56 29.06
CA THR C 199 9.03 32.06 28.02
C THR C 199 7.65 32.37 28.62
N LEU C 200 7.20 31.56 29.58
CA LEU C 200 5.86 31.68 30.21
C LEU C 200 5.85 32.88 31.16
N GLU C 201 6.82 32.98 32.08
CA GLU C 201 6.91 34.11 33.04
C GLU C 201 7.25 35.41 32.31
N SER C 202 7.91 35.32 31.13
CA SER C 202 8.20 36.43 30.18
C SER C 202 6.91 37.13 29.73
N ALA C 203 5.95 36.33 29.27
CA ALA C 203 4.83 36.82 28.43
C ALA C 203 4.03 37.84 29.21
N THR C 204 3.71 38.97 28.58
CA THR C 204 2.96 40.09 29.18
C THR C 204 1.46 39.71 29.23
N ASN C 205 0.99 38.90 28.27
CA ASN C 205 -0.43 38.51 28.13
C ASN C 205 -0.57 37.15 27.43
N PRO C 206 -0.26 36.01 28.10
CA PRO C 206 -0.27 34.69 27.48
C PRO C 206 -1.65 34.04 27.50
N VAL C 207 -1.88 33.05 26.64
CA VAL C 207 -3.17 32.29 26.56
C VAL C 207 -2.83 30.80 26.44
N LEU C 208 -3.56 29.95 27.16
CA LEU C 208 -3.46 28.49 27.06
C LEU C 208 -4.53 28.01 26.08
N VAL C 209 -4.14 27.20 25.11
CA VAL C 209 -5.12 26.52 24.22
C VAL C 209 -4.94 25.03 24.49
N LEU C 210 -6.00 24.31 24.86
CA LEU C 210 -5.88 22.95 25.43
C LEU C 210 -6.60 21.96 24.52
N GLY C 211 -6.00 20.79 24.35
CA GLY C 211 -6.52 19.75 23.46
C GLY C 211 -6.82 18.47 24.23
N PRO C 212 -7.29 17.45 23.49
CA PRO C 212 -7.86 16.26 24.09
C PRO C 212 -6.82 15.58 24.96
N ALA C 213 -5.55 15.63 24.55
CA ALA C 213 -4.50 14.84 25.25
C ALA C 213 -4.35 15.33 26.69
N VAL C 214 -4.77 16.53 27.04
CA VAL C 214 -4.78 16.97 28.46
C VAL C 214 -5.78 16.11 29.21
N ASP C 215 -6.99 15.90 28.66
CA ASP C 215 -8.03 15.07 29.31
C ASP C 215 -7.55 13.62 29.33
N ALA C 216 -7.13 13.07 28.20
CA ALA C 216 -6.55 11.69 28.11
C ALA C 216 -5.50 11.43 29.20
N ASP C 217 -4.62 12.39 29.52
CA ASP C 217 -3.47 12.20 30.44
C ASP C 217 -3.87 12.55 31.88
N ARG C 218 -5.18 12.81 32.10
CA ARG C 218 -5.75 13.10 33.45
C ARG C 218 -5.01 14.30 34.04
N ALA C 219 -4.77 15.34 33.25
CA ALA C 219 -4.01 16.54 33.66
C ALA C 219 -4.93 17.77 33.82
N ASN C 220 -6.25 17.59 33.94
CA ASN C 220 -7.24 18.69 34.04
C ASN C 220 -6.85 19.63 35.19
N ALA C 221 -6.56 19.08 36.37
CA ALA C 221 -6.16 19.80 37.61
C ALA C 221 -4.88 20.62 37.43
N ASP C 222 -3.87 20.08 36.73
CA ASP C 222 -2.56 20.77 36.55
C ASP C 222 -2.68 21.89 35.51
N ALA C 223 -3.49 21.69 34.47
CA ALA C 223 -3.87 22.76 33.55
C ALA C 223 -4.55 23.88 34.35
N VAL C 224 -5.44 23.53 35.27
CA VAL C 224 -6.16 24.52 36.12
C VAL C 224 -5.10 25.29 36.90
N LEU C 225 -4.19 24.57 37.57
CA LEU C 225 -3.24 25.25 38.48
C LEU C 225 -2.37 26.20 37.67
N LEU C 226 -2.02 25.81 36.45
CA LEU C 226 -1.15 26.62 35.56
C LEU C 226 -1.87 27.89 35.12
N ALA C 227 -3.14 27.77 34.72
CA ALA C 227 -4.00 28.93 34.39
C ALA C 227 -4.11 29.85 35.60
N GLU C 228 -4.31 29.31 36.82
CA GLU C 228 -4.35 30.13 38.06
C GLU C 228 -3.02 30.89 38.22
N LYS C 229 -1.89 30.24 38.02
CA LYS C 229 -0.56 30.87 38.29
C LYS C 229 -0.30 31.99 37.29
N LEU C 230 -0.69 31.80 36.02
CA LEU C 230 -0.45 32.80 34.94
C LEU C 230 -1.62 33.77 34.82
N ARG C 231 -2.67 33.61 35.62
CA ARG C 231 -3.91 34.40 35.46
C ARG C 231 -4.27 34.45 33.98
N ALA C 232 -4.19 33.31 33.31
CA ALA C 232 -4.28 33.21 31.85
C ALA C 232 -5.67 32.74 31.45
N PRO C 233 -6.28 33.34 30.41
CA PRO C 233 -7.44 32.76 29.78
C PRO C 233 -7.09 31.42 29.14
N VAL C 234 -8.07 30.51 29.12
CA VAL C 234 -7.97 29.14 28.57
C VAL C 234 -9.05 28.95 27.52
N TRP C 235 -8.66 28.64 26.30
CA TRP C 235 -9.54 28.19 25.21
C TRP C 235 -9.31 26.71 24.97
N ILE C 236 -10.32 26.04 24.45
CA ILE C 236 -10.14 24.64 23.97
C ILE C 236 -9.76 24.71 22.48
N ALA C 237 -8.80 23.93 22.04
CA ALA C 237 -8.44 23.86 20.62
C ALA C 237 -9.64 23.50 19.77
N PRO C 238 -9.67 23.98 18.52
CA PRO C 238 -10.80 23.76 17.64
C PRO C 238 -11.12 22.30 17.32
N SER C 239 -12.39 22.03 16.97
CA SER C 239 -12.91 20.68 16.65
C SER C 239 -12.50 19.76 17.81
N PRO C 240 -12.91 20.10 19.07
CA PRO C 240 -12.60 19.27 20.22
C PRO C 240 -13.39 17.97 20.24
N SER C 241 -12.76 16.94 20.72
CA SER C 241 -13.30 15.58 20.91
C SER C 241 -13.37 15.32 22.42
N ARG C 242 -12.65 16.08 23.27
CA ARG C 242 -12.71 15.93 24.73
C ARG C 242 -12.74 17.30 25.38
N CYS C 243 -13.08 17.38 26.64
CA CYS C 243 -13.06 18.64 27.38
C CYS C 243 -11.92 18.59 28.40
N PRO C 244 -10.85 19.36 28.19
CA PRO C 244 -9.67 19.31 29.03
C PRO C 244 -9.63 20.27 30.22
N PHE C 245 -10.74 20.93 30.51
CA PHE C 245 -10.71 22.02 31.52
C PHE C 245 -12.10 22.24 32.08
N PRO C 246 -12.24 22.64 33.36
CA PRO C 246 -13.57 22.95 33.91
C PRO C 246 -14.21 24.13 33.14
N THR C 247 -15.42 23.97 32.60
CA THR C 247 -16.10 25.02 31.77
C THR C 247 -16.62 26.19 32.61
N ARG C 248 -16.58 26.14 33.94
CA ARG C 248 -17.05 27.29 34.77
C ARG C 248 -15.88 27.82 35.60
N HIS C 249 -14.68 27.47 35.25
CA HIS C 249 -13.49 28.12 35.84
C HIS C 249 -13.39 29.56 35.34
N PRO C 250 -12.95 30.52 36.17
CA PRO C 250 -12.64 31.87 35.70
C PRO C 250 -11.92 31.98 34.35
N SER C 251 -10.87 31.18 34.14
CA SER C 251 -10.01 31.22 32.92
C SER C 251 -10.76 30.73 31.69
N PHE C 252 -11.84 29.97 31.81
CA PHE C 252 -12.51 29.33 30.64
C PHE C 252 -13.11 30.41 29.73
N ARG C 253 -12.83 30.33 28.42
CA ARG C 253 -13.33 31.29 27.39
C ARG C 253 -14.10 30.59 26.25
N GLY C 254 -14.11 29.26 26.20
CA GLY C 254 -14.83 28.48 25.19
C GLY C 254 -13.91 27.78 24.21
N VAL C 255 -14.45 27.48 23.04
CA VAL C 255 -13.81 26.70 21.96
C VAL C 255 -13.37 27.67 20.88
N LEU C 256 -12.12 27.57 20.42
CA LEU C 256 -11.63 28.40 19.31
C LEU C 256 -12.41 27.99 18.08
N PRO C 257 -12.75 28.94 17.19
CA PRO C 257 -13.42 28.60 15.94
C PRO C 257 -12.44 27.88 15.02
N ALA C 258 -12.95 26.99 14.18
CA ALA C 258 -12.15 26.06 13.35
C ALA C 258 -11.95 26.65 11.96
N GLY C 259 -11.78 27.96 11.87
CA GLY C 259 -11.38 28.70 10.66
C GLY C 259 -10.05 29.38 10.94
N VAL C 260 -9.21 29.52 9.92
CA VAL C 260 -7.84 30.07 10.11
C VAL C 260 -7.94 31.55 10.56
N ALA C 261 -8.68 32.37 9.81
CA ALA C 261 -8.80 33.83 10.04
C ALA C 261 -9.53 34.05 11.36
N ASP C 262 -10.53 33.21 11.63
CA ASP C 262 -11.46 33.37 12.77
C ASP C 262 -10.71 33.10 14.08
N LEU C 263 -9.87 32.07 14.09
CA LEU C 263 -9.06 31.66 15.27
C LEU C 263 -8.04 32.77 15.60
N SER C 264 -7.33 33.28 14.60
CA SER C 264 -6.30 34.31 14.83
C SER C 264 -6.94 35.62 15.31
N LYS C 265 -8.16 35.93 14.85
CA LYS C 265 -8.90 37.17 15.25
C LYS C 265 -9.31 37.02 16.72
N THR C 266 -9.73 35.83 17.14
CA THR C 266 -10.15 35.52 18.54
C THR C 266 -8.99 35.75 19.52
N LEU C 267 -7.75 35.31 19.17
CA LEU C 267 -6.56 35.40 20.04
C LEU C 267 -5.80 36.71 19.83
N GLU C 268 -6.34 37.63 19.04
CA GLU C 268 -5.76 38.98 18.83
C GLU C 268 -5.46 39.56 20.22
N GLY C 269 -4.26 40.12 20.39
CA GLY C 269 -3.83 40.76 21.65
C GLY C 269 -2.91 39.87 22.48
N HIS C 270 -2.81 38.59 22.19
CA HIS C 270 -1.95 37.68 23.00
C HIS C 270 -0.57 37.55 22.36
N ASP C 271 0.50 37.64 23.14
CA ASP C 271 1.93 37.60 22.67
C ASP C 271 2.47 36.16 22.71
N LEU C 272 1.87 35.30 23.53
CA LEU C 272 2.21 33.86 23.62
C LEU C 272 0.93 33.01 23.62
N ILE C 273 0.75 32.20 22.56
CA ILE C 273 -0.22 31.08 22.49
C ILE C 273 0.56 29.83 22.91
N LEU C 274 0.32 29.28 24.10
CA LEU C 274 0.83 27.93 24.46
C LEU C 274 -0.28 26.91 24.18
N VAL C 275 -0.09 26.09 23.15
CA VAL C 275 -1.03 24.99 22.77
C VAL C 275 -0.52 23.72 23.41
N VAL C 276 -1.30 23.05 24.25
CA VAL C 276 -0.92 21.78 24.91
C VAL C 276 -1.92 20.69 24.46
N GLY C 277 -1.39 19.62 23.91
CA GLY C 277 -2.14 18.38 23.69
C GLY C 277 -3.13 18.50 22.57
N ALA C 278 -2.81 19.29 21.54
CA ALA C 278 -3.68 19.41 20.35
C ALA C 278 -2.81 19.56 19.12
N PRO C 279 -3.33 19.22 17.93
CA PRO C 279 -2.69 19.61 16.69
C PRO C 279 -2.75 21.14 16.64
N VAL C 280 -1.99 21.72 15.73
CA VAL C 280 -1.99 23.17 15.35
C VAL C 280 -2.27 23.22 13.85
N PHE C 281 -3.52 23.47 13.44
CA PHE C 281 -4.72 23.28 14.24
C PHE C 281 -5.68 22.38 13.44
N ARG C 282 -6.70 21.87 14.13
CA ARG C 282 -7.78 21.03 13.54
C ARG C 282 -8.90 21.95 12.98
N TYR C 283 -8.54 22.76 11.99
CA TYR C 283 -9.43 23.62 11.18
C TYR C 283 -10.41 22.73 10.44
N HIS C 284 -11.48 23.29 9.90
CA HIS C 284 -12.60 22.51 9.29
C HIS C 284 -13.10 23.26 8.06
N GLN C 285 -13.99 24.24 8.26
CA GLN C 285 -14.29 25.31 7.28
C GLN C 285 -12.95 25.90 6.82
N TYR C 286 -12.80 26.07 5.50
CA TYR C 286 -11.73 26.84 4.82
C TYR C 286 -12.11 28.31 4.88
N VAL C 287 -11.55 29.06 5.83
CA VAL C 287 -11.64 30.55 5.88
C VAL C 287 -10.21 31.08 5.96
N PRO C 288 -9.55 31.36 4.79
CA PRO C 288 -8.15 31.78 4.75
C PRO C 288 -7.81 33.17 5.30
N GLY C 289 -6.52 33.33 5.68
CA GLY C 289 -5.94 34.47 6.41
C GLY C 289 -4.74 34.02 7.21
N ASN C 290 -4.40 34.74 8.28
CA ASN C 290 -3.15 34.56 9.08
C ASN C 290 -3.37 33.47 10.14
N TYR C 291 -2.44 32.51 10.27
CA TYR C 291 -2.50 31.41 11.27
C TYR C 291 -2.47 32.00 12.67
N LEU C 292 -1.59 32.97 12.88
CA LEU C 292 -1.44 33.66 14.18
C LEU C 292 -1.82 35.13 14.03
N PRO C 293 -2.27 35.76 15.14
CA PRO C 293 -2.35 37.21 15.22
C PRO C 293 -0.96 37.87 15.16
N GLY C 294 -0.87 39.12 14.70
CA GLY C 294 0.32 39.96 14.79
C GLY C 294 0.96 39.93 16.17
N GLY C 295 2.29 39.89 16.22
CA GLY C 295 3.11 40.00 17.45
C GLY C 295 3.00 38.78 18.35
N ALA C 296 2.61 37.60 17.83
CA ALA C 296 2.33 36.38 18.61
C ALA C 296 3.30 35.27 18.21
N ARG C 297 3.78 34.54 19.21
CA ARG C 297 4.62 33.31 19.03
C ARG C 297 3.85 32.16 19.70
N LEU C 298 3.88 31.00 19.05
CA LEU C 298 3.10 29.82 19.45
C LEU C 298 4.10 28.77 19.93
N ILE C 299 3.98 28.34 21.18
CA ILE C 299 4.64 27.13 21.76
C ILE C 299 3.64 26.00 21.70
N HIS C 300 4.09 24.81 21.37
CA HIS C 300 3.22 23.67 21.03
C HIS C 300 3.74 22.43 21.72
N VAL C 301 2.99 21.83 22.61
CA VAL C 301 3.45 20.65 23.40
C VAL C 301 2.56 19.44 23.06
N THR C 302 3.13 18.31 22.60
CA THR C 302 2.31 17.18 22.12
C THR C 302 3.07 15.86 22.30
N ASP C 303 2.35 14.80 22.68
CA ASP C 303 2.82 13.41 22.64
C ASP C 303 3.07 12.99 21.19
N ASP C 304 2.40 13.60 20.21
CA ASP C 304 2.36 13.11 18.80
C ASP C 304 3.43 13.83 17.96
N GLY C 305 4.51 13.12 17.57
CA GLY C 305 5.51 13.70 16.68
C GLY C 305 4.92 14.09 15.34
N GLY C 306 3.95 13.34 14.83
CA GLY C 306 3.20 13.68 13.60
C GLY C 306 2.56 15.05 13.67
N GLU C 307 1.85 15.35 14.76
CA GLU C 307 1.23 16.67 15.03
C GLU C 307 2.34 17.74 15.02
N ALA C 308 3.50 17.53 15.66
CA ALA C 308 4.54 18.58 15.75
C ALA C 308 5.14 18.81 14.35
N ALA C 309 5.41 17.77 13.58
CA ALA C 309 6.02 17.87 12.24
C ALA C 309 5.10 18.62 11.26
N ARG C 310 3.82 18.28 11.22
CA ARG C 310 2.93 18.73 10.11
C ARG C 310 2.36 20.14 10.37
N ALA C 311 2.43 20.66 11.60
CA ALA C 311 1.97 22.03 11.92
C ALA C 311 2.61 23.00 10.94
N PRO C 312 1.84 23.98 10.43
CA PRO C 312 2.37 25.00 9.54
C PRO C 312 3.00 26.20 10.26
N ILE C 313 2.81 26.36 11.57
CA ILE C 313 3.63 27.36 12.34
C ILE C 313 3.93 26.77 13.72
N GLY C 314 4.84 27.42 14.43
CA GLY C 314 5.06 27.24 15.89
C GLY C 314 6.38 26.57 16.23
N GLU C 315 6.83 26.77 17.46
CA GLU C 315 7.95 26.04 18.12
C GLU C 315 7.35 24.87 18.92
N ALA C 316 7.48 23.62 18.44
CA ALA C 316 6.90 22.42 19.09
C ALA C 316 7.93 21.74 20.01
N TYR C 317 7.43 21.10 21.08
CA TYR C 317 8.12 20.19 22.04
C TYR C 317 7.37 18.85 21.99
N VAL C 318 8.04 17.77 21.59
CA VAL C 318 7.37 16.43 21.60
C VAL C 318 7.69 15.84 22.94
N ALA C 319 6.70 15.77 23.84
CA ALA C 319 6.89 15.35 25.24
C ALA C 319 5.55 14.90 25.81
N PRO C 320 5.54 14.15 26.92
CA PRO C 320 4.30 13.73 27.56
C PRO C 320 3.54 14.91 28.15
N VAL C 321 2.27 15.01 27.82
CA VAL C 321 1.42 16.19 28.16
C VAL C 321 1.21 16.23 29.68
N GLY C 322 0.87 15.07 30.24
CA GLY C 322 0.73 14.86 31.70
C GLY C 322 1.87 15.50 32.44
N SER C 323 3.06 14.90 32.33
CA SER C 323 4.27 15.32 33.08
C SER C 323 4.53 16.80 32.83
N THR C 324 4.57 17.23 31.57
CA THR C 324 4.99 18.59 31.19
C THR C 324 4.17 19.59 32.01
N LEU C 325 2.85 19.45 31.91
CA LEU C 325 1.84 20.32 32.56
C LEU C 325 2.02 20.29 34.08
N GLU C 326 2.24 19.10 34.65
CA GLU C 326 2.47 18.89 36.10
C GLU C 326 3.70 19.71 36.50
N ILE C 327 4.81 19.54 35.78
CA ILE C 327 6.10 20.24 36.06
C ILE C 327 5.84 21.76 35.99
N LEU C 328 5.25 22.24 34.89
CA LEU C 328 5.14 23.70 34.67
C LEU C 328 4.22 24.28 35.74
N ALA C 329 3.12 23.61 36.04
CA ALA C 329 2.09 24.05 37.01
C ALA C 329 2.74 24.20 38.38
N ASN C 330 3.66 23.31 38.75
CA ASN C 330 4.21 23.31 40.12
C ASN C 330 5.42 24.26 40.22
N MET C 331 5.93 24.83 39.11
CA MET C 331 7.22 25.55 39.13
C MET C 331 7.17 26.97 38.54
N VAL C 332 6.19 27.33 37.70
CA VAL C 332 5.99 28.75 37.28
C VAL C 332 5.61 29.59 38.50
N LYS C 333 6.14 30.82 38.55
CA LYS C 333 5.93 31.83 39.63
C LYS C 333 4.56 32.48 39.39
N PRO C 334 3.73 32.68 40.43
CA PRO C 334 2.54 33.51 40.29
C PRO C 334 2.91 34.85 39.61
N SER C 335 2.14 35.30 38.62
CA SER C 335 2.43 36.50 37.79
C SER C 335 1.81 37.78 38.41
N ASP C 336 2.33 38.91 37.93
CA ASP C 336 1.85 40.29 38.22
C ASP C 336 0.71 40.61 37.23
N ARG C 337 -0.40 39.90 37.45
CA ARG C 337 -1.75 40.12 36.92
C ARG C 337 -2.78 39.85 38.02
N SER C 338 -3.96 40.51 38.01
CA SER C 338 -5.06 40.22 38.97
C SER C 338 -5.69 38.87 38.60
N PRO C 339 -6.03 38.01 39.59
CA PRO C 339 -6.79 36.79 39.33
C PRO C 339 -8.05 37.10 38.53
N LEU C 340 -8.44 36.25 37.60
CA LEU C 340 -9.56 36.59 36.65
C LEU C 340 -10.91 36.53 37.37
N PRO C 341 -11.89 37.39 37.01
CA PRO C 341 -13.20 37.38 37.67
C PRO C 341 -13.97 36.09 37.38
N PRO C 342 -14.91 35.67 38.25
CA PRO C 342 -15.89 34.64 37.91
C PRO C 342 -16.66 34.94 36.59
N LEU C 343 -17.01 33.87 35.88
CA LEU C 343 -17.74 33.98 34.59
C LEU C 343 -19.11 34.55 34.87
N GLY C 344 -19.68 35.25 33.89
CA GLY C 344 -21.08 35.65 33.92
C GLY C 344 -21.96 34.45 34.17
N ASP C 345 -23.15 34.70 34.70
CA ASP C 345 -24.22 33.69 34.87
C ASP C 345 -24.54 33.12 33.49
N PHE C 346 -25.04 31.89 33.41
CA PHE C 346 -25.47 31.30 32.12
C PHE C 346 -26.55 32.19 31.49
N GLU C 347 -26.37 32.55 30.22
CA GLU C 347 -27.38 33.24 29.37
C GLU C 347 -28.73 32.52 29.48
N GLU C 348 -29.82 33.30 29.40
CA GLU C 348 -31.20 32.83 29.59
C GLU C 348 -31.62 32.04 28.35
N ALA C 349 -32.45 31.00 28.53
CA ALA C 349 -32.77 30.04 27.43
C ALA C 349 -34.29 29.90 27.23
N VAL C 350 -34.92 30.87 26.55
CA VAL C 350 -36.33 30.83 26.04
C VAL C 350 -36.34 30.01 24.75
N SER C 351 -37.49 29.43 24.36
CA SER C 351 -37.66 28.67 23.09
C SER C 351 -38.96 29.05 22.40
N VAL C 352 -38.83 29.62 21.20
CA VAL C 352 -39.99 29.96 20.31
C VAL C 352 -39.90 29.01 19.10
N GLY C 353 -40.93 28.19 18.90
CA GLY C 353 -40.97 27.07 17.95
C GLY C 353 -41.88 25.95 18.44
N ALA C 354 -42.14 24.97 17.58
CA ALA C 354 -42.96 23.78 17.91
C ALA C 354 -42.22 22.88 18.93
N GLY C 355 -40.88 22.97 19.02
CA GLY C 355 -40.05 22.14 19.92
C GLY C 355 -39.11 22.97 20.78
N LEU C 356 -38.01 22.35 21.23
CA LEU C 356 -36.97 22.98 22.10
C LEU C 356 -35.85 23.56 21.20
N ASP C 357 -35.28 24.69 21.58
CA ASP C 357 -33.99 25.18 21.02
C ASP C 357 -32.90 24.40 21.74
N PRO C 358 -31.85 23.97 21.01
CA PRO C 358 -30.76 23.25 21.66
C PRO C 358 -30.24 23.96 22.92
N ALA C 359 -30.11 25.28 22.93
CA ALA C 359 -29.60 26.04 24.10
C ALA C 359 -30.51 25.77 25.31
N GLN C 360 -31.80 25.67 25.12
CA GLN C 360 -32.75 25.40 26.24
C GLN C 360 -32.66 23.93 26.64
N LEU C 361 -32.57 23.04 25.67
CA LEU C 361 -32.44 21.59 25.97
C LEU C 361 -31.20 21.37 26.83
N PHE C 362 -30.09 22.03 26.52
CA PHE C 362 -28.82 21.84 27.26
C PHE C 362 -28.95 22.46 28.64
N ALA C 363 -29.68 23.55 28.80
CA ALA C 363 -29.90 24.16 30.13
C ALA C 363 -30.76 23.25 30.99
N LEU C 364 -31.80 22.63 30.43
CA LEU C 364 -32.59 21.56 31.11
C LEU C 364 -31.65 20.38 31.43
N VAL C 365 -30.78 19.97 30.52
CA VAL C 365 -29.86 18.85 30.84
C VAL C 365 -28.92 19.28 31.98
N ARG C 366 -28.42 20.50 31.98
CA ARG C 366 -27.54 20.99 33.07
C ARG C 366 -28.26 20.84 34.42
N ALA C 367 -29.50 21.32 34.52
CA ALA C 367 -30.30 21.36 35.75
C ALA C 367 -30.69 19.96 36.23
N GLY C 368 -30.89 18.99 35.33
CA GLY C 368 -31.35 17.63 35.66
C GLY C 368 -30.22 16.66 35.94
N ALA C 369 -29.05 16.84 35.35
CA ALA C 369 -28.04 15.78 35.20
C ALA C 369 -27.11 15.84 36.39
N PRO C 370 -26.57 14.69 36.84
CA PRO C 370 -25.60 14.69 37.94
C PRO C 370 -24.36 15.55 37.66
N ASP C 371 -23.79 16.15 38.72
CA ASP C 371 -22.51 16.90 38.78
C ASP C 371 -21.45 16.26 37.85
N ASP C 372 -21.44 14.92 37.74
CA ASP C 372 -20.30 14.14 37.19
C ASP C 372 -20.76 13.31 35.99
N ALA C 373 -21.82 13.71 35.31
CA ALA C 373 -22.24 12.98 34.09
C ALA C 373 -21.06 12.98 33.10
N ILE C 374 -21.03 12.00 32.23
CA ILE C 374 -20.18 11.94 31.00
C ILE C 374 -21.06 12.22 29.79
N TYR C 375 -20.76 13.21 28.94
CA TYR C 375 -21.58 13.48 27.74
C TYR C 375 -20.89 12.95 26.51
N VAL C 376 -21.52 12.04 25.79
CA VAL C 376 -21.05 11.64 24.44
C VAL C 376 -21.91 12.37 23.42
N ASN C 377 -21.33 13.39 22.77
CA ASN C 377 -21.96 14.35 21.84
C ASN C 377 -21.73 13.93 20.40
N GLU C 378 -22.76 13.84 19.59
CA GLU C 378 -22.62 13.69 18.12
C GLU C 378 -23.78 14.46 17.48
N SER C 379 -23.82 15.75 17.76
CA SER C 379 -24.90 16.70 17.38
C SER C 379 -24.20 17.88 16.74
N THR C 380 -24.11 17.86 15.41
CA THR C 380 -23.08 18.62 14.69
C THR C 380 -23.42 20.11 14.69
N SER C 381 -24.71 20.50 14.65
CA SER C 381 -25.12 21.92 14.49
C SER C 381 -25.32 22.66 15.81
N THR C 382 -25.17 21.99 16.96
CA THR C 382 -25.54 22.49 18.32
C THR C 382 -24.31 22.82 19.16
N SER C 383 -23.14 23.03 18.57
CA SER C 383 -21.88 23.15 19.34
C SER C 383 -21.87 24.43 20.21
N ASP C 384 -22.08 25.60 19.62
CA ASP C 384 -22.11 26.91 20.33
C ASP C 384 -23.08 26.84 21.53
N ALA C 385 -24.26 26.22 21.33
CA ALA C 385 -25.27 25.99 22.38
C ALA C 385 -24.69 25.13 23.51
N PHE C 386 -24.09 24.00 23.21
CA PHE C 386 -23.53 23.10 24.23
C PHE C 386 -22.55 23.88 25.14
N TRP C 387 -21.61 24.61 24.56
CA TRP C 387 -20.46 25.16 25.32
C TRP C 387 -20.91 26.36 26.15
N SER C 388 -21.95 27.04 25.68
CA SER C 388 -22.46 28.27 26.34
C SER C 388 -23.37 27.89 27.50
N GLN C 389 -23.64 26.60 27.67
CA GLN C 389 -24.77 26.14 28.50
C GLN C 389 -24.38 24.93 29.39
N MET C 390 -23.21 24.30 29.28
CA MET C 390 -22.91 23.09 30.09
C MET C 390 -21.90 23.39 31.19
N ASP C 391 -22.03 22.69 32.33
CA ASP C 391 -21.13 22.80 33.52
C ASP C 391 -20.41 21.47 33.72
N LEU C 392 -19.32 21.29 32.98
CA LEU C 392 -18.42 20.10 33.02
C LEU C 392 -17.26 20.42 33.95
N SER C 393 -16.96 19.58 34.94
CA SER C 393 -15.92 19.93 35.94
C SER C 393 -15.03 18.75 36.36
N HIS C 394 -15.22 17.58 35.76
CA HIS C 394 -14.53 16.30 36.08
C HIS C 394 -13.80 15.83 34.84
N GLN C 395 -12.65 15.14 35.03
CA GLN C 395 -11.95 14.44 33.94
C GLN C 395 -13.01 13.62 33.16
N GLY C 396 -12.85 13.49 31.86
CA GLY C 396 -13.61 12.51 31.08
C GLY C 396 -15.10 12.83 31.04
N SER C 397 -15.47 14.11 30.94
CA SER C 397 -16.88 14.57 30.96
C SER C 397 -17.47 14.78 29.56
N TYR C 398 -16.66 14.81 28.50
CA TYR C 398 -17.09 15.10 27.11
C TYR C 398 -16.28 14.24 26.12
N TYR C 399 -16.98 13.57 25.21
CA TYR C 399 -16.42 12.88 24.03
C TYR C 399 -17.26 13.28 22.82
N PHE C 400 -16.58 13.59 21.71
CA PHE C 400 -17.16 13.91 20.39
C PHE C 400 -16.26 13.22 19.36
N PRO C 401 -16.80 12.70 18.24
CA PRO C 401 -15.99 11.97 17.28
C PRO C 401 -14.81 12.81 16.78
N ALA C 402 -13.59 12.29 16.90
CA ALA C 402 -12.35 13.08 16.70
C ALA C 402 -12.06 13.28 15.22
N SER C 403 -12.70 12.59 14.30
CA SER C 403 -12.59 12.91 12.85
C SER C 403 -13.98 13.17 12.27
N GLY C 404 -14.95 13.51 13.10
CA GLY C 404 -16.34 13.78 12.69
C GLY C 404 -16.91 12.64 11.85
N GLY C 405 -16.32 11.44 11.96
CA GLY C 405 -16.92 10.21 11.45
C GLY C 405 -18.20 9.91 12.20
N LEU C 406 -19.35 10.04 11.55
CA LEU C 406 -20.64 9.84 12.28
C LEU C 406 -20.84 8.35 12.48
N GLY C 407 -21.58 7.99 13.52
CA GLY C 407 -21.76 6.61 13.98
C GLY C 407 -20.83 6.27 15.12
N PHE C 408 -20.19 7.29 15.69
CA PHE C 408 -19.42 7.19 16.93
C PHE C 408 -20.34 7.31 18.15
N GLY C 409 -21.22 8.30 18.19
CA GLY C 409 -21.91 8.72 19.43
C GLY C 409 -22.75 7.64 20.08
N LEU C 410 -23.76 7.13 19.40
CA LEU C 410 -24.66 6.15 20.05
C LEU C 410 -23.83 5.00 20.61
N PRO C 411 -23.01 4.31 19.78
CA PRO C 411 -22.21 3.20 20.27
C PRO C 411 -21.19 3.65 21.32
N ALA C 412 -20.51 4.76 21.16
CA ALA C 412 -19.46 5.13 22.13
C ALA C 412 -20.15 5.36 23.46
N ALA C 413 -21.37 5.86 23.47
CA ALA C 413 -22.10 6.11 24.73
C ALA C 413 -22.29 4.79 25.46
N VAL C 414 -22.76 3.80 24.73
CA VAL C 414 -23.04 2.44 25.29
C VAL C 414 -21.71 1.93 25.84
N GLY C 415 -20.63 2.02 25.08
CA GLY C 415 -19.34 1.50 25.55
C GLY C 415 -18.84 2.26 26.75
N ALA C 416 -18.96 3.58 26.73
CA ALA C 416 -18.52 4.47 27.82
C ALA C 416 -19.28 4.09 29.10
N GLN C 417 -20.55 3.76 28.95
CA GLN C 417 -21.38 3.47 30.11
C GLN C 417 -20.93 2.15 30.72
N LEU C 418 -20.73 1.13 29.88
CA LEU C 418 -20.19 -0.20 30.30
C LEU C 418 -18.90 -0.04 31.10
N ALA C 419 -18.08 0.95 30.77
CA ALA C 419 -16.78 1.20 31.40
C ALA C 419 -16.97 2.04 32.67
N SER C 420 -18.13 2.68 32.81
CA SER C 420 -18.37 3.75 33.80
C SER C 420 -19.39 3.26 34.83
N PRO C 421 -18.95 2.56 35.89
CA PRO C 421 -19.87 1.96 36.85
C PRO C 421 -20.53 3.02 37.75
N ASP C 422 -19.85 4.13 38.08
CA ASP C 422 -20.33 5.15 39.07
C ASP C 422 -20.74 6.49 38.41
N ARG C 423 -20.86 6.57 37.09
CA ARG C 423 -21.10 7.86 36.42
C ARG C 423 -22.12 7.62 35.33
N GLN C 424 -23.08 8.53 35.24
CA GLN C 424 -24.14 8.44 34.21
C GLN C 424 -23.58 8.94 32.89
N VAL C 425 -23.60 8.12 31.86
CA VAL C 425 -23.33 8.58 30.47
C VAL C 425 -24.64 9.06 29.87
N ILE C 426 -24.61 10.27 29.31
CA ILE C 426 -25.74 10.85 28.54
C ILE C 426 -25.27 11.05 27.10
N GLY C 427 -25.90 10.37 26.15
CA GLY C 427 -25.68 10.57 24.71
C GLY C 427 -26.52 11.73 24.22
N LEU C 428 -25.92 12.67 23.50
CA LEU C 428 -26.66 13.74 22.82
C LEU C 428 -26.40 13.60 21.33
N ILE C 429 -27.28 12.91 20.63
CA ILE C 429 -27.06 12.45 19.24
C ILE C 429 -28.05 13.21 18.39
N GLY C 430 -27.66 13.70 17.23
CA GLY C 430 -28.64 14.20 16.25
C GLY C 430 -29.44 13.08 15.61
N ASP C 431 -30.56 13.41 14.99
CA ASP C 431 -31.39 12.44 14.22
C ASP C 431 -30.62 11.88 13.01
N GLY C 432 -29.75 12.66 12.42
CA GLY C 432 -28.87 12.16 11.34
C GLY C 432 -27.87 11.14 11.86
N SER C 433 -27.04 11.55 12.83
CA SER C 433 -25.95 10.76 13.45
C SER C 433 -26.46 9.43 13.99
N ALA C 434 -27.67 9.41 14.55
CA ALA C 434 -28.14 8.22 15.28
C ALA C 434 -28.23 7.04 14.32
N ASN C 435 -28.50 7.25 13.05
CA ASN C 435 -28.78 6.13 12.10
C ASN C 435 -27.49 5.36 11.79
N TYR C 436 -26.32 6.01 11.91
CA TYR C 436 -25.02 5.35 11.61
C TYR C 436 -24.68 4.30 12.69
N GLY C 437 -25.18 4.41 13.94
CA GLY C 437 -24.86 3.46 15.02
C GLY C 437 -26.06 2.94 15.79
N ILE C 438 -27.22 2.85 15.15
CA ILE C 438 -28.55 2.65 15.80
C ILE C 438 -28.57 1.28 16.47
N THR C 439 -27.91 0.30 15.86
CA THR C 439 -27.93 -1.11 16.34
C THR C 439 -27.23 -1.23 17.69
N ALA C 440 -26.41 -0.27 18.12
CA ALA C 440 -25.78 -0.34 19.46
C ALA C 440 -26.85 -0.27 20.55
N LEU C 441 -28.07 0.14 20.21
CA LEU C 441 -29.17 0.14 21.20
C LEU C 441 -29.47 -1.28 21.65
N TRP C 442 -29.43 -2.23 20.72
CA TRP C 442 -29.59 -3.69 21.01
C TRP C 442 -28.60 -4.13 22.07
N SER C 443 -27.32 -3.77 21.92
CA SER C 443 -26.26 -4.14 22.87
C SER C 443 -26.60 -3.57 24.24
N ALA C 444 -27.05 -2.33 24.32
CA ALA C 444 -27.45 -1.71 25.61
C ALA C 444 -28.59 -2.51 26.24
N ALA C 445 -29.55 -2.94 25.41
CA ALA C 445 -30.71 -3.70 25.91
C ALA C 445 -30.24 -5.06 26.43
N GLN C 446 -29.60 -5.85 25.58
CA GLN C 446 -29.04 -7.20 25.92
C GLN C 446 -28.20 -7.12 27.20
N TYR C 447 -27.29 -6.18 27.35
CA TYR C 447 -26.27 -6.23 28.43
C TYR C 447 -26.71 -5.32 29.57
N LYS C 448 -27.92 -4.76 29.48
CA LYS C 448 -28.57 -4.01 30.59
C LYS C 448 -27.67 -2.85 31.01
N ILE C 449 -27.31 -2.03 30.04
CA ILE C 449 -26.33 -0.92 30.20
C ILE C 449 -27.11 0.38 30.32
N PRO C 450 -27.13 0.99 31.52
CA PRO C 450 -28.09 2.06 31.82
C PRO C 450 -27.73 3.42 31.20
N VAL C 451 -27.38 3.48 29.92
CA VAL C 451 -27.13 4.75 29.18
C VAL C 451 -28.45 5.52 29.11
N VAL C 452 -28.34 6.84 29.06
CA VAL C 452 -29.43 7.70 28.57
C VAL C 452 -29.05 8.28 27.21
N ILE C 453 -29.86 8.01 26.19
CA ILE C 453 -29.67 8.51 24.81
C ILE C 453 -30.74 9.58 24.52
N ILE C 454 -30.31 10.81 24.24
CA ILE C 454 -31.20 11.91 23.82
C ILE C 454 -30.97 12.15 22.35
N ILE C 455 -31.95 11.82 21.52
CA ILE C 455 -31.92 12.14 20.06
C ILE C 455 -32.42 13.58 19.93
N LEU C 456 -31.61 14.50 19.44
CA LEU C 456 -32.06 15.86 19.09
C LEU C 456 -32.54 15.75 17.65
N ASN C 457 -33.85 15.69 17.46
CA ASN C 457 -34.49 15.45 16.15
C ASN C 457 -34.98 16.77 15.56
N ASN C 458 -34.24 17.35 14.62
CA ASN C 458 -34.67 18.57 13.91
C ASN C 458 -35.08 18.23 12.46
N GLY C 459 -35.28 16.96 12.13
CA GLY C 459 -35.82 16.50 10.84
C GLY C 459 -34.84 16.64 9.68
N THR C 460 -33.58 17.02 9.96
CA THR C 460 -32.60 17.51 8.95
C THR C 460 -31.14 17.16 9.37
N TYR C 461 -30.25 17.20 8.38
CA TYR C 461 -28.79 17.33 8.56
C TYR C 461 -28.46 18.81 8.73
N GLY C 462 -28.60 19.30 9.96
CA GLY C 462 -28.54 20.75 10.28
C GLY C 462 -27.21 21.38 9.92
N ALA C 463 -26.08 20.77 10.32
CA ALA C 463 -24.72 21.34 10.12
C ALA C 463 -24.40 21.43 8.62
N LEU C 464 -25.02 20.57 7.79
CA LEU C 464 -24.85 20.58 6.31
C LEU C 464 -25.67 21.69 5.65
N ARG C 465 -26.79 22.10 6.29
CA ARG C 465 -27.52 23.34 5.91
C ARG C 465 -26.69 24.56 6.30
N GLY C 466 -26.04 24.54 7.49
CA GLY C 466 -25.00 25.49 7.96
C GLY C 466 -23.90 25.73 6.94
N PHE C 467 -23.41 24.65 6.33
CA PHE C 467 -22.29 24.62 5.34
C PHE C 467 -22.77 25.10 3.96
N SER C 468 -23.99 24.77 3.53
CA SER C 468 -24.53 25.15 2.19
C SER C 468 -24.82 26.66 2.13
N LYS C 469 -24.67 27.36 3.26
CA LYS C 469 -24.71 28.84 3.44
C LYS C 469 -23.30 29.41 3.21
N ILE C 470 -22.29 28.88 3.94
CA ILE C 470 -20.84 29.29 3.89
C ILE C 470 -20.24 28.92 2.50
N LEU C 471 -20.68 27.82 1.87
CA LEU C 471 -20.10 27.29 0.60
C LEU C 471 -20.92 27.73 -0.61
N ASN C 472 -22.07 28.38 -0.38
CA ASN C 472 -22.98 28.93 -1.42
C ASN C 472 -23.38 27.83 -2.41
N THR C 473 -23.72 26.65 -1.87
CA THR C 473 -24.10 25.42 -2.62
C THR C 473 -25.64 25.34 -2.76
N GLY C 474 -26.38 25.99 -1.83
CA GLY C 474 -27.84 26.22 -1.90
C GLY C 474 -28.66 25.00 -1.51
N GLU C 475 -29.71 24.71 -2.29
CA GLU C 475 -30.67 23.58 -2.02
C GLU C 475 -30.13 22.33 -2.71
N THR C 476 -29.34 21.54 -1.96
CA THR C 476 -28.57 20.33 -2.38
C THR C 476 -29.48 19.12 -2.09
N PRO C 477 -29.48 18.04 -2.93
CA PRO C 477 -30.19 16.81 -2.58
C PRO C 477 -29.67 16.20 -1.27
N GLY C 478 -30.60 15.76 -0.42
CA GLY C 478 -30.30 14.90 0.75
C GLY C 478 -29.91 15.67 2.00
N LEU C 479 -30.42 16.89 2.21
CA LEU C 479 -30.19 17.66 3.45
C LEU C 479 -31.19 17.24 4.52
N ASP C 480 -32.32 16.62 4.13
CA ASP C 480 -33.48 16.37 5.04
C ASP C 480 -33.65 14.88 5.32
N VAL C 481 -33.85 14.52 6.60
CA VAL C 481 -34.10 13.12 7.02
C VAL C 481 -35.44 13.06 7.78
N PRO C 482 -36.57 13.39 7.08
CA PRO C 482 -37.91 13.29 7.67
C PRO C 482 -38.43 11.84 7.71
N GLY C 483 -39.37 11.53 8.57
CA GLY C 483 -40.13 10.26 8.57
C GLY C 483 -39.40 9.14 9.30
N ILE C 484 -38.64 9.46 10.37
CA ILE C 484 -37.96 8.50 11.29
C ILE C 484 -38.57 8.65 12.68
N ASP C 485 -39.09 7.56 13.24
CA ASP C 485 -39.58 7.52 14.65
C ASP C 485 -38.54 6.75 15.48
N PHE C 486 -37.72 7.46 16.27
CA PHE C 486 -36.64 6.87 17.12
C PHE C 486 -37.24 6.06 18.27
N VAL C 487 -38.45 6.36 18.69
CA VAL C 487 -39.15 5.54 19.72
C VAL C 487 -39.38 4.15 19.13
N HIS C 488 -39.89 4.06 17.90
CA HIS C 488 -40.12 2.77 17.20
C HIS C 488 -38.77 2.07 17.03
N LEU C 489 -37.71 2.79 16.71
CA LEU C 489 -36.39 2.16 16.52
C LEU C 489 -35.90 1.61 17.86
N ALA C 490 -35.98 2.41 18.92
CA ALA C 490 -35.57 1.98 20.28
C ALA C 490 -36.32 0.70 20.67
N GLU C 491 -37.63 0.66 20.47
CA GLU C 491 -38.47 -0.46 20.97
C GLU C 491 -38.17 -1.64 20.07
N GLY C 492 -37.84 -1.39 18.81
CA GLY C 492 -37.36 -2.41 17.86
C GLY C 492 -36.14 -3.15 18.38
N TYR C 493 -35.27 -2.48 19.12
CA TYR C 493 -34.02 -3.07 19.65
C TYR C 493 -34.15 -3.36 21.14
N GLY C 494 -35.32 -3.14 21.74
CA GLY C 494 -35.58 -3.56 23.14
C GLY C 494 -35.18 -2.49 24.12
N VAL C 495 -35.00 -1.25 23.66
CA VAL C 495 -34.85 -0.08 24.55
C VAL C 495 -36.17 0.71 24.65
N ARG C 496 -36.51 1.07 25.88
CA ARG C 496 -37.71 1.86 26.26
C ARG C 496 -37.48 3.29 25.74
N GLY C 497 -38.41 3.84 24.97
CA GLY C 497 -38.27 5.18 24.38
C GLY C 497 -39.50 6.03 24.55
N THR C 498 -39.36 7.34 24.73
CA THR C 498 -40.47 8.32 24.75
C THR C 498 -40.07 9.50 23.85
N ALA C 499 -41.04 10.14 23.20
CA ALA C 499 -40.90 11.39 22.41
C ALA C 499 -41.48 12.55 23.23
N VAL C 500 -40.93 13.72 23.06
CA VAL C 500 -41.07 14.87 24.01
C VAL C 500 -40.86 16.11 23.17
N ALA C 501 -41.59 17.20 23.40
CA ALA C 501 -41.47 18.41 22.55
C ALA C 501 -41.55 19.68 23.40
N THR C 502 -41.71 19.58 24.71
CA THR C 502 -41.73 20.76 25.62
C THR C 502 -40.77 20.52 26.76
N ALA C 503 -40.31 21.61 27.37
CA ALA C 503 -39.42 21.64 28.54
C ALA C 503 -40.04 20.84 29.68
N GLU C 504 -41.34 20.99 29.95
CA GLU C 504 -41.97 20.33 31.14
C GLU C 504 -41.86 18.81 30.92
N ASP C 505 -42.23 18.33 29.73
CA ASP C 505 -42.24 16.88 29.39
C ASP C 505 -40.81 16.34 29.35
N PHE C 506 -39.88 17.12 28.82
CA PHE C 506 -38.47 16.72 28.79
C PHE C 506 -37.96 16.58 30.23
N THR C 507 -38.16 17.56 31.10
CA THR C 507 -37.65 17.53 32.50
C THR C 507 -38.16 16.26 33.17
N THR C 508 -39.40 15.84 32.90
CA THR C 508 -40.06 14.62 33.45
C THR C 508 -39.35 13.37 32.91
N ALA C 509 -39.33 13.20 31.58
CA ALA C 509 -38.76 12.02 30.88
C ALA C 509 -37.30 11.82 31.31
N PHE C 510 -36.57 12.91 31.44
CA PHE C 510 -35.13 12.94 31.82
C PHE C 510 -34.98 12.51 33.28
N LYS C 511 -35.72 13.09 34.21
CA LYS C 511 -35.66 12.76 35.66
C LYS C 511 -35.86 11.26 35.82
N SER C 512 -36.76 10.71 35.01
CA SER C 512 -37.20 9.31 34.97
C SER C 512 -36.08 8.43 34.41
N ALA C 513 -35.58 8.77 33.21
CA ALA C 513 -34.44 8.11 32.52
C ALA C 513 -33.21 8.02 33.44
N LEU C 514 -32.85 9.04 34.21
CA LEU C 514 -31.66 9.00 35.09
C LEU C 514 -31.89 7.98 36.22
N ALA C 515 -33.13 7.74 36.64
CA ALA C 515 -33.42 6.76 37.72
C ALA C 515 -33.37 5.32 37.20
N ALA C 516 -33.45 5.09 35.90
CA ALA C 516 -33.68 3.75 35.28
C ALA C 516 -32.44 2.86 35.44
N ASP C 517 -32.68 1.54 35.53
CA ASP C 517 -31.65 0.48 35.60
C ASP C 517 -31.43 -0.06 34.18
N ALA C 518 -31.94 0.62 33.16
CA ALA C 518 -31.97 0.10 31.78
C ALA C 518 -31.70 1.25 30.82
N PRO C 519 -31.17 0.95 29.61
CA PRO C 519 -31.08 1.95 28.55
C PRO C 519 -32.47 2.58 28.38
N THR C 520 -32.45 3.88 28.17
CA THR C 520 -33.63 4.75 27.91
C THR C 520 -33.27 5.71 26.80
N LEU C 521 -34.20 5.96 25.90
CA LEU C 521 -34.05 6.91 24.79
C LEU C 521 -35.13 7.96 24.92
N ILE C 522 -34.75 9.23 24.87
CA ILE C 522 -35.71 10.36 24.78
C ILE C 522 -35.54 10.99 23.40
N GLU C 523 -36.58 11.02 22.58
CA GLU C 523 -36.54 11.74 21.29
C GLU C 523 -37.06 13.13 21.56
N VAL C 524 -36.22 14.14 21.52
CA VAL C 524 -36.63 15.56 21.72
C VAL C 524 -36.85 16.12 20.33
N ARG C 525 -37.99 16.74 20.08
CA ARG C 525 -38.22 17.55 18.85
C ARG C 525 -37.52 18.88 19.08
N THR C 526 -36.57 19.22 18.20
CA THR C 526 -35.74 20.46 18.29
C THR C 526 -36.00 21.36 17.08
N ASN C 527 -35.65 22.65 17.20
CA ASN C 527 -35.82 23.68 16.14
C ASN C 527 -34.49 23.98 15.49
N PHE C 528 -34.54 24.03 14.15
CA PHE C 528 -33.39 24.41 13.29
C PHE C 528 -33.72 25.77 12.70
N ASP C 529 -32.86 26.78 12.94
CA ASP C 529 -32.91 28.15 12.36
C ASP C 529 -32.82 28.14 10.82
N GLU C 530 -33.95 28.41 10.14
CA GLU C 530 -34.08 28.54 8.65
C GLU C 530 -34.10 30.03 8.29
N SER C 531 -34.37 30.93 9.27
CA SER C 531 -34.06 32.40 9.27
C SER C 531 -32.87 32.67 10.21
N ALA D 5 -16.13 26.52 -19.51
CA ALA D 5 -16.79 25.35 -18.80
C ALA D 5 -16.01 24.99 -17.52
N THR D 6 -16.71 24.67 -16.42
CA THR D 6 -16.08 24.24 -15.14
C THR D 6 -15.94 22.71 -15.10
N VAL D 7 -15.12 22.22 -14.17
CA VAL D 7 -14.82 20.77 -14.04
C VAL D 7 -16.14 20.06 -13.74
N SER D 8 -16.98 20.69 -12.90
CA SER D 8 -18.35 20.21 -12.57
C SER D 8 -19.22 20.09 -13.86
N GLU D 9 -19.26 21.12 -14.71
CA GLU D 9 -20.11 21.11 -15.92
C GLU D 9 -19.66 19.98 -16.85
N VAL D 10 -18.36 19.76 -16.99
CA VAL D 10 -17.84 18.74 -17.95
C VAL D 10 -18.08 17.34 -17.38
N THR D 11 -17.86 17.18 -16.08
CA THR D 11 -18.05 15.90 -15.35
C THR D 11 -19.50 15.45 -15.54
N TYR D 12 -20.49 16.33 -15.25
CA TYR D 12 -21.97 16.08 -15.42
C TYR D 12 -22.28 15.79 -16.90
N GLU D 13 -21.69 16.50 -17.85
CA GLU D 13 -21.97 16.24 -19.29
C GLU D 13 -21.48 14.82 -19.64
N LEU D 14 -20.43 14.39 -18.94
CA LEU D 14 -19.78 13.08 -19.18
C LEU D 14 -20.61 11.97 -18.53
N LEU D 15 -21.02 12.15 -17.27
CA LEU D 15 -21.82 11.13 -16.57
C LEU D 15 -23.08 10.89 -17.37
N ARG D 16 -23.70 11.95 -17.93
CA ARG D 16 -24.92 11.81 -18.74
C ARG D 16 -24.59 11.00 -19.99
N ALA D 17 -23.48 11.32 -20.64
CA ALA D 17 -23.00 10.67 -21.89
C ALA D 17 -22.89 9.16 -21.67
N ARG D 18 -22.51 8.74 -20.46
CA ARG D 18 -22.24 7.32 -20.07
C ARG D 18 -23.45 6.67 -19.36
N GLY D 19 -24.61 7.32 -19.28
CA GLY D 19 -25.81 6.76 -18.63
C GLY D 19 -25.79 6.75 -17.11
N LEU D 20 -24.83 7.39 -16.45
CA LEU D 20 -24.76 7.47 -14.94
C LEU D 20 -25.62 8.62 -14.41
N THR D 21 -26.92 8.60 -14.68
CA THR D 21 -27.89 9.68 -14.31
C THR D 21 -28.60 9.39 -12.98
N THR D 22 -28.27 8.30 -12.32
CA THR D 22 -28.72 7.95 -10.96
C THR D 22 -27.53 7.98 -10.03
N VAL D 23 -27.61 8.78 -8.98
CA VAL D 23 -26.48 8.94 -8.02
C VAL D 23 -26.93 8.43 -6.65
N PHE D 24 -26.19 7.45 -6.09
CA PHE D 24 -26.49 6.96 -4.72
C PHE D 24 -25.55 7.66 -3.76
N GLY D 25 -25.99 8.18 -2.62
CA GLY D 25 -25.16 9.12 -1.86
C GLY D 25 -25.54 9.17 -0.40
N ASN D 26 -24.58 9.48 0.45
CA ASN D 26 -24.81 10.09 1.78
C ASN D 26 -23.90 11.30 1.83
N PRO D 27 -24.47 12.51 1.94
CA PRO D 27 -23.73 13.76 1.73
C PRO D 27 -22.95 14.27 2.94
N GLY D 28 -22.05 15.24 2.70
CA GLY D 28 -21.18 15.87 3.73
C GLY D 28 -20.59 17.19 3.25
N SEP D 29 -19.98 17.92 4.21
CA SEP D 29 -19.26 19.16 4.01
CB SEP D 29 -18.30 19.47 5.25
OG SEP D 29 -17.90 18.25 6.12
C SEP D 29 -18.59 19.16 2.63
O SEP D 29 -18.92 19.99 1.79
P SEP D 29 -18.78 17.61 7.49
O1P SEP D 29 -18.77 18.55 8.68
O2P SEP D 29 -18.18 16.27 7.86
O3P SEP D 29 -20.17 17.37 6.98
N ASN D 30 -17.77 18.15 2.32
CA ASN D 30 -16.89 18.13 1.15
C ASN D 30 -17.58 17.67 -0.17
N GLU D 31 -18.87 17.36 -0.18
CA GLU D 31 -19.57 16.89 -1.43
C GLU D 31 -20.65 17.87 -1.87
N LEU D 32 -20.98 18.87 -1.06
CA LEU D 32 -22.01 19.85 -1.43
C LEU D 32 -21.61 20.53 -2.74
N PRO D 33 -20.33 20.99 -2.95
CA PRO D 33 -19.96 21.64 -4.21
C PRO D 33 -20.14 20.77 -5.47
N PHE D 34 -20.04 19.44 -5.36
CA PHE D 34 -20.36 18.54 -6.49
C PHE D 34 -21.88 18.53 -6.70
N LEU D 35 -22.62 18.31 -5.62
CA LEU D 35 -24.06 18.06 -5.68
C LEU D 35 -24.80 19.33 -6.14
N SER D 36 -24.23 20.51 -5.87
CA SER D 36 -24.88 21.81 -6.16
C SER D 36 -25.08 21.99 -7.67
N GLY D 37 -24.16 21.47 -8.50
CA GLY D 37 -24.16 21.62 -9.98
C GLY D 37 -25.04 20.56 -10.66
N MET D 38 -25.67 19.69 -9.87
CA MET D 38 -26.40 18.49 -10.37
C MET D 38 -27.51 18.92 -11.26
N PRO D 39 -27.64 18.40 -12.50
CA PRO D 39 -28.77 18.76 -13.36
C PRO D 39 -30.12 18.17 -12.93
N ASP D 40 -31.18 18.56 -13.63
CA ASP D 40 -32.58 18.19 -13.29
C ASP D 40 -32.90 16.80 -13.86
N ASP D 41 -32.29 16.34 -14.95
CA ASP D 41 -32.53 14.97 -15.50
C ASP D 41 -31.83 13.87 -14.66
N PHE D 42 -31.05 14.23 -13.62
CA PHE D 42 -30.35 13.27 -12.72
C PHE D 42 -31.20 13.06 -11.46
N ARG D 43 -31.18 11.85 -10.86
CA ARG D 43 -31.87 11.60 -9.57
C ARG D 43 -30.85 11.22 -8.52
N TYR D 44 -30.92 11.81 -7.35
CA TYR D 44 -30.06 11.46 -6.20
C TYR D 44 -30.85 10.52 -5.30
N VAL D 45 -30.25 9.43 -4.86
CA VAL D 45 -30.89 8.48 -3.93
C VAL D 45 -30.11 8.49 -2.61
N LEU D 46 -30.64 9.13 -1.59
CA LEU D 46 -30.00 9.27 -0.29
C LEU D 46 -30.17 7.96 0.47
N GLY D 47 -29.07 7.50 1.11
CA GLY D 47 -29.08 6.45 2.14
C GLY D 47 -28.51 7.01 3.44
N LEU D 48 -28.94 6.52 4.59
CA LEU D 48 -28.58 7.13 5.90
C LEU D 48 -27.20 6.65 6.37
N HIS D 49 -26.57 5.77 5.60
CA HIS D 49 -25.43 4.93 6.02
C HIS D 49 -24.75 4.47 4.72
N GLU D 50 -23.44 4.57 4.64
CA GLU D 50 -22.69 4.45 3.38
C GLU D 50 -22.69 3.02 2.88
N GLY D 51 -22.71 2.05 3.79
CA GLY D 51 -22.81 0.63 3.42
C GLY D 51 -24.12 0.32 2.71
N ALA D 52 -25.20 0.91 3.21
CA ALA D 52 -26.52 0.83 2.58
C ALA D 52 -26.46 1.50 1.22
N VAL D 53 -25.91 2.70 1.17
CA VAL D 53 -25.79 3.46 -0.10
C VAL D 53 -25.15 2.57 -1.16
N LEU D 54 -24.09 1.96 -0.76
CA LEU D 54 -23.21 1.30 -1.72
C LEU D 54 -23.87 -0.01 -2.14
N SER D 55 -24.45 -0.72 -1.18
CA SER D 55 -25.18 -1.97 -1.47
C SER D 55 -26.43 -1.69 -2.33
N MET D 56 -27.15 -0.56 -2.11
CA MET D 56 -28.27 -0.13 -2.97
C MET D 56 -27.74 0.06 -4.39
N ALA D 57 -26.59 0.72 -4.52
CA ALA D 57 -25.97 1.00 -5.83
C ALA D 57 -25.65 -0.33 -6.48
N ASP D 58 -25.16 -1.28 -5.68
CA ASP D 58 -24.73 -2.62 -6.15
C ASP D 58 -25.97 -3.31 -6.73
N GLY D 59 -27.05 -3.38 -5.98
CA GLY D 59 -28.28 -4.02 -6.48
C GLY D 59 -28.77 -3.36 -7.76
N TYR D 60 -28.71 -2.05 -7.82
CA TYR D 60 -29.16 -1.31 -9.01
C TYR D 60 -28.31 -1.73 -10.19
N SER D 61 -27.02 -1.84 -9.96
CA SER D 61 -26.02 -2.19 -10.98
C SER D 61 -26.22 -3.64 -11.47
N LEU D 62 -26.49 -4.56 -10.56
CA LEU D 62 -26.62 -6.00 -10.92
C LEU D 62 -27.81 -6.19 -11.83
N VAL D 63 -28.90 -5.47 -11.59
CA VAL D 63 -30.12 -5.68 -12.41
C VAL D 63 -29.90 -5.09 -13.79
N THR D 64 -29.28 -3.91 -13.88
CA THR D 64 -29.13 -3.16 -15.16
C THR D 64 -27.93 -3.69 -15.96
N GLY D 65 -26.83 -4.07 -15.31
CA GLY D 65 -25.56 -4.39 -15.97
C GLY D 65 -24.75 -3.14 -16.23
N GLU D 66 -25.28 -1.97 -15.94
CA GLU D 66 -24.64 -0.67 -16.30
C GLU D 66 -23.75 -0.23 -15.16
N ALA D 67 -22.72 0.57 -15.45
CA ALA D 67 -21.92 1.24 -14.41
C ALA D 67 -22.85 2.11 -13.58
N THR D 68 -22.57 2.40 -12.33
CA THR D 68 -23.48 3.15 -11.43
C THR D 68 -22.69 4.05 -10.50
N LEU D 69 -23.16 5.27 -10.28
CA LEU D 69 -22.33 6.29 -9.60
C LEU D 69 -22.70 6.32 -8.12
N VAL D 70 -21.71 6.32 -7.25
CA VAL D 70 -21.94 6.47 -5.79
C VAL D 70 -21.19 7.71 -5.34
N ASN D 71 -21.70 8.51 -4.39
CA ASN D 71 -20.99 9.70 -3.89
C ASN D 71 -20.95 9.67 -2.36
N LEU D 72 -19.76 9.56 -1.75
CA LEU D 72 -19.62 9.33 -0.29
C LEU D 72 -18.82 10.47 0.33
N HIS D 73 -18.77 10.50 1.65
CA HIS D 73 -18.19 11.62 2.43
C HIS D 73 -16.80 11.27 2.99
N ALA D 74 -15.73 11.79 2.39
CA ALA D 74 -14.38 11.84 2.99
C ALA D 74 -13.91 10.42 3.35
N ALA D 75 -13.11 10.27 4.42
CA ALA D 75 -12.55 8.98 4.89
C ALA D 75 -13.59 8.19 5.72
N SER D 76 -14.34 8.87 6.59
CA SER D 76 -15.36 8.25 7.50
C SER D 76 -16.49 7.61 6.69
N GLY D 77 -16.98 8.32 5.67
CA GLY D 77 -18.01 7.83 4.73
C GLY D 77 -17.52 6.71 3.82
N SER D 78 -16.33 6.86 3.23
CA SER D 78 -15.69 5.84 2.35
C SER D 78 -15.41 4.55 3.12
N GLY D 79 -14.83 4.68 4.33
CA GLY D 79 -14.55 3.58 5.26
C GLY D 79 -15.78 2.77 5.59
N ASN D 80 -16.89 3.42 5.93
CA ASN D 80 -18.19 2.75 6.28
C ASN D 80 -18.66 1.82 5.13
N ALA D 81 -18.15 2.02 3.89
CA ALA D 81 -18.57 1.27 2.67
C ALA D 81 -17.60 0.11 2.30
N MET D 82 -16.47 -0.03 2.98
CA MET D 82 -15.43 -1.03 2.61
C MET D 82 -15.98 -2.46 2.65
N GLY D 83 -16.73 -2.81 3.68
CA GLY D 83 -17.37 -4.14 3.78
C GLY D 83 -18.24 -4.41 2.55
N ALA D 84 -19.13 -3.48 2.21
CA ALA D 84 -20.05 -3.67 1.07
C ALA D 84 -19.24 -3.83 -0.22
N LEU D 85 -18.16 -3.06 -0.35
CA LEU D 85 -17.32 -3.00 -1.58
C LEU D 85 -16.69 -4.37 -1.87
N THR D 86 -16.45 -5.20 -0.86
CA THR D 86 -15.97 -6.58 -1.05
C THR D 86 -16.95 -7.35 -1.95
N ASN D 87 -18.26 -7.19 -1.74
CA ASN D 87 -19.26 -7.96 -2.52
C ASN D 87 -19.15 -7.52 -3.97
N SER D 88 -18.93 -6.22 -4.19
CA SER D 88 -18.85 -5.63 -5.55
C SER D 88 -17.71 -6.28 -6.32
N VAL D 89 -16.59 -6.53 -5.65
CA VAL D 89 -15.41 -7.16 -6.30
C VAL D 89 -15.83 -8.53 -6.83
N TYR D 90 -16.40 -9.39 -6.01
CA TYR D 90 -16.66 -10.81 -6.40
C TYR D 90 -17.92 -10.91 -7.27
N SER D 91 -18.79 -9.89 -7.27
CA SER D 91 -20.00 -9.85 -8.13
C SER D 91 -19.69 -9.12 -9.45
N HIS D 92 -18.43 -8.69 -9.64
CA HIS D 92 -17.94 -8.02 -10.87
C HIS D 92 -18.91 -6.88 -11.20
N SER D 93 -19.09 -6.02 -10.20
CA SER D 93 -20.04 -4.89 -10.23
C SER D 93 -19.30 -3.59 -10.54
N PRO D 94 -19.64 -2.93 -11.66
CA PRO D 94 -18.97 -1.70 -12.07
C PRO D 94 -19.51 -0.46 -11.31
N LEU D 95 -19.36 -0.45 -10.00
CA LEU D 95 -19.58 0.77 -9.19
C LEU D 95 -18.45 1.77 -9.44
N VAL D 96 -18.80 3.01 -9.68
CA VAL D 96 -17.84 4.13 -9.76
C VAL D 96 -18.01 4.96 -8.49
N VAL D 97 -17.13 4.83 -7.53
CA VAL D 97 -17.35 5.46 -6.21
C VAL D 97 -16.54 6.75 -6.16
N THR D 98 -17.17 7.91 -6.14
CA THR D 98 -16.51 9.21 -5.88
C THR D 98 -16.65 9.61 -4.40
N ALA D 99 -15.60 10.20 -3.83
CA ALA D 99 -15.58 10.64 -2.42
C ALA D 99 -15.18 12.11 -2.37
N GLY D 100 -15.88 12.94 -1.61
CA GLY D 100 -15.44 14.32 -1.35
C GLY D 100 -14.14 14.37 -0.56
N GLN D 101 -13.25 15.29 -0.88
CA GLN D 101 -12.02 15.53 -0.11
C GLN D 101 -11.98 17.00 0.27
N GLN D 102 -11.24 17.32 1.29
CA GLN D 102 -11.09 18.68 1.86
C GLN D 102 -10.39 19.58 0.82
N VAL D 103 -10.39 20.89 1.04
CA VAL D 103 -9.77 21.86 0.09
C VAL D 103 -8.32 21.39 -0.17
N ARG D 104 -7.88 21.43 -1.44
CA ARG D 104 -6.61 20.81 -1.91
C ARG D 104 -5.41 21.36 -1.11
N SER D 105 -5.32 22.66 -0.87
CA SER D 105 -4.22 23.31 -0.12
C SER D 105 -4.14 22.86 1.36
N THR D 106 -5.20 22.31 1.95
CA THR D 106 -5.27 22.03 3.42
C THR D 106 -5.11 20.54 3.77
N ILE D 107 -5.13 19.62 2.79
CA ILE D 107 -5.07 18.14 3.04
C ILE D 107 -3.79 17.81 3.82
N GLY D 108 -2.64 18.38 3.45
CA GLY D 108 -1.33 18.04 4.07
C GLY D 108 -1.28 18.26 5.57
N GLN D 109 -1.84 19.38 6.07
CA GLN D 109 -1.95 19.74 7.52
C GLN D 109 -2.91 18.81 8.28
N GLU D 110 -3.62 17.92 7.56
CA GLU D 110 -4.67 16.99 8.08
C GLU D 110 -5.66 17.81 8.90
N VAL D 111 -6.31 18.78 8.27
CA VAL D 111 -7.49 19.48 8.87
C VAL D 111 -8.63 18.46 8.96
N MET D 112 -9.69 18.79 9.71
CA MET D 112 -10.86 17.93 9.97
C MET D 112 -11.45 17.49 8.62
N LEU D 113 -11.71 16.19 8.43
CA LEU D 113 -12.35 15.54 7.26
C LEU D 113 -11.41 15.52 6.03
N SER D 114 -10.09 15.62 6.26
CA SER D 114 -8.99 15.16 5.36
C SER D 114 -8.98 13.63 5.32
N ASN D 115 -8.99 13.08 4.10
CA ASN D 115 -8.66 11.68 3.75
C ASN D 115 -7.15 11.64 3.47
N VAL D 116 -6.38 11.08 4.41
CA VAL D 116 -4.89 10.98 4.32
C VAL D 116 -4.55 9.73 3.49
N ASP D 117 -3.95 9.88 2.30
CA ASP D 117 -3.66 8.78 1.33
C ASP D 117 -4.97 8.17 0.84
N ALA D 118 -5.74 8.90 0.04
CA ALA D 118 -7.10 8.48 -0.36
C ALA D 118 -7.02 7.26 -1.31
N GLY D 119 -5.99 7.24 -2.17
CA GLY D 119 -5.64 6.12 -3.06
C GLY D 119 -5.35 4.81 -2.31
N THR D 120 -4.78 4.88 -1.11
CA THR D 120 -4.47 3.69 -0.26
C THR D 120 -5.75 3.19 0.44
N LEU D 121 -6.58 4.10 0.95
CA LEU D 121 -7.74 3.76 1.83
C LEU D 121 -8.50 2.54 1.25
N MET D 122 -8.88 2.57 -0.03
CA MET D 122 -9.82 1.59 -0.65
C MET D 122 -9.11 0.39 -1.28
N LYS D 123 -7.78 0.43 -1.44
CA LYS D 123 -6.96 -0.79 -1.74
C LYS D 123 -7.01 -1.73 -0.52
N PRO D 124 -7.06 -3.07 -0.75
CA PRO D 124 -6.85 -3.68 -2.06
C PRO D 124 -8.12 -4.07 -2.85
N LEU D 125 -9.27 -3.46 -2.52
CA LEU D 125 -10.60 -3.96 -2.97
C LEU D 125 -10.82 -3.58 -4.43
N VAL D 126 -11.28 -2.36 -4.62
CA VAL D 126 -11.38 -1.64 -5.92
C VAL D 126 -10.28 -2.09 -6.89
N LYS D 127 -10.59 -2.28 -8.17
CA LYS D 127 -9.62 -2.54 -9.26
C LYS D 127 -8.69 -1.35 -9.45
N TRP D 128 -9.15 -0.16 -9.15
CA TRP D 128 -8.46 1.10 -9.56
C TRP D 128 -8.89 2.25 -8.68
N SER D 129 -7.97 3.13 -8.29
CA SER D 129 -8.30 4.28 -7.41
C SER D 129 -7.37 5.44 -7.72
N SER D 130 -7.82 6.69 -7.64
CA SER D 130 -7.06 7.92 -7.98
C SER D 130 -7.51 9.04 -7.07
N GLU D 131 -6.61 9.86 -6.56
CA GLU D 131 -6.84 11.27 -6.20
C GLU D 131 -6.18 12.08 -7.30
N PRO D 132 -6.88 12.63 -8.31
CA PRO D 132 -6.22 13.36 -9.38
C PRO D 132 -5.21 14.39 -8.81
N THR D 133 -4.17 14.63 -9.57
CA THR D 133 -3.03 15.49 -9.18
C THR D 133 -3.43 16.98 -9.24
N CYS D 134 -4.52 17.33 -9.93
CA CYS D 134 -4.98 18.75 -10.04
C CYS D 134 -6.44 18.79 -10.48
N ALA D 135 -7.11 19.92 -10.30
CA ALA D 135 -8.51 20.09 -10.74
C ALA D 135 -8.64 19.77 -12.24
N GLU D 136 -7.69 20.18 -13.08
CA GLU D 136 -7.76 20.00 -14.55
C GLU D 136 -7.99 18.54 -14.89
N ASP D 137 -7.38 17.65 -14.15
CA ASP D 137 -7.36 16.21 -14.50
C ASP D 137 -8.60 15.51 -13.92
N VAL D 138 -9.55 16.21 -13.31
CA VAL D 138 -10.66 15.48 -12.65
C VAL D 138 -11.52 14.86 -13.75
N PRO D 139 -11.93 15.55 -14.83
CA PRO D 139 -12.79 14.91 -15.82
C PRO D 139 -12.14 13.66 -16.44
N ARG D 140 -10.88 13.71 -16.86
CA ARG D 140 -10.26 12.51 -17.52
C ARG D 140 -10.12 11.35 -16.51
N THR D 141 -9.76 11.66 -15.27
CA THR D 141 -9.69 10.66 -14.17
C THR D 141 -11.06 9.97 -14.07
N ILE D 142 -12.17 10.70 -14.11
CA ILE D 142 -13.55 10.11 -14.03
C ILE D 142 -13.83 9.32 -15.31
N ASN D 143 -13.46 9.84 -16.46
CA ASN D 143 -13.61 9.04 -17.70
C ASN D 143 -12.86 7.71 -17.54
N GLN D 144 -11.61 7.75 -17.12
CA GLN D 144 -10.77 6.52 -16.97
C GLN D 144 -11.39 5.58 -15.93
N ALA D 145 -11.83 6.12 -14.79
CA ALA D 145 -12.57 5.36 -13.76
C ALA D 145 -13.70 4.56 -14.41
N ILE D 146 -14.52 5.20 -15.27
CA ILE D 146 -15.72 4.52 -15.82
C ILE D 146 -15.26 3.43 -16.78
N HIS D 147 -14.36 3.71 -17.67
CA HIS D 147 -13.93 2.72 -18.71
C HIS D 147 -13.33 1.49 -18.03
N THR D 148 -12.49 1.76 -17.01
CA THR D 148 -11.82 0.76 -16.16
C THR D 148 -12.90 -0.11 -15.47
N ALA D 149 -13.89 0.49 -14.82
CA ALA D 149 -14.96 -0.28 -14.15
C ALA D 149 -15.61 -1.29 -15.12
N LEU D 150 -15.78 -0.96 -16.40
CA LEU D 150 -16.56 -1.77 -17.40
C LEU D 150 -15.64 -2.67 -18.22
N LEU D 151 -14.36 -2.64 -17.92
CA LEU D 151 -13.39 -3.46 -18.67
C LEU D 151 -13.32 -4.85 -18.04
N PRO D 152 -13.56 -5.95 -18.78
CA PRO D 152 -13.20 -7.28 -18.31
C PRO D 152 -11.85 -7.20 -17.59
N ALA D 153 -11.77 -7.64 -16.32
CA ALA D 153 -12.87 -8.16 -15.51
C ALA D 153 -13.58 -7.02 -14.75
N LYS D 154 -14.89 -6.84 -14.94
CA LYS D 154 -15.61 -5.67 -14.40
C LYS D 154 -15.42 -5.55 -12.88
N GLY D 155 -15.55 -4.34 -12.33
CA GLY D 155 -15.33 -4.15 -10.89
C GLY D 155 -15.34 -2.69 -10.44
N PRO D 156 -15.38 -2.48 -9.12
CA PRO D 156 -15.48 -1.13 -8.55
C PRO D 156 -14.17 -0.32 -8.59
N VAL D 157 -14.33 0.99 -8.74
CA VAL D 157 -13.25 1.99 -8.88
C VAL D 157 -13.54 3.15 -7.92
N TYR D 158 -12.53 3.87 -7.46
CA TYR D 158 -12.70 4.95 -6.46
C TYR D 158 -11.94 6.19 -6.91
N VAL D 159 -12.52 7.36 -6.78
CA VAL D 159 -11.92 8.65 -7.19
C VAL D 159 -12.21 9.62 -6.06
N SER D 160 -11.19 10.19 -5.44
CA SER D 160 -11.33 11.16 -4.34
C SER D 160 -11.11 12.55 -4.96
N VAL D 161 -12.07 13.48 -4.84
CA VAL D 161 -11.97 14.82 -5.50
C VAL D 161 -12.04 15.90 -4.43
N PRO D 162 -11.00 16.74 -4.29
CA PRO D 162 -11.05 17.89 -3.40
C PRO D 162 -12.16 18.84 -3.85
N TYR D 163 -12.91 19.38 -2.91
CA TYR D 163 -14.22 19.97 -3.22
C TYR D 163 -14.01 21.24 -4.04
N ASP D 164 -12.88 21.92 -3.87
CA ASP D 164 -12.54 23.16 -4.60
C ASP D 164 -12.25 22.84 -6.07
N ASP D 165 -12.12 21.58 -6.46
CA ASP D 165 -11.74 21.25 -7.86
C ASP D 165 -12.92 21.49 -8.80
N TRP D 166 -14.14 21.37 -8.29
CA TRP D 166 -15.37 21.36 -9.09
C TRP D 166 -15.59 22.73 -9.75
N ALA D 167 -15.13 23.78 -9.05
CA ALA D 167 -15.27 25.20 -9.45
C ALA D 167 -14.18 25.59 -10.46
N ALA D 168 -13.10 24.84 -10.55
CA ALA D 168 -11.94 25.23 -11.41
C ALA D 168 -12.33 25.16 -12.88
N GLU D 169 -11.61 25.90 -13.72
CA GLU D 169 -11.83 25.89 -15.18
C GLU D 169 -11.46 24.50 -15.69
N ALA D 170 -12.27 23.90 -16.56
CA ALA D 170 -11.99 22.59 -17.17
C ALA D 170 -11.01 22.77 -18.31
N PRO D 171 -10.16 21.76 -18.63
CA PRO D 171 -9.18 21.89 -19.71
C PRO D 171 -9.83 21.97 -21.09
N PRO D 172 -9.21 22.72 -22.01
CA PRO D 172 -9.64 22.79 -23.41
C PRO D 172 -10.10 21.50 -24.09
N GLU D 173 -9.42 20.37 -23.88
CA GLU D 173 -9.50 19.15 -24.73
C GLU D 173 -10.53 18.14 -24.18
N SER D 174 -11.71 18.62 -23.78
CA SER D 174 -12.75 17.89 -23.01
C SER D 174 -13.94 17.51 -23.91
N ALA D 175 -14.13 18.13 -25.09
CA ALA D 175 -15.04 17.64 -26.16
C ALA D 175 -14.57 16.25 -26.62
N GLY D 176 -13.23 16.09 -26.60
CA GLY D 176 -12.44 14.87 -26.83
C GLY D 176 -12.87 13.72 -25.92
N LEU D 177 -12.95 13.96 -24.61
CA LEU D 177 -13.38 13.01 -23.56
C LEU D 177 -14.74 12.42 -23.88
N LEU D 178 -15.75 13.25 -24.14
CA LEU D 178 -17.15 12.81 -24.38
C LEU D 178 -17.20 11.74 -25.48
N ALA D 179 -16.48 12.00 -26.57
CA ALA D 179 -16.46 11.20 -27.82
C ALA D 179 -15.94 9.77 -27.55
N ARG D 180 -15.17 9.60 -26.47
CA ARG D 180 -14.42 8.35 -26.17
C ARG D 180 -15.41 7.20 -25.98
N GLU D 181 -15.11 6.08 -26.62
CA GLU D 181 -15.67 4.73 -26.37
C GLU D 181 -14.48 3.78 -26.11
N VAL D 182 -14.70 2.71 -25.35
CA VAL D 182 -13.72 1.61 -25.18
C VAL D 182 -14.44 0.29 -25.42
N HIS D 183 -14.08 -0.47 -26.45
CA HIS D 183 -14.73 -1.77 -26.76
C HIS D 183 -13.84 -2.95 -26.32
N SER D 184 -14.44 -4.03 -25.81
CA SER D 184 -13.75 -5.32 -25.57
C SER D 184 -13.95 -6.24 -26.78
N ALA D 185 -12.89 -6.84 -27.33
CA ALA D 185 -12.98 -8.08 -28.16
C ALA D 185 -14.11 -8.94 -27.57
N ALA D 186 -15.20 -9.15 -28.32
CA ALA D 186 -16.37 -9.98 -27.93
C ALA D 186 -16.31 -11.36 -28.61
N SER D 187 -15.11 -11.97 -28.74
CA SER D 187 -14.90 -13.41 -29.08
C SER D 187 -13.43 -13.86 -28.96
N LEU D 188 -13.17 -15.10 -29.41
CA LEU D 188 -11.90 -15.91 -29.31
C LEU D 188 -11.65 -16.68 -30.61
N SER D 189 -10.38 -17.00 -30.90
CA SER D 189 -9.88 -17.57 -32.17
C SER D 189 -10.81 -18.68 -32.65
N GLY D 190 -10.99 -18.81 -33.98
CA GLY D 190 -11.65 -19.95 -34.63
C GLY D 190 -10.94 -21.27 -34.36
N ASP D 191 -9.59 -21.25 -34.30
CA ASP D 191 -8.76 -22.45 -33.97
C ASP D 191 -9.17 -22.93 -32.56
N GLN D 192 -9.16 -22.02 -31.59
CA GLN D 192 -9.42 -22.31 -30.15
C GLN D 192 -10.85 -22.84 -29.93
N ILE D 193 -11.83 -22.44 -30.75
CA ILE D 193 -13.22 -23.02 -30.71
C ILE D 193 -13.13 -24.51 -31.01
N ASN D 194 -12.53 -24.90 -32.14
CA ASN D 194 -12.56 -26.30 -32.62
C ASN D 194 -11.97 -27.23 -31.55
N ASP D 195 -11.01 -26.76 -30.73
CA ASP D 195 -10.49 -27.50 -29.54
C ASP D 195 -11.60 -27.71 -28.51
N LEU D 196 -12.30 -26.64 -28.11
CA LEU D 196 -13.45 -26.71 -27.17
C LEU D 196 -14.49 -27.70 -27.72
N ILE D 197 -14.89 -27.58 -28.99
CA ILE D 197 -16.04 -28.39 -29.49
C ILE D 197 -15.57 -29.85 -29.65
N GLU D 198 -14.32 -30.10 -30.09
CA GLU D 198 -13.78 -31.48 -30.13
C GLU D 198 -13.91 -32.07 -28.71
N THR D 199 -13.33 -31.41 -27.70
CA THR D 199 -13.30 -31.93 -26.31
C THR D 199 -14.72 -32.21 -25.80
N LEU D 200 -15.70 -31.39 -26.20
CA LEU D 200 -17.11 -31.51 -25.73
C LEU D 200 -17.78 -32.70 -26.39
N GLU D 201 -17.73 -32.81 -27.72
CA GLU D 201 -18.33 -33.95 -28.47
C GLU D 201 -17.56 -35.25 -28.16
N SER D 202 -16.28 -35.16 -27.78
CA SER D 202 -15.41 -36.27 -27.28
C SER D 202 -16.01 -36.95 -26.04
N ALA D 203 -16.40 -36.15 -25.04
CA ALA D 203 -16.64 -36.62 -23.67
C ALA D 203 -17.79 -37.64 -23.68
N THR D 204 -17.60 -38.75 -22.95
CA THR D 204 -18.60 -39.86 -22.86
C THR D 204 -19.73 -39.44 -21.90
N ASN D 205 -19.42 -38.62 -20.87
CA ASN D 205 -20.37 -38.27 -19.78
C ASN D 205 -19.99 -36.92 -19.17
N PRO D 206 -20.25 -35.79 -19.89
CA PRO D 206 -19.80 -34.47 -19.44
C PRO D 206 -20.81 -33.81 -18.49
N VAL D 207 -20.36 -32.81 -17.72
CA VAL D 207 -21.21 -32.04 -16.78
C VAL D 207 -20.88 -30.55 -16.94
N LEU D 208 -21.90 -29.68 -16.95
CA LEU D 208 -21.74 -28.21 -16.92
C LEU D 208 -21.82 -27.72 -15.50
N VAL D 209 -20.88 -26.88 -15.10
CA VAL D 209 -20.94 -26.19 -13.79
C VAL D 209 -20.98 -24.71 -14.11
N LEU D 210 -21.96 -23.97 -13.64
CA LEU D 210 -22.27 -22.60 -14.15
C LEU D 210 -22.15 -21.60 -13.01
N GLY D 211 -21.61 -20.43 -13.33
CA GLY D 211 -21.36 -19.38 -12.33
C GLY D 211 -22.10 -18.10 -12.70
N PRO D 212 -21.92 -17.08 -11.86
CA PRO D 212 -22.72 -15.87 -11.96
C PRO D 212 -22.50 -15.17 -13.30
N ALA D 213 -21.32 -15.27 -13.87
CA ALA D 213 -21.01 -14.50 -15.11
C ALA D 213 -21.90 -15.02 -16.25
N VAL D 214 -22.47 -16.21 -16.17
CA VAL D 214 -23.44 -16.67 -17.21
C VAL D 214 -24.67 -15.78 -17.08
N ASP D 215 -25.19 -15.56 -15.86
CA ASP D 215 -26.39 -14.71 -15.63
C ASP D 215 -26.04 -13.28 -16.03
N ALA D 216 -24.95 -12.71 -15.53
CA ALA D 216 -24.47 -11.35 -15.89
C ALA D 216 -24.44 -11.14 -17.41
N ASP D 217 -24.04 -12.11 -18.21
CA ASP D 217 -23.85 -11.95 -19.68
C ASP D 217 -25.13 -12.36 -20.44
N ARG D 218 -26.23 -12.52 -19.70
CA ARG D 218 -27.58 -12.81 -20.25
C ARG D 218 -27.51 -14.06 -21.12
N ALA D 219 -26.77 -15.10 -20.69
CA ALA D 219 -26.52 -16.32 -21.47
C ALA D 219 -27.25 -17.54 -20.88
N ASN D 220 -28.27 -17.34 -20.05
CA ASN D 220 -29.11 -18.43 -19.46
C ASN D 220 -29.61 -19.35 -20.58
N ALA D 221 -30.16 -18.79 -21.67
CA ALA D 221 -30.75 -19.57 -22.80
C ALA D 221 -29.71 -20.40 -23.54
N ASP D 222 -28.48 -19.89 -23.73
CA ASP D 222 -27.41 -20.57 -24.49
C ASP D 222 -26.77 -21.66 -23.63
N ALA D 223 -26.69 -21.45 -22.33
CA ALA D 223 -26.37 -22.51 -21.36
C ALA D 223 -27.39 -23.64 -21.49
N VAL D 224 -28.68 -23.28 -21.53
CA VAL D 224 -29.79 -24.27 -21.68
C VAL D 224 -29.55 -25.04 -22.97
N LEU D 225 -29.33 -24.34 -24.07
CA LEU D 225 -29.25 -25.01 -25.39
C LEU D 225 -28.07 -26.00 -25.36
N LEU D 226 -26.97 -25.62 -24.74
CA LEU D 226 -25.74 -26.46 -24.69
C LEU D 226 -26.00 -27.70 -23.82
N ALA D 227 -26.66 -27.55 -22.67
CA ALA D 227 -27.13 -28.69 -21.83
C ALA D 227 -28.05 -29.61 -22.64
N GLU D 228 -28.99 -29.07 -23.41
CA GLU D 228 -29.89 -29.89 -24.27
C GLU D 228 -29.04 -30.64 -25.30
N LYS D 229 -28.05 -30.01 -25.94
CA LYS D 229 -27.28 -30.65 -27.04
C LYS D 229 -26.45 -31.80 -26.50
N LEU D 230 -25.87 -31.66 -25.31
CA LEU D 230 -25.01 -32.70 -24.69
C LEU D 230 -25.83 -33.63 -23.79
N ARG D 231 -27.13 -33.39 -23.65
CA ARG D 231 -27.97 -34.10 -22.64
C ARG D 231 -27.20 -34.17 -21.32
N ALA D 232 -26.64 -33.04 -20.92
CA ALA D 232 -25.68 -32.93 -19.80
C ALA D 232 -26.40 -32.44 -18.56
N PRO D 233 -26.12 -33.03 -17.39
CA PRO D 233 -26.54 -32.44 -16.14
C PRO D 233 -25.81 -31.12 -15.91
N VAL D 234 -26.49 -30.21 -15.22
CA VAL D 234 -26.01 -28.82 -14.94
C VAL D 234 -26.05 -28.61 -13.43
N TRP D 235 -24.91 -28.28 -12.86
CA TRP D 235 -24.80 -27.81 -11.46
C TRP D 235 -24.48 -26.33 -11.46
N ILE D 236 -24.84 -25.64 -10.39
CA ILE D 236 -24.35 -24.26 -10.16
C ILE D 236 -23.05 -24.35 -9.35
N ALA D 237 -22.05 -23.57 -9.70
CA ALA D 237 -20.78 -23.50 -8.93
C ALA D 237 -21.10 -23.14 -7.48
N PRO D 238 -20.26 -23.61 -6.53
CA PRO D 238 -20.49 -23.37 -5.12
C PRO D 238 -20.46 -21.89 -4.69
N SER D 239 -21.13 -21.58 -3.59
CA SER D 239 -21.28 -20.20 -3.04
C SER D 239 -21.85 -19.30 -4.16
N PRO D 240 -22.97 -19.65 -4.79
CA PRO D 240 -23.53 -18.85 -5.88
C PRO D 240 -24.14 -17.50 -5.42
N SER D 241 -23.96 -16.47 -6.23
CA SER D 241 -24.45 -15.10 -6.01
C SER D 241 -25.56 -14.78 -7.03
N ARG D 242 -25.71 -15.62 -8.07
CA ARG D 242 -26.70 -15.46 -9.14
C ARG D 242 -27.21 -16.82 -9.57
N CYS D 243 -28.31 -16.88 -10.28
CA CYS D 243 -28.86 -18.15 -10.81
C CYS D 243 -28.68 -18.14 -12.31
N PRO D 244 -27.73 -18.95 -12.82
CA PRO D 244 -27.45 -18.96 -14.26
C PRO D 244 -28.25 -19.94 -15.11
N PHE D 245 -29.22 -20.61 -14.54
CA PHE D 245 -29.92 -21.71 -15.25
C PHE D 245 -31.32 -21.90 -14.70
N PRO D 246 -32.29 -22.26 -15.55
CA PRO D 246 -33.65 -22.52 -15.07
C PRO D 246 -33.65 -23.69 -14.06
N THR D 247 -34.21 -23.51 -12.86
CA THR D 247 -34.11 -24.52 -11.77
C THR D 247 -35.07 -25.69 -11.99
N ARG D 248 -35.92 -25.67 -13.02
CA ARG D 248 -36.87 -26.80 -13.24
C ARG D 248 -36.62 -27.40 -14.62
N HIS D 249 -35.55 -26.99 -15.28
CA HIS D 249 -35.08 -27.68 -16.50
C HIS D 249 -34.61 -29.10 -16.15
N PRO D 250 -34.89 -30.10 -17.02
CA PRO D 250 -34.40 -31.45 -16.81
C PRO D 250 -32.93 -31.58 -16.34
N SER D 251 -32.02 -30.84 -16.94
CA SER D 251 -30.57 -30.88 -16.63
C SER D 251 -30.25 -30.36 -15.22
N PHE D 252 -31.10 -29.57 -14.57
CA PHE D 252 -30.77 -28.90 -13.28
C PHE D 252 -30.59 -29.95 -12.19
N ARG D 253 -29.49 -29.86 -11.41
CA ARG D 253 -29.16 -30.80 -10.30
C ARG D 253 -28.93 -30.09 -8.96
N GLY D 254 -28.90 -28.75 -8.96
CA GLY D 254 -28.69 -27.93 -7.75
C GLY D 254 -27.31 -27.28 -7.72
N VAL D 255 -26.88 -26.96 -6.51
CA VAL D 255 -25.63 -26.21 -6.22
C VAL D 255 -24.59 -27.22 -5.72
N LEU D 256 -23.37 -27.18 -6.23
CA LEU D 256 -22.29 -28.04 -5.75
C LEU D 256 -22.04 -27.64 -4.30
N PRO D 257 -21.70 -28.59 -3.42
CA PRO D 257 -21.29 -28.24 -2.05
C PRO D 257 -19.92 -27.54 -2.11
N ALA D 258 -19.68 -26.64 -1.16
CA ALA D 258 -18.52 -25.72 -1.13
C ALA D 258 -17.41 -26.29 -0.26
N GLY D 259 -17.24 -27.61 -0.32
CA GLY D 259 -16.17 -28.36 0.35
C GLY D 259 -15.38 -29.08 -0.73
N VAL D 260 -14.08 -29.23 -0.56
CA VAL D 260 -13.21 -29.78 -1.64
C VAL D 260 -13.58 -31.24 -1.89
N ALA D 261 -13.60 -32.06 -0.83
CA ALA D 261 -13.89 -33.51 -0.89
C ALA D 261 -15.32 -33.72 -1.36
N ASP D 262 -16.22 -32.89 -0.86
CA ASP D 262 -17.69 -33.02 -1.07
C ASP D 262 -18.05 -32.76 -2.55
N LEU D 263 -17.43 -31.74 -3.15
CA LEU D 263 -17.65 -31.34 -4.57
C LEU D 263 -17.14 -32.45 -5.49
N SER D 264 -15.93 -32.97 -5.25
CA SER D 264 -15.34 -34.00 -6.11
C SER D 264 -16.14 -35.31 -6.00
N LYS D 265 -16.72 -35.60 -4.83
CA LYS D 265 -17.53 -36.82 -4.60
C LYS D 265 -18.85 -36.70 -5.39
N THR D 266 -19.44 -35.50 -5.44
CA THR D 266 -20.69 -35.21 -6.17
C THR D 266 -20.50 -35.46 -7.67
N LEU D 267 -19.38 -35.03 -8.25
CA LEU D 267 -19.08 -35.11 -9.72
C LEU D 267 -18.40 -36.43 -10.07
N GLU D 268 -18.26 -37.34 -9.11
CA GLU D 268 -17.73 -38.71 -9.35
C GLU D 268 -18.50 -39.29 -10.55
N GLY D 269 -17.80 -39.86 -11.52
CA GLY D 269 -18.42 -40.50 -12.70
C GLY D 269 -18.33 -39.63 -13.93
N HIS D 270 -18.02 -38.35 -13.83
CA HIS D 270 -17.93 -37.47 -15.01
C HIS D 270 -16.48 -37.36 -15.48
N ASP D 271 -16.23 -37.47 -16.79
CA ASP D 271 -14.87 -37.44 -17.42
C ASP D 271 -14.47 -36.01 -17.80
N LEU D 272 -15.47 -35.13 -18.01
CA LEU D 272 -15.27 -33.70 -18.34
C LEU D 272 -16.21 -32.82 -17.51
N ILE D 273 -15.63 -32.02 -16.60
CA ILE D 273 -16.28 -30.86 -15.90
C ILE D 273 -16.01 -29.62 -16.76
N LEU D 274 -17.01 -29.06 -17.44
CA LEU D 274 -16.88 -27.72 -18.06
C LEU D 274 -17.46 -26.68 -17.10
N VAL D 275 -16.60 -25.86 -16.48
CA VAL D 275 -16.99 -24.77 -15.55
C VAL D 275 -17.01 -23.47 -16.36
N VAL D 276 -18.15 -22.79 -16.43
CA VAL D 276 -18.34 -21.53 -17.20
C VAL D 276 -18.74 -20.40 -16.22
N GLY D 277 -18.01 -19.31 -16.25
CA GLY D 277 -18.34 -18.07 -15.56
C GLY D 277 -18.29 -18.18 -14.06
N ALA D 278 -17.38 -19.00 -13.52
CA ALA D 278 -17.16 -19.12 -12.06
C ALA D 278 -15.69 -19.30 -11.80
N PRO D 279 -15.22 -18.94 -10.58
CA PRO D 279 -13.92 -19.36 -10.11
C PRO D 279 -13.95 -20.88 -10.02
N VAL D 280 -12.76 -21.46 -9.92
CA VAL D 280 -12.52 -22.90 -9.63
C VAL D 280 -11.67 -22.91 -8.37
N PHE D 281 -12.27 -23.19 -7.21
CA PHE D 281 -13.68 -23.02 -6.92
C PHE D 281 -13.83 -22.15 -5.67
N ARG D 282 -15.05 -21.66 -5.44
CA ARG D 282 -15.42 -20.77 -4.31
C ARG D 282 -15.85 -21.63 -3.11
N TYR D 283 -14.89 -22.45 -2.64
CA TYR D 283 -14.99 -23.32 -1.44
C TYR D 283 -15.17 -22.42 -0.22
N HIS D 284 -15.63 -22.97 0.90
CA HIS D 284 -16.01 -22.19 2.10
C HIS D 284 -15.55 -22.95 3.35
N GLN D 285 -16.38 -23.89 3.80
CA GLN D 285 -16.02 -24.91 4.82
C GLN D 285 -14.73 -25.57 4.32
N TYR D 286 -13.79 -25.76 5.24
CA TYR D 286 -12.52 -26.49 4.97
C TYR D 286 -12.79 -27.98 5.14
N VAL D 287 -13.04 -28.70 4.04
CA VAL D 287 -13.15 -30.19 4.06
C VAL D 287 -12.14 -30.75 3.04
N PRO D 288 -10.90 -31.05 3.48
CA PRO D 288 -9.82 -31.40 2.54
C PRO D 288 -9.90 -32.79 1.86
N GLY D 289 -9.24 -32.89 0.68
CA GLY D 289 -9.29 -34.05 -0.23
C GLY D 289 -8.94 -33.62 -1.66
N ASN D 290 -9.43 -34.40 -2.63
CA ASN D 290 -9.11 -34.25 -4.08
C ASN D 290 -9.99 -33.18 -4.73
N TYR D 291 -9.39 -32.26 -5.51
CA TYR D 291 -10.12 -31.16 -6.21
C TYR D 291 -11.10 -31.75 -7.24
N LEU D 292 -10.60 -32.75 -7.96
CA LEU D 292 -11.37 -33.50 -8.98
C LEU D 292 -11.52 -34.95 -8.57
N PRO D 293 -12.59 -35.60 -9.05
CA PRO D 293 -12.70 -37.06 -8.99
C PRO D 293 -11.65 -37.69 -9.93
N GLY D 294 -11.22 -38.94 -9.64
CA GLY D 294 -10.33 -39.71 -10.53
C GLY D 294 -10.86 -39.72 -11.97
N GLY D 295 -9.95 -39.65 -12.96
CA GLY D 295 -10.27 -39.79 -14.40
C GLY D 295 -11.08 -38.64 -14.97
N ALA D 296 -11.00 -37.46 -14.37
CA ALA D 296 -11.74 -36.22 -14.75
C ALA D 296 -10.74 -35.13 -15.16
N ARG D 297 -11.07 -34.40 -16.23
CA ARG D 297 -10.35 -33.19 -16.68
C ARG D 297 -11.36 -32.04 -16.64
N LEU D 298 -10.91 -30.87 -16.19
CA LEU D 298 -11.75 -29.66 -15.99
C LEU D 298 -11.35 -28.63 -17.05
N ILE D 299 -12.31 -28.18 -17.87
CA ILE D 299 -12.20 -26.99 -18.76
C ILE D 299 -12.88 -25.83 -18.05
N HIS D 300 -12.33 -24.63 -18.20
CA HIS D 300 -12.70 -23.48 -17.34
C HIS D 300 -12.80 -22.25 -18.23
N VAL D 301 -13.96 -21.62 -18.32
CA VAL D 301 -14.18 -20.44 -19.20
C VAL D 301 -14.52 -19.21 -18.35
N THR D 302 -13.78 -18.12 -18.44
CA THR D 302 -13.96 -16.95 -17.54
C THR D 302 -13.52 -15.66 -18.24
N ASP D 303 -14.25 -14.58 -18.00
CA ASP D 303 -13.84 -13.19 -18.31
C ASP D 303 -12.61 -12.82 -17.47
N ASP D 304 -12.42 -13.43 -16.29
CA ASP D 304 -11.49 -12.95 -15.23
C ASP D 304 -10.16 -13.71 -15.35
N GLY D 305 -9.11 -13.03 -15.80
CA GLY D 305 -7.74 -13.57 -15.82
C GLY D 305 -7.27 -13.98 -14.45
N GLY D 306 -7.62 -13.24 -13.41
CA GLY D 306 -7.33 -13.58 -12.00
C GLY D 306 -7.87 -14.94 -11.62
N GLU D 307 -9.13 -15.22 -11.94
CA GLU D 307 -9.80 -16.52 -11.70
C GLU D 307 -9.03 -17.60 -12.45
N ALA D 308 -8.65 -17.40 -13.72
CA ALA D 308 -7.97 -18.45 -14.49
C ALA D 308 -6.57 -18.72 -13.92
N ALA D 309 -5.82 -17.69 -13.55
CA ALA D 309 -4.44 -17.80 -13.00
C ALA D 309 -4.43 -18.53 -11.66
N ARG D 310 -5.33 -18.19 -10.74
CA ARG D 310 -5.23 -18.66 -9.33
C ARG D 310 -5.90 -20.02 -9.15
N ALA D 311 -6.65 -20.55 -10.12
CA ALA D 311 -7.22 -21.91 -10.03
C ALA D 311 -6.09 -22.88 -9.69
N PRO D 312 -6.35 -23.84 -8.76
CA PRO D 312 -5.38 -24.88 -8.44
C PRO D 312 -5.35 -26.08 -9.41
N ILE D 313 -6.38 -26.27 -10.23
CA ILE D 313 -6.34 -27.26 -11.35
C ILE D 313 -7.10 -26.69 -12.53
N GLY D 314 -6.95 -27.35 -13.68
CA GLY D 314 -7.79 -27.20 -14.90
C GLY D 314 -7.12 -26.47 -16.05
N GLU D 315 -7.65 -26.66 -17.25
CA GLU D 315 -7.31 -25.93 -18.49
C GLU D 315 -8.29 -24.74 -18.66
N ALA D 316 -7.87 -23.51 -18.42
CA ALA D 316 -8.72 -22.29 -18.52
C ALA D 316 -8.60 -21.63 -19.90
N TYR D 317 -9.70 -21.02 -20.34
CA TYR D 317 -9.87 -20.12 -21.52
C TYR D 317 -10.39 -18.76 -21.02
N VAL D 318 -9.60 -17.70 -21.19
CA VAL D 318 -9.99 -16.36 -20.68
C VAL D 318 -10.64 -15.69 -21.87
N ALA D 319 -11.95 -15.53 -21.84
CA ALA D 319 -12.77 -15.10 -22.99
C ALA D 319 -14.13 -14.62 -22.48
N PRO D 320 -14.90 -13.85 -23.28
CA PRO D 320 -16.23 -13.43 -22.85
C PRO D 320 -17.18 -14.62 -22.77
N VAL D 321 -17.89 -14.73 -21.64
CA VAL D 321 -18.71 -15.92 -21.27
C VAL D 321 -19.91 -15.99 -22.22
N GLY D 322 -20.58 -14.85 -22.40
CA GLY D 322 -21.71 -14.69 -23.34
C GLY D 322 -21.36 -15.29 -24.67
N SER D 323 -20.47 -14.66 -25.42
CA SER D 323 -20.04 -15.09 -26.78
C SER D 323 -19.70 -16.59 -26.79
N THR D 324 -18.80 -17.02 -25.91
CA THR D 324 -18.24 -18.38 -25.90
C THR D 324 -19.40 -19.36 -25.91
N LEU D 325 -20.28 -19.23 -24.90
CA LEU D 325 -21.47 -20.09 -24.67
C LEU D 325 -22.40 -20.07 -25.88
N GLU D 326 -22.63 -18.88 -26.45
CA GLU D 326 -23.46 -18.68 -27.67
C GLU D 326 -22.85 -19.52 -28.79
N ILE D 327 -21.56 -19.35 -29.05
CA ILE D 327 -20.84 -20.05 -30.15
C ILE D 327 -20.94 -21.56 -29.90
N LEU D 328 -20.61 -22.03 -28.70
CA LEU D 328 -20.54 -23.49 -28.43
C LEU D 328 -21.92 -24.08 -28.58
N ALA D 329 -22.91 -23.41 -28.01
CA ALA D 329 -24.32 -23.87 -28.01
C ALA D 329 -24.82 -24.03 -29.44
N ASN D 330 -24.43 -23.13 -30.35
CA ASN D 330 -24.97 -23.13 -31.71
C ASN D 330 -24.19 -24.07 -32.63
N MET D 331 -23.06 -24.65 -32.20
CA MET D 331 -22.13 -25.38 -33.10
C MET D 331 -21.78 -26.79 -32.62
N VAL D 332 -21.93 -27.15 -31.35
CA VAL D 332 -21.78 -28.58 -30.92
C VAL D 332 -22.93 -29.39 -31.53
N LYS D 333 -22.63 -30.64 -31.94
CA LYS D 333 -23.57 -31.61 -32.55
C LYS D 333 -24.43 -32.22 -31.47
N PRO D 334 -25.77 -32.37 -31.66
CA PRO D 334 -26.58 -33.18 -30.74
C PRO D 334 -25.90 -34.55 -30.52
N SER D 335 -25.85 -35.04 -29.27
CA SER D 335 -25.22 -36.35 -28.89
C SER D 335 -26.23 -37.50 -28.97
N ASP D 336 -25.71 -38.72 -29.02
CA ASP D 336 -26.45 -40.01 -29.12
C ASP D 336 -27.39 -40.17 -27.92
N ARG D 337 -26.89 -39.79 -26.73
CA ARG D 337 -27.48 -40.06 -25.39
C ARG D 337 -28.94 -39.63 -25.39
N SER D 338 -29.79 -40.28 -24.58
CA SER D 338 -31.25 -40.00 -24.48
C SER D 338 -31.47 -38.65 -23.80
N PRO D 339 -32.43 -37.82 -24.26
CA PRO D 339 -32.80 -36.59 -23.56
C PRO D 339 -33.13 -36.89 -22.09
N LEU D 340 -32.71 -36.05 -21.14
CA LEU D 340 -32.79 -36.35 -19.69
C LEU D 340 -34.25 -36.34 -19.22
N PRO D 341 -34.63 -37.18 -18.23
CA PRO D 341 -35.99 -37.19 -17.70
C PRO D 341 -36.37 -35.88 -17.00
N PRO D 342 -37.68 -35.49 -17.00
CA PRO D 342 -38.13 -34.36 -16.19
C PRO D 342 -37.85 -34.55 -14.69
N LEU D 343 -37.61 -33.45 -13.97
CA LEU D 343 -37.26 -33.47 -12.54
C LEU D 343 -38.41 -34.01 -11.74
N GLY D 344 -38.12 -34.67 -10.61
CA GLY D 344 -39.13 -35.02 -9.60
C GLY D 344 -39.97 -33.81 -9.24
N ASP D 345 -41.23 -34.01 -8.85
CA ASP D 345 -42.11 -32.95 -8.29
C ASP D 345 -41.39 -32.38 -7.05
N PHE D 346 -41.68 -31.14 -6.68
CA PHE D 346 -41.12 -30.51 -5.46
C PHE D 346 -41.46 -31.36 -4.24
N GLU D 347 -40.44 -31.71 -3.45
CA GLU D 347 -40.57 -32.36 -2.12
C GLU D 347 -41.65 -31.67 -1.27
N GLU D 348 -42.37 -32.46 -0.48
CA GLU D 348 -43.50 -31.96 0.36
C GLU D 348 -42.90 -31.25 1.57
N ALA D 349 -43.55 -30.19 2.06
CA ALA D 349 -43.01 -29.26 3.07
C ALA D 349 -44.01 -29.09 4.23
N VAL D 350 -44.00 -30.06 5.16
CA VAL D 350 -44.72 -30.00 6.47
C VAL D 350 -43.88 -29.12 7.43
N SER D 351 -44.54 -28.51 8.41
CA SER D 351 -43.86 -27.70 9.47
C SER D 351 -44.43 -28.07 10.84
N VAL D 352 -43.57 -28.65 11.69
CA VAL D 352 -43.82 -28.87 13.14
C VAL D 352 -42.89 -27.91 13.89
N GLY D 353 -43.46 -27.01 14.69
CA GLY D 353 -42.73 -25.94 15.42
C GLY D 353 -43.65 -24.77 15.73
N ALA D 354 -43.17 -23.79 16.49
CA ALA D 354 -43.92 -22.54 16.81
C ALA D 354 -44.07 -21.68 15.54
N GLY D 355 -43.18 -21.84 14.55
CA GLY D 355 -43.21 -21.06 13.29
C GLY D 355 -43.15 -21.95 12.05
N LEU D 356 -42.65 -21.38 10.95
CA LEU D 356 -42.51 -22.02 9.62
C LEU D 356 -41.11 -22.63 9.49
N ASP D 357 -40.98 -23.78 8.82
CA ASP D 357 -39.66 -24.28 8.34
C ASP D 357 -39.32 -23.50 7.09
N PRO D 358 -38.06 -23.10 6.89
CA PRO D 358 -37.66 -22.43 5.65
C PRO D 358 -38.16 -23.17 4.39
N ALA D 359 -38.11 -24.50 4.34
CA ALA D 359 -38.55 -25.30 3.17
C ALA D 359 -40.02 -24.95 2.86
N GLN D 360 -40.85 -24.81 3.90
CA GLN D 360 -42.28 -24.53 3.73
C GLN D 360 -42.46 -23.07 3.32
N LEU D 361 -41.70 -22.16 3.95
CA LEU D 361 -41.79 -20.74 3.64
C LEU D 361 -41.49 -20.55 2.16
N PHE D 362 -40.48 -21.24 1.62
CA PHE D 362 -40.06 -21.04 0.21
C PHE D 362 -41.13 -21.63 -0.72
N ALA D 363 -41.79 -22.72 -0.32
CA ALA D 363 -42.87 -23.33 -1.12
C ALA D 363 -44.07 -22.37 -1.16
N LEU D 364 -44.43 -21.75 -0.04
CA LEU D 364 -45.44 -20.65 0.02
C LEU D 364 -44.99 -19.50 -0.88
N VAL D 365 -43.73 -19.11 -0.83
CA VAL D 365 -43.27 -18.00 -1.71
C VAL D 365 -43.41 -18.43 -3.17
N ARG D 366 -43.05 -19.66 -3.52
CA ARG D 366 -43.16 -20.15 -4.93
C ARG D 366 -44.61 -19.97 -5.41
N ALA D 367 -45.58 -20.44 -4.64
CA ALA D 367 -47.02 -20.46 -4.99
C ALA D 367 -47.60 -19.04 -5.10
N GLY D 368 -47.14 -18.08 -4.29
CA GLY D 368 -47.70 -16.72 -4.21
C GLY D 368 -47.04 -15.75 -5.19
N ALA D 369 -45.78 -15.95 -5.56
CA ALA D 369 -44.93 -14.88 -6.14
C ALA D 369 -45.07 -14.89 -7.63
N PRO D 370 -44.98 -13.72 -8.30
CA PRO D 370 -44.99 -13.67 -9.76
C PRO D 370 -43.91 -14.56 -10.44
N ASP D 371 -44.24 -15.09 -11.61
CA ASP D 371 -43.38 -15.91 -12.51
C ASP D 371 -42.01 -15.24 -12.69
N ASP D 372 -41.95 -13.90 -12.60
CA ASP D 372 -40.75 -13.12 -12.96
C ASP D 372 -40.22 -12.34 -11.75
N ALA D 373 -40.50 -12.76 -10.53
CA ALA D 373 -39.92 -12.14 -9.32
C ALA D 373 -38.42 -12.17 -9.46
N ILE D 374 -37.75 -11.20 -8.83
CA ILE D 374 -36.30 -11.18 -8.54
C ILE D 374 -36.10 -11.48 -7.05
N TYR D 375 -35.33 -12.49 -6.64
CA TYR D 375 -35.12 -12.79 -5.20
C TYR D 375 -33.74 -12.32 -4.76
N VAL D 376 -33.69 -11.40 -3.82
CA VAL D 376 -32.41 -10.98 -3.19
C VAL D 376 -32.31 -11.71 -1.85
N ASN D 377 -31.47 -12.72 -1.80
CA ASN D 377 -31.33 -13.67 -0.67
C ASN D 377 -30.12 -13.28 0.18
N GLU D 378 -30.28 -13.19 1.49
CA GLU D 378 -29.15 -13.06 2.43
C GLU D 378 -29.59 -13.79 3.69
N SER D 379 -29.84 -15.08 3.54
CA SER D 379 -30.40 -16.00 4.57
C SER D 379 -29.48 -17.21 4.56
N THR D 380 -28.53 -17.21 5.48
CA THR D 380 -27.25 -17.93 5.33
C THR D 380 -27.46 -19.43 5.56
N SER D 381 -28.34 -19.84 6.48
CA SER D 381 -28.53 -21.27 6.87
C SER D 381 -29.61 -21.97 6.03
N THR D 382 -30.29 -21.30 5.10
CA THR D 382 -31.51 -21.80 4.42
C THR D 382 -31.24 -22.14 2.94
N SER D 383 -30.00 -22.37 2.55
CA SER D 383 -29.62 -22.53 1.14
C SER D 383 -30.22 -23.81 0.54
N ASP D 384 -30.02 -24.97 1.19
CA ASP D 384 -30.57 -26.29 0.73
C ASP D 384 -32.07 -26.14 0.44
N ALA D 385 -32.79 -25.50 1.37
CA ALA D 385 -34.23 -25.27 1.32
C ALA D 385 -34.57 -24.42 0.09
N PHE D 386 -33.90 -23.30 -0.10
CA PHE D 386 -34.18 -22.39 -1.24
C PHE D 386 -34.12 -23.17 -2.56
N TRP D 387 -33.05 -23.91 -2.80
CA TRP D 387 -32.76 -24.47 -4.14
C TRP D 387 -33.67 -25.67 -4.42
N SER D 388 -34.09 -26.35 -3.37
CA SER D 388 -34.92 -27.57 -3.47
C SER D 388 -36.38 -27.15 -3.68
N GLN D 389 -36.68 -25.86 -3.64
CA GLN D 389 -38.07 -25.37 -3.45
C GLN D 389 -38.40 -24.17 -4.35
N MET D 390 -37.48 -23.56 -5.08
CA MET D 390 -37.79 -22.36 -5.90
C MET D 390 -37.81 -22.69 -7.40
N ASP D 391 -38.69 -22.03 -8.16
CA ASP D 391 -38.90 -22.18 -9.64
C ASP D 391 -38.50 -20.87 -10.33
N LEU D 392 -37.21 -20.71 -10.58
CA LEU D 392 -36.61 -19.53 -11.25
C LEU D 392 -36.44 -19.87 -12.73
N SER D 393 -36.88 -19.02 -13.66
CA SER D 393 -36.54 -19.22 -15.10
C SER D 393 -36.19 -17.93 -15.84
N HIS D 394 -36.41 -16.74 -15.29
CA HIS D 394 -35.96 -15.47 -15.94
C HIS D 394 -34.49 -15.19 -15.64
N GLN D 395 -33.78 -14.55 -16.57
CA GLN D 395 -32.48 -13.89 -16.29
C GLN D 395 -32.66 -13.02 -15.04
N GLY D 396 -31.65 -12.93 -14.21
CA GLY D 396 -31.62 -11.90 -13.14
C GLY D 396 -32.67 -12.13 -12.08
N SER D 397 -32.93 -13.38 -11.73
CA SER D 397 -33.94 -13.81 -10.74
C SER D 397 -33.37 -14.06 -9.34
N TYR D 398 -32.04 -14.16 -9.14
CA TYR D 398 -31.43 -14.45 -7.82
C TYR D 398 -30.15 -13.64 -7.65
N TYR D 399 -30.01 -12.97 -6.52
CA TYR D 399 -28.78 -12.27 -6.07
C TYR D 399 -28.52 -12.67 -4.62
N PHE D 400 -27.27 -13.01 -4.31
CA PHE D 400 -26.78 -13.33 -2.96
C PHE D 400 -25.40 -12.70 -2.81
N PRO D 401 -25.01 -12.19 -1.63
CA PRO D 401 -23.74 -11.50 -1.50
C PRO D 401 -22.54 -12.37 -1.93
N ALA D 402 -21.75 -11.91 -2.88
CA ALA D 402 -20.75 -12.73 -3.61
C ALA D 402 -19.49 -12.95 -2.73
N SER D 403 -19.31 -12.23 -1.62
CA SER D 403 -18.24 -12.54 -0.66
C SER D 403 -18.83 -12.77 0.73
N GLY D 404 -20.11 -13.08 0.80
CA GLY D 404 -20.83 -13.27 2.08
C GLY D 404 -20.65 -12.09 3.03
N GLY D 405 -20.30 -10.93 2.49
CA GLY D 405 -20.35 -9.66 3.25
C GLY D 405 -21.79 -9.32 3.58
N LEU D 406 -22.17 -9.43 4.85
CA LEU D 406 -23.58 -9.23 5.24
C LEU D 406 -23.86 -7.74 5.21
N GLY D 407 -25.12 -7.38 4.98
CA GLY D 407 -25.57 -5.99 4.78
C GLY D 407 -25.67 -5.68 3.29
N PHE D 408 -25.65 -6.72 2.48
CA PHE D 408 -25.93 -6.65 1.04
C PHE D 408 -27.45 -6.72 0.81
N GLY D 409 -28.17 -7.65 1.43
CA GLY D 409 -29.49 -8.08 0.97
C GLY D 409 -30.54 -6.97 1.05
N LEU D 410 -30.80 -6.43 2.23
CA LEU D 410 -31.87 -5.43 2.38
C LEU D 410 -31.62 -4.29 1.40
N PRO D 411 -30.43 -3.65 1.43
CA PRO D 411 -30.16 -2.56 0.50
C PRO D 411 -30.18 -3.02 -0.95
N ALA D 412 -29.59 -4.15 -1.29
CA ALA D 412 -29.53 -4.54 -2.71
C ALA D 412 -30.96 -4.72 -3.18
N ALA D 413 -31.86 -5.19 -2.33
CA ALA D 413 -33.29 -5.41 -2.72
C ALA D 413 -33.90 -4.07 -3.14
N VAL D 414 -33.70 -3.07 -2.29
CA VAL D 414 -34.23 -1.71 -2.53
C VAL D 414 -33.64 -1.24 -3.87
N GLY D 415 -32.35 -1.34 -4.03
CA GLY D 415 -31.73 -0.88 -5.28
C GLY D 415 -32.22 -1.65 -6.49
N ALA D 416 -32.34 -2.97 -6.38
CA ALA D 416 -32.78 -3.86 -7.47
C ALA D 416 -34.17 -3.43 -7.91
N GLN D 417 -35.00 -3.07 -6.93
CA GLN D 417 -36.40 -2.74 -7.19
C GLN D 417 -36.42 -1.44 -7.97
N LEU D 418 -35.67 -0.42 -7.53
CA LEU D 418 -35.55 0.90 -8.18
C LEU D 418 -35.15 0.71 -9.65
N ALA D 419 -34.33 -0.30 -9.94
CA ALA D 419 -33.87 -0.57 -11.32
C ALA D 419 -34.93 -1.34 -12.11
N SER D 420 -35.85 -1.99 -11.41
CA SER D 420 -36.79 -2.99 -11.98
C SER D 420 -38.23 -2.48 -11.91
N PRO D 421 -38.71 -1.64 -12.84
CA PRO D 421 -40.04 -1.04 -12.73
C PRO D 421 -41.20 -2.05 -12.90
N ASP D 422 -41.03 -3.09 -13.71
CA ASP D 422 -42.06 -4.13 -14.02
C ASP D 422 -41.73 -5.51 -13.43
N ARG D 423 -40.80 -5.65 -12.48
CA ARG D 423 -40.53 -6.97 -11.87
C ARG D 423 -40.55 -6.80 -10.36
N GLN D 424 -41.18 -7.73 -9.65
CA GLN D 424 -41.30 -7.59 -8.17
C GLN D 424 -40.01 -8.12 -7.57
N VAL D 425 -39.30 -7.30 -6.82
CA VAL D 425 -38.15 -7.78 -6.01
C VAL D 425 -38.68 -8.24 -4.65
N ILE D 426 -38.32 -9.46 -4.27
CA ILE D 426 -38.61 -10.03 -2.94
C ILE D 426 -37.27 -10.26 -2.23
N GLY D 427 -37.04 -9.56 -1.12
CA GLY D 427 -35.89 -9.78 -0.23
C GLY D 427 -36.18 -10.93 0.71
N LEU D 428 -35.27 -11.88 0.85
CA LEU D 428 -35.37 -12.95 1.88
C LEU D 428 -34.12 -12.83 2.73
N ILE D 429 -34.27 -12.12 3.84
CA ILE D 429 -33.15 -11.65 4.70
C ILE D 429 -33.27 -12.43 5.99
N GLY D 430 -32.17 -12.92 6.56
CA GLY D 430 -32.25 -13.44 7.91
C GLY D 430 -32.36 -12.31 8.93
N ASP D 431 -32.71 -12.64 10.17
CA ASP D 431 -32.76 -11.67 11.30
C ASP D 431 -31.36 -11.14 11.62
N GLY D 432 -30.31 -11.95 11.40
CA GLY D 432 -28.94 -11.47 11.58
C GLY D 432 -28.57 -10.43 10.52
N SER D 433 -28.66 -10.83 9.25
CA SER D 433 -28.29 -10.04 8.06
C SER D 433 -29.02 -8.70 8.01
N ALA D 434 -30.27 -8.67 8.44
CA ALA D 434 -31.10 -7.47 8.26
C ALA D 434 -30.47 -6.29 8.99
N ASN D 435 -29.77 -6.50 10.11
CA ASN D 435 -29.27 -5.40 10.96
C ASN D 435 -28.11 -4.67 10.31
N TYR D 436 -27.38 -5.32 9.41
CA TYR D 436 -26.23 -4.70 8.73
C TYR D 436 -26.72 -3.63 7.72
N GLY D 437 -27.95 -3.73 7.15
CA GLY D 437 -28.44 -2.80 6.11
C GLY D 437 -29.83 -2.24 6.37
N ILE D 438 -30.20 -2.11 7.64
CA ILE D 438 -31.60 -1.87 8.08
C ILE D 438 -32.04 -0.48 7.59
N THR D 439 -31.15 0.48 7.56
CA THR D 439 -31.50 1.88 7.24
C THR D 439 -31.91 2.02 5.78
N ALA D 440 -31.63 1.06 4.90
CA ALA D 440 -32.10 1.11 3.50
C ALA D 440 -33.63 1.08 3.46
N LEU D 441 -34.27 0.67 4.54
CA LEU D 441 -35.75 0.69 4.61
C LEU D 441 -36.26 2.15 4.47
N TRP D 442 -35.55 3.09 5.09
CA TRP D 442 -35.89 4.54 5.00
C TRP D 442 -35.89 4.99 3.54
N SER D 443 -34.86 4.60 2.80
CA SER D 443 -34.73 4.94 1.36
C SER D 443 -35.95 4.39 0.59
N ALA D 444 -36.36 3.17 0.85
CA ALA D 444 -37.55 2.59 0.20
C ALA D 444 -38.79 3.42 0.54
N ALA D 445 -38.91 3.86 1.80
CA ALA D 445 -40.07 4.66 2.23
C ALA D 445 -40.06 6.01 1.49
N GLN D 446 -38.99 6.78 1.65
CA GLN D 446 -38.79 8.10 1.00
C GLN D 446 -39.07 8.01 -0.50
N TYR D 447 -38.50 7.04 -1.21
CA TYR D 447 -38.51 7.08 -2.70
C TYR D 447 -39.62 6.17 -3.19
N LYS D 448 -40.45 5.63 -2.29
CA LYS D 448 -41.71 4.95 -2.64
C LYS D 448 -41.39 3.76 -3.53
N ILE D 449 -40.48 2.93 -3.06
CA ILE D 449 -39.88 1.80 -3.84
C ILE D 449 -40.57 0.53 -3.38
N PRO D 450 -41.45 -0.04 -4.24
CA PRO D 450 -42.39 -1.09 -3.79
C PRO D 450 -41.77 -2.48 -3.59
N VAL D 451 -40.64 -2.57 -2.89
CA VAL D 451 -40.00 -3.87 -2.51
C VAL D 451 -40.90 -4.61 -1.55
N VAL D 452 -40.81 -5.92 -1.58
CA VAL D 452 -41.24 -6.81 -0.45
C VAL D 452 -40.00 -7.38 0.24
N ILE D 453 -39.90 -7.16 1.55
CA ILE D 453 -38.81 -7.69 2.42
C ILE D 453 -39.43 -8.74 3.34
N ILE D 454 -38.96 -9.98 3.25
CA ILE D 454 -39.29 -11.09 4.19
C ILE D 454 -38.10 -11.32 5.12
N ILE D 455 -38.22 -10.99 6.38
CA ILE D 455 -37.21 -11.30 7.42
C ILE D 455 -37.49 -12.74 7.86
N LEU D 456 -36.56 -13.68 7.66
CA LEU D 456 -36.66 -15.02 8.27
C LEU D 456 -36.05 -14.91 9.64
N ASN D 457 -36.87 -14.83 10.67
CA ASN D 457 -36.44 -14.59 12.07
C ASN D 457 -36.42 -15.92 12.83
N ASN D 458 -35.23 -16.51 13.00
CA ASN D 458 -35.05 -17.75 13.80
C ASN D 458 -34.35 -17.43 15.13
N GLY D 459 -34.27 -16.16 15.51
CA GLY D 459 -33.77 -15.73 16.84
C GLY D 459 -32.26 -15.92 17.02
N THR D 460 -31.54 -16.27 15.96
CA THR D 460 -30.16 -16.80 15.99
C THR D 460 -29.40 -16.45 14.70
N TYR D 461 -28.06 -16.49 14.79
CA TYR D 461 -27.13 -16.60 13.64
C TYR D 461 -27.03 -18.09 13.28
N GLY D 462 -27.98 -18.56 12.47
CA GLY D 462 -28.17 -20.00 12.18
C GLY D 462 -26.94 -20.66 11.57
N ALA D 463 -26.38 -20.07 10.50
CA ALA D 463 -25.25 -20.61 9.71
C ALA D 463 -24.02 -20.78 10.60
N LEU D 464 -23.87 -19.94 11.63
CA LEU D 464 -22.73 -19.96 12.61
C LEU D 464 -22.92 -21.07 13.63
N ARG D 465 -24.17 -21.46 13.95
CA ARG D 465 -24.48 -22.69 14.72
C ARG D 465 -24.17 -23.92 13.85
N GLY D 466 -24.51 -23.90 12.55
CA GLY D 466 -24.10 -24.88 11.51
C GLY D 466 -22.59 -25.12 11.47
N PHE D 467 -21.79 -24.04 11.58
CA PHE D 467 -20.31 -24.04 11.55
C PHE D 467 -19.72 -24.53 12.88
N SER D 468 -20.32 -24.19 14.04
CA SER D 468 -19.80 -24.59 15.38
C SER D 468 -19.99 -26.09 15.61
N LYS D 469 -20.66 -26.77 14.68
CA LYS D 469 -20.85 -28.25 14.58
C LYS D 469 -19.68 -28.83 13.78
N ILE D 470 -19.45 -28.32 12.56
CA ILE D 470 -18.35 -28.71 11.61
C ILE D 470 -16.96 -28.37 12.22
N LEU D 471 -16.83 -27.30 13.02
CA LEU D 471 -15.54 -26.80 13.57
C LEU D 471 -15.36 -27.23 15.03
N ASN D 472 -16.34 -27.93 15.62
CA ASN D 472 -16.29 -28.52 16.99
C ASN D 472 -15.95 -27.43 18.01
N THR D 473 -16.52 -26.23 17.87
CA THR D 473 -16.27 -25.02 18.71
C THR D 473 -17.32 -24.94 19.84
N GLY D 474 -18.51 -25.54 19.62
CA GLY D 474 -19.59 -25.73 20.62
C GLY D 474 -20.40 -24.45 20.88
N GLU D 475 -20.68 -24.18 22.15
CA GLU D 475 -21.48 -23.01 22.61
C GLU D 475 -20.54 -21.81 22.80
N THR D 476 -20.44 -20.99 21.74
CA THR D 476 -19.58 -19.78 21.61
C THR D 476 -20.43 -18.57 22.01
N PRO D 477 -19.86 -17.50 22.64
CA PRO D 477 -20.58 -16.24 22.83
C PRO D 477 -21.07 -15.62 21.51
N GLY D 478 -22.32 -15.18 21.49
CA GLY D 478 -22.90 -14.33 20.42
C GLY D 478 -23.40 -15.08 19.20
N LEU D 479 -23.94 -16.28 19.36
CA LEU D 479 -24.63 -17.03 18.29
C LEU D 479 -26.10 -16.56 18.21
N ASP D 480 -26.62 -15.93 19.26
CA ASP D 480 -28.08 -15.67 19.43
C ASP D 480 -28.38 -14.17 19.35
N VAL D 481 -29.39 -13.81 18.57
CA VAL D 481 -29.85 -12.40 18.42
C VAL D 481 -31.34 -12.36 18.78
N PRO D 482 -31.70 -12.66 20.06
CA PRO D 482 -33.07 -12.49 20.54
C PRO D 482 -33.41 -11.02 20.82
N GLY D 483 -34.70 -10.66 20.83
CA GLY D 483 -35.20 -9.34 21.27
C GLY D 483 -35.08 -8.28 20.20
N ILE D 484 -35.29 -8.64 18.94
CA ILE D 484 -35.40 -7.69 17.79
C ILE D 484 -36.82 -7.76 17.21
N ASP D 485 -37.54 -6.64 17.20
CA ASP D 485 -38.86 -6.54 16.53
C ASP D 485 -38.72 -5.79 15.19
N PHE D 486 -38.70 -6.51 14.09
CA PHE D 486 -38.48 -5.94 12.73
C PHE D 486 -39.69 -5.14 12.27
N VAL D 487 -40.87 -5.42 12.82
CA VAL D 487 -42.08 -4.60 12.54
C VAL D 487 -41.81 -3.21 13.12
N HIS D 488 -41.33 -3.12 14.36
CA HIS D 488 -40.97 -1.84 15.02
C HIS D 488 -39.90 -1.14 14.19
N LEU D 489 -38.91 -1.88 13.68
CA LEU D 489 -37.81 -1.25 12.90
C LEU D 489 -38.40 -0.70 11.61
N ALA D 490 -39.19 -1.48 10.88
CA ALA D 490 -39.83 -1.02 9.63
C ALA D 490 -40.64 0.27 9.89
N GLU D 491 -41.44 0.32 10.94
CA GLU D 491 -42.35 1.48 11.18
C GLU D 491 -41.47 2.65 11.63
N GLY D 492 -40.37 2.35 12.30
CA GLY D 492 -39.36 3.35 12.66
C GLY D 492 -38.80 4.06 11.44
N TYR D 493 -38.71 3.40 10.30
CA TYR D 493 -38.14 3.97 9.05
C TYR D 493 -39.29 4.29 8.08
N GLY D 494 -40.55 4.13 8.47
CA GLY D 494 -41.69 4.57 7.65
C GLY D 494 -42.13 3.51 6.66
N VAL D 495 -41.78 2.26 6.92
CA VAL D 495 -42.27 1.11 6.11
C VAL D 495 -43.29 0.32 6.91
N ARG D 496 -44.40 -0.02 6.24
CA ARG D 496 -45.50 -0.82 6.81
C ARG D 496 -45.01 -2.26 6.97
N GLY D 497 -45.12 -2.82 8.18
CA GLY D 497 -44.62 -4.17 8.51
C GLY D 497 -45.65 -4.99 9.27
N THR D 498 -45.70 -6.30 9.05
CA THR D 498 -46.56 -7.25 9.80
C THR D 498 -45.68 -8.46 10.20
N ALA D 499 -45.95 -9.06 11.36
CA ALA D 499 -45.35 -10.33 11.85
C ALA D 499 -46.34 -11.49 11.66
N VAL D 500 -45.84 -12.68 11.40
CA VAL D 500 -46.59 -13.81 10.83
C VAL D 500 -45.90 -15.08 11.31
N ALA D 501 -46.65 -16.12 11.68
CA ALA D 501 -46.08 -17.33 12.32
C ALA D 501 -46.69 -18.62 11.76
N THR D 502 -47.71 -18.54 10.89
CA THR D 502 -48.33 -19.72 10.26
C THR D 502 -48.41 -19.52 8.75
N ALA D 503 -48.51 -20.62 8.02
CA ALA D 503 -48.62 -20.66 6.55
C ALA D 503 -49.83 -19.82 6.10
N GLU D 504 -50.97 -19.94 6.76
CA GLU D 504 -52.21 -19.27 6.31
C GLU D 504 -52.00 -17.75 6.42
N ASP D 505 -51.44 -17.28 7.55
CA ASP D 505 -51.20 -15.83 7.80
C ASP D 505 -50.13 -15.29 6.85
N PHE D 506 -49.09 -16.09 6.59
CA PHE D 506 -48.04 -15.69 5.64
C PHE D 506 -48.65 -15.52 4.26
N THR D 507 -49.40 -16.52 3.76
CA THR D 507 -49.97 -16.49 2.38
C THR D 507 -50.80 -15.20 2.22
N THR D 508 -51.53 -14.80 3.28
CA THR D 508 -52.38 -13.59 3.31
C THR D 508 -51.50 -12.33 3.23
N ALA D 509 -50.60 -12.14 4.18
CA ALA D 509 -49.71 -10.95 4.29
C ALA D 509 -48.92 -10.78 2.98
N PHE D 510 -48.46 -11.88 2.39
CA PHE D 510 -47.65 -11.90 1.14
C PHE D 510 -48.51 -11.47 -0.04
N LYS D 511 -49.71 -12.05 -0.23
CA LYS D 511 -50.63 -11.71 -1.34
C LYS D 511 -50.88 -10.20 -1.32
N SER D 512 -50.99 -9.66 -0.10
CA SER D 512 -51.24 -8.24 0.21
C SER D 512 -50.03 -7.38 -0.16
N ALA D 513 -48.86 -7.72 0.38
CA ALA D 513 -47.56 -7.08 0.10
C ALA D 513 -47.29 -7.00 -1.41
N LEU D 514 -47.58 -8.04 -2.19
CA LEU D 514 -47.32 -8.01 -3.67
C LEU D 514 -48.24 -6.98 -4.34
N ALA D 515 -49.41 -6.69 -3.79
CA ALA D 515 -50.33 -5.69 -4.38
C ALA D 515 -49.87 -4.25 -4.09
N ALA D 516 -49.06 -4.03 -3.06
CA ALA D 516 -48.81 -2.69 -2.48
C ALA D 516 -48.01 -1.77 -3.44
N ASP D 517 -48.25 -0.46 -3.35
CA ASP D 517 -47.57 0.62 -4.10
C ASP D 517 -46.37 1.09 -3.27
N ALA D 518 -46.14 0.48 -2.10
CA ALA D 518 -45.17 0.98 -1.11
C ALA D 518 -44.31 -0.18 -0.62
N PRO D 519 -43.09 0.11 -0.11
CA PRO D 519 -42.31 -0.92 0.56
C PRO D 519 -43.18 -1.56 1.65
N THR D 520 -43.02 -2.88 1.78
CA THR D 520 -43.66 -3.74 2.81
C THR D 520 -42.61 -4.69 3.39
N LEU D 521 -42.66 -4.93 4.69
CA LEU D 521 -41.85 -5.93 5.38
C LEU D 521 -42.75 -6.95 6.06
N ILE D 522 -42.51 -8.23 5.84
CA ILE D 522 -43.15 -9.35 6.58
C ILE D 522 -42.09 -10.01 7.47
N GLU D 523 -42.28 -10.06 8.78
CA GLU D 523 -41.37 -10.79 9.68
C GLU D 523 -41.98 -12.17 9.83
N VAL D 524 -41.36 -13.20 9.28
CA VAL D 524 -41.80 -14.61 9.48
C VAL D 524 -41.02 -15.18 10.65
N ARG D 525 -41.70 -15.77 11.62
CA ARG D 525 -41.05 -16.57 12.67
C ARG D 525 -40.70 -17.93 12.07
N THR D 526 -39.41 -18.28 12.02
CA THR D 526 -38.90 -19.55 11.41
C THR D 526 -38.28 -20.43 12.48
N ASN D 527 -38.15 -21.72 12.18
CA ASN D 527 -37.58 -22.75 13.09
C ASN D 527 -36.17 -23.07 12.61
N PHE D 528 -35.24 -23.14 13.58
CA PHE D 528 -33.85 -23.58 13.37
C PHE D 528 -33.70 -25.00 13.91
N ASP D 529 -33.33 -25.94 13.01
CA ASP D 529 -32.88 -27.33 13.28
C ASP D 529 -31.60 -27.31 14.13
N GLU D 530 -31.68 -27.72 15.40
CA GLU D 530 -30.60 -27.58 16.42
C GLU D 530 -29.64 -28.81 16.43
N SER D 531 -29.82 -29.77 15.51
CA SER D 531 -28.86 -30.86 15.17
C SER D 531 -27.79 -30.27 14.23
N1' TPP E . 18.25 8.16 -13.89
C2' TPP E . 17.72 7.15 -14.58
CM2 TPP E . 17.70 5.79 -13.95
N3' TPP E . 17.19 7.28 -15.80
C4' TPP E . 17.19 8.51 -16.35
N4' TPP E . 16.64 8.61 -17.58
C5' TPP E . 17.75 9.62 -15.71
C6' TPP E . 18.27 9.37 -14.46
C7' TPP E . 17.79 10.99 -16.34
N3 TPP E . 18.55 11.03 -17.61
C2 TPP E . 17.93 10.83 -18.76
S1 TPP E . 18.95 11.02 -20.09
C5 TPP E . 20.30 11.28 -19.04
C4 TPP E . 19.92 11.25 -17.73
CM4 TPP E . 20.83 11.40 -16.55
C6 TPP E . 21.67 11.51 -19.61
C7 TPP E . 22.27 10.26 -20.24
O7 TPP E . 23.25 10.68 -21.23
PA TPP E . 24.00 9.59 -22.17
O1A TPP E . 25.44 9.95 -22.00
O2A TPP E . 23.58 8.17 -21.96
O3A TPP E . 23.52 10.03 -23.62
PB TPP E . 23.44 11.44 -24.38
O1B TPP E . 22.43 12.28 -23.63
O2B TPP E . 22.98 10.98 -25.74
O3B TPP E . 24.80 12.12 -24.42
NA NA F . 26.41 11.62 -22.79
N1' TPP G . 23.21 -8.46 -2.69
C2' TPP G . 22.96 -7.52 -1.78
CM2 TPP G . 22.55 -6.17 -2.28
N3' TPP G . 23.05 -7.70 -0.46
C4' TPP G . 23.41 -8.94 -0.01
N4' TPP G . 23.48 -9.11 1.31
C5' TPP G . 23.70 -9.99 -0.90
C6' TPP G . 23.57 -9.68 -2.25
C7' TPP G . 24.13 -11.36 -0.42
N3 TPP G . 25.49 -11.39 0.15
C2 TPP G . 25.70 -11.28 1.46
S1 TPP G . 27.35 -11.39 1.87
C5 TPP G . 27.76 -11.58 0.20
C4 TPP G . 26.67 -11.48 -0.60
CM4 TPP G . 26.66 -11.47 -2.10
C6 TPP G . 29.19 -11.78 -0.21
C7 TPP G . 29.92 -10.49 -0.41
O7 TPP G . 31.22 -10.74 -1.01
PA TPP G . 32.51 -9.87 -0.55
O1A TPP G . 32.28 -8.40 -0.52
O2A TPP G . 33.62 -10.35 -1.42
O3A TPP G . 32.68 -10.33 0.97
PB TPP G . 33.44 -11.61 1.61
O1B TPP G . 34.45 -10.99 2.57
O2B TPP G . 32.42 -12.48 2.32
O3B TPP G . 34.06 -12.32 0.42
NA NA H . 35.06 -11.89 -1.21
N1' TPP I . -21.14 10.61 6.80
C2' TPP I . -20.35 10.35 7.85
CM2 TPP I . -20.03 8.92 8.15
N3' TPP I . -19.82 11.28 8.64
C4' TPP I . -20.09 12.56 8.37
N4' TPP I . -19.54 13.47 9.19
C5' TPP I . -20.93 12.95 7.30
C6' TPP I . -21.41 11.90 6.54
C7' TPP I . -21.27 14.40 6.98
N3 TPP I . -22.13 15.04 8.01
C2 TPP I . -21.66 15.99 8.82
S1 TPP I . -22.87 16.64 9.86
C5 TPP I . -24.04 15.58 9.12
C4 TPP I . -23.47 14.73 8.21
CM4 TPP I . -24.18 13.64 7.48
C6 TPP I . -25.50 15.69 9.46
C7 TPP I . -25.88 14.93 10.70
O7 TPP I . -26.52 15.87 11.58
PA TPP I . -27.44 15.39 12.78
O1A TPP I . -26.99 14.22 13.59
O2A TPP I . -28.80 15.28 12.18
O3A TPP I . -27.27 16.73 13.66
PB TPP I . -27.64 18.26 13.28
O1B TPP I . -27.33 19.13 14.49
O2B TPP I . -26.82 18.63 12.05
O3B TPP I . -29.11 18.22 12.97
NA NA J . -30.63 16.92 12.58
N1' TPP K . -20.45 -9.92 9.56
C2' TPP K . -20.44 -9.72 8.24
CM2 TPP K . -20.37 -8.31 7.76
N3' TPP K . -20.48 -10.67 7.32
C4' TPP K . -20.55 -11.95 7.74
N4' TPP K . -20.57 -12.90 6.80
C5' TPP K . -20.58 -12.26 9.12
C6' TPP K . -20.51 -11.19 9.99
C7' TPP K . -20.65 -13.69 9.61
N3 TPP K . -21.94 -14.33 9.31
C2 TPP K . -22.14 -15.06 8.21
S1 TPP K . -23.43 -16.16 8.44
C5 TPP K . -23.99 -15.18 9.77
C4 TPP K . -23.08 -14.25 10.14
CM4 TPP K . -23.19 -13.27 11.26
C6 TPP K . -25.36 -15.40 10.37
C7 TPP K . -26.42 -14.46 9.81
O7 TPP K . -27.70 -14.74 10.46
PA TPP K . -29.07 -14.74 9.62
O1A TPP K . -29.02 -13.71 8.54
O2A TPP K . -30.10 -14.75 10.70
O3A TPP K . -29.09 -16.14 8.83
PB TPP K . -29.48 -17.60 9.32
O1B TPP K . -30.37 -18.22 8.25
O2B TPP K . -28.17 -18.32 9.44
O3B TPP K . -30.18 -17.43 10.64
NA NA L . -31.30 -16.03 11.80
#